data_5GVL
#
_entry.id   5GVL
#
_cell.length_a   101.262
_cell.length_b   58.506
_cell.length_c   233.500
_cell.angle_alpha   90.000
_cell.angle_beta   90.040
_cell.angle_gamma   90.000
#
_symmetry.space_group_name_H-M   'C 1 2 1'
#
loop_
_entity.id
_entity.type
_entity.pdbx_description
1 polymer 'Serine hydroxymethyltransferase, putative'
2 non-polymer N-GLYCINE-[3-HYDROXY-2-METHYL-5-PHOSPHONOOXYMETHYL-PYRIDIN-4-YL-METHANE]
3 non-polymer (4~{S})-6-azanyl-4-[3-cyano-5-[5-(methoxymethyl)thiophen-2-yl]phenyl]-3-methyl-4-propan-2-yl-2~{H}-pyrano[2,3-c]pyrazole-5-carbonitrile
4 non-polymer 'CHLORIDE ION'
5 water water
#
_entity_poly.entity_id   1
_entity_poly.type   'polypeptide(L)'
_entity_poly.pdbx_seq_one_letter_code
;MFNNEPLEQIDKELHDILADEEKRQRETINLIASENLTNGAVRECLGNRVSNKYSEGYPKKRYYGGNDFIDKIEELCQKR
ALEAFNVSDEEWGVNVQPLSGSAANVQALYALVGVKGKIMGMHLCSGGHLTHGFFDEKKKVSITSDMFESKLYKCNSQGY
VDLDAVREMALSFKPKVIICGYTSYPRDIDYQQFRQICDEVNAYLFADISHISSFVACNILNNPFLHADVVTTTTHKILR
GPRSALIFFNKKRNPGIEQKINSAVFPSFQGGPHNNKIAAVACQLKEVHSPAFKEYTQQVLLNSKALAKALISKQIDLVT
NGTDNHLIVVDLRKFSITGSKLQETCNAINVSLNKNTIPSDVDCVSPSGVRIGTPAMTTRGAKEKDMEFIADVLARAIKI
TVDLQEQYGKKLVDFKKGLPGNAQLQQLKQEVVTWAGALPFP
;
_entity_poly.pdbx_strand_id   A,B,C
#
# COMPACT_ATOMS: atom_id res chain seq x y z
N MET A 1 -9.19 -19.82 8.10
CA MET A 1 -10.43 -19.52 8.87
C MET A 1 -11.60 -19.14 7.93
N PHE A 2 -11.78 -19.97 6.91
CA PHE A 2 -12.82 -19.76 5.89
C PHE A 2 -13.53 -21.09 5.58
N ASN A 3 -14.58 -21.05 4.74
CA ASN A 3 -15.20 -22.29 4.25
C ASN A 3 -14.79 -22.61 2.82
N ASN A 4 -14.28 -23.83 2.61
CA ASN A 4 -13.85 -24.22 1.25
C ASN A 4 -14.68 -25.28 0.52
N GLU A 5 -15.84 -25.64 1.09
CA GLU A 5 -16.81 -26.50 0.40
C GLU A 5 -17.20 -25.87 -0.94
N PRO A 6 -17.22 -26.69 -2.04
CA PRO A 6 -17.67 -26.15 -3.35
C PRO A 6 -19.09 -25.59 -3.31
N LEU A 7 -19.44 -24.79 -4.31
CA LEU A 7 -20.73 -24.07 -4.36
C LEU A 7 -21.95 -24.97 -4.11
N GLU A 8 -21.96 -26.14 -4.76
CA GLU A 8 -22.98 -27.16 -4.54
C GLU A 8 -23.24 -27.50 -3.06
N GLN A 9 -22.18 -27.74 -2.30
CA GLN A 9 -22.31 -28.06 -0.88
C GLN A 9 -22.53 -26.84 0.01
N ILE A 10 -21.73 -25.78 -0.17
CA ILE A 10 -21.84 -24.52 0.62
C ILE A 10 -23.20 -23.82 0.51
N ASP A 11 -23.73 -23.74 -0.70
CA ASP A 11 -25.00 -23.07 -0.93
C ASP A 11 -25.79 -23.81 -1.98
N LYS A 12 -26.53 -24.83 -1.52
CA LYS A 12 -27.36 -25.68 -2.38
C LYS A 12 -28.52 -24.91 -3.02
N GLU A 13 -29.18 -24.05 -2.25
CA GLU A 13 -30.29 -23.21 -2.75
C GLU A 13 -29.88 -22.39 -3.98
N LEU A 14 -28.75 -21.69 -3.88
CA LEU A 14 -28.21 -20.88 -4.97
C LEU A 14 -27.72 -21.72 -6.13
N HIS A 15 -27.08 -22.85 -5.84
CA HIS A 15 -26.51 -23.71 -6.88
C HIS A 15 -27.60 -24.25 -7.79
N ASP A 16 -28.80 -24.47 -7.22
CA ASP A 16 -29.91 -25.03 -7.98
C ASP A 16 -30.48 -24.05 -8.98
N ILE A 17 -30.71 -22.81 -8.54
CA ILE A 17 -31.15 -21.73 -9.43
C ILE A 17 -30.17 -21.51 -10.59
N LEU A 18 -28.88 -21.50 -10.28
CA LEU A 18 -27.83 -21.36 -11.31
C LEU A 18 -27.83 -22.51 -12.32
N ALA A 19 -28.05 -23.73 -11.84
CA ALA A 19 -28.18 -24.91 -12.70
C ALA A 19 -29.48 -24.84 -13.53
N ASP A 20 -30.53 -24.31 -12.93
CA ASP A 20 -31.79 -24.01 -13.61
C ASP A 20 -31.58 -22.99 -14.74
N GLU A 21 -30.89 -21.89 -14.42
CA GLU A 21 -30.52 -20.84 -15.38
C GLU A 21 -29.70 -21.41 -16.53
N GLU A 22 -28.74 -22.28 -16.20
CA GLU A 22 -27.89 -22.94 -17.19
C GLU A 22 -28.73 -23.79 -18.16
N LYS A 23 -29.69 -24.53 -17.61
CA LYS A 23 -30.62 -25.35 -18.39
C LYS A 23 -31.47 -24.47 -19.34
N ARG A 24 -32.11 -23.43 -18.79
CA ARG A 24 -32.86 -22.44 -19.56
C ARG A 24 -32.03 -21.84 -20.72
N GLN A 25 -30.76 -21.50 -20.45
CA GLN A 25 -29.89 -20.91 -21.48
C GLN A 25 -29.64 -21.84 -22.65
N ARG A 26 -29.39 -23.11 -22.32
CA ARG A 26 -29.10 -24.16 -23.30
C ARG A 26 -30.30 -24.47 -24.20
N GLU A 27 -31.51 -24.23 -23.69
CA GLU A 27 -32.75 -24.63 -24.33
C GLU A 27 -33.58 -23.44 -24.84
N THR A 28 -32.97 -22.28 -24.87
CA THR A 28 -33.61 -21.05 -25.35
C THR A 28 -33.04 -20.70 -26.71
N ILE A 29 -33.92 -20.23 -27.61
CA ILE A 29 -33.50 -19.51 -28.81
C ILE A 29 -33.35 -18.03 -28.39
N ASN A 30 -32.09 -17.64 -28.23
CA ASN A 30 -31.73 -16.33 -27.75
C ASN A 30 -31.58 -15.35 -28.90
N LEU A 31 -32.58 -14.48 -29.03
CA LEU A 31 -32.57 -13.43 -30.05
C LEU A 31 -32.39 -12.05 -29.45
N ILE A 32 -31.91 -11.97 -28.21
CA ILE A 32 -31.53 -10.67 -27.61
C ILE A 32 -30.24 -10.15 -28.25
N ALA A 33 -30.38 -9.04 -28.97
CA ALA A 33 -29.35 -8.50 -29.82
C ALA A 33 -28.09 -8.13 -29.06
N SER A 34 -28.25 -7.77 -27.78
CA SER A 34 -27.15 -7.41 -26.89
C SER A 34 -26.56 -8.58 -26.08
N GLU A 35 -27.03 -9.80 -26.35
CA GLU A 35 -26.51 -10.96 -25.63
C GLU A 35 -25.53 -11.82 -26.44
N ASN A 36 -24.71 -12.55 -25.70
CA ASN A 36 -23.79 -13.52 -26.28
C ASN A 36 -23.56 -14.62 -25.24
N LEU A 37 -22.65 -15.54 -25.55
CA LEU A 37 -22.23 -16.58 -24.61
C LEU A 37 -20.73 -16.65 -24.62
N THR A 38 -20.14 -16.45 -23.44
CA THR A 38 -18.70 -16.51 -23.25
C THR A 38 -18.19 -17.95 -23.24
N ASN A 39 -16.94 -18.16 -23.64
CA ASN A 39 -16.27 -19.47 -23.50
C ASN A 39 -15.78 -19.66 -22.06
N GLY A 40 -15.28 -20.86 -21.75
CA GLY A 40 -14.74 -21.19 -20.42
C GLY A 40 -13.54 -20.35 -19.99
N ALA A 41 -12.64 -20.05 -20.96
CA ALA A 41 -11.45 -19.22 -20.73
C ALA A 41 -11.79 -17.84 -20.17
N VAL A 42 -12.76 -17.17 -20.80
CA VAL A 42 -13.27 -15.87 -20.30
C VAL A 42 -13.91 -16.02 -18.90
N ARG A 43 -14.55 -17.15 -18.64
CA ARG A 43 -15.15 -17.40 -17.31
C ARG A 43 -14.17 -17.86 -16.22
N GLU A 44 -13.02 -18.42 -16.63
CA GLU A 44 -11.93 -18.75 -15.69
C GLU A 44 -11.25 -17.49 -15.21
N CYS A 45 -11.26 -16.45 -16.05
CA CYS A 45 -10.70 -15.14 -15.76
C CYS A 45 -11.59 -14.36 -14.80
N LEU A 46 -12.89 -14.34 -15.09
CA LEU A 46 -13.88 -13.71 -14.21
C LEU A 46 -13.87 -14.36 -12.84
N GLY A 47 -13.52 -15.65 -12.81
CA GLY A 47 -13.40 -16.41 -11.57
C GLY A 47 -12.04 -16.36 -10.88
N ASN A 48 -11.07 -15.66 -11.48
CA ASN A 48 -9.69 -15.68 -10.96
C ASN A 48 -9.52 -14.85 -9.69
N ARG A 49 -8.53 -15.22 -8.88
CA ARG A 49 -8.17 -14.52 -7.63
C ARG A 49 -7.64 -13.11 -7.86
N VAL A 50 -7.39 -12.77 -9.11
CA VAL A 50 -6.90 -11.44 -9.49
C VAL A 50 -7.87 -10.33 -9.01
N SER A 51 -9.14 -10.69 -8.80
CA SER A 51 -10.17 -9.78 -8.23
C SER A 51 -9.99 -9.49 -6.73
N ASN A 52 -9.05 -10.20 -6.10
CA ASN A 52 -8.61 -9.90 -4.73
C ASN A 52 -7.88 -8.58 -4.58
N LYS A 53 -7.27 -8.12 -5.67
CA LYS A 53 -6.37 -6.98 -5.61
C LYS A 53 -7.06 -5.66 -5.73
N TYR A 54 -6.70 -4.75 -4.82
CA TYR A 54 -7.02 -3.33 -4.93
C TYR A 54 -5.86 -2.69 -5.68
N SER A 55 -6.16 -2.00 -6.77
CA SER A 55 -5.12 -1.42 -7.63
C SER A 55 -5.58 -0.12 -8.23
N GLU A 56 -6.03 0.78 -7.35
CA GLU A 56 -6.46 2.11 -7.72
C GLU A 56 -5.33 2.90 -8.36
N GLY A 57 -5.64 3.59 -9.46
CA GLY A 57 -4.64 4.32 -10.24
C GLY A 57 -4.40 3.67 -11.58
N TYR A 58 -3.16 3.74 -12.07
CA TYR A 58 -2.79 3.20 -13.39
C TYR A 58 -1.51 2.36 -13.32
N PRO A 59 -1.21 1.53 -14.35
CA PRO A 59 0.00 0.70 -14.25
C PRO A 59 1.24 1.55 -14.00
N LYS A 60 2.07 1.15 -13.02
CA LYS A 60 3.25 1.89 -12.55
C LYS A 60 2.93 3.09 -11.65
N LYS A 61 1.65 3.44 -11.52
CA LYS A 61 1.22 4.63 -10.76
C LYS A 61 0.13 4.28 -9.74
N ARG A 62 0.35 3.17 -9.03
CA ARG A 62 -0.63 2.61 -8.11
C ARG A 62 -0.64 3.29 -6.73
N TYR A 63 -1.71 3.09 -5.98
CA TYR A 63 -1.81 3.60 -4.64
C TYR A 63 -1.71 2.44 -3.65
N TYR A 64 -1.18 1.30 -4.11
CA TYR A 64 -0.97 0.10 -3.27
C TYR A 64 0.24 -0.67 -3.75
N GLY A 65 0.87 -1.38 -2.81
CA GLY A 65 1.94 -2.34 -3.11
C GLY A 65 1.42 -3.65 -3.69
N GLY A 66 2.32 -4.41 -4.34
CA GLY A 66 2.03 -5.75 -4.82
C GLY A 66 1.20 -5.80 -6.10
N ASN A 67 1.35 -4.76 -6.93
CA ASN A 67 0.64 -4.64 -8.19
C ASN A 67 1.51 -4.94 -9.41
N ASP A 68 2.58 -5.69 -9.20
CA ASP A 68 3.54 -5.97 -10.27
C ASP A 68 2.91 -6.80 -11.41
N PHE A 69 2.14 -7.82 -11.05
CA PHE A 69 1.49 -8.64 -12.06
C PHE A 69 0.17 -8.03 -12.57
N ILE A 70 -0.51 -7.25 -11.72
CA ILE A 70 -1.72 -6.48 -12.10
C ILE A 70 -1.41 -5.46 -13.20
N ASP A 71 -0.23 -4.83 -13.12
CA ASP A 71 0.21 -3.90 -14.17
C ASP A 71 0.36 -4.59 -15.51
N LYS A 72 0.97 -5.79 -15.52
CA LYS A 72 1.17 -6.55 -16.77
C LYS A 72 -0.17 -6.87 -17.44
N ILE A 73 -1.14 -7.31 -16.64
CA ILE A 73 -2.50 -7.57 -17.11
C ILE A 73 -3.21 -6.32 -17.61
N GLU A 74 -3.11 -5.19 -16.90
CA GLU A 74 -3.77 -3.97 -17.42
C GLU A 74 -3.13 -3.48 -18.73
N GLU A 75 -1.81 -3.63 -18.85
CA GLU A 75 -1.07 -3.21 -20.08
C GLU A 75 -1.32 -4.11 -21.29
N LEU A 76 -1.33 -5.41 -21.05
CA LEU A 76 -1.66 -6.37 -22.10
C LEU A 76 -3.08 -6.19 -22.64
N CYS A 77 -4.00 -5.72 -21.79
CA CYS A 77 -5.37 -5.42 -22.18
C CYS A 77 -5.42 -4.20 -23.08
N GLN A 78 -4.72 -3.13 -22.68
CA GLN A 78 -4.64 -1.91 -23.50
C GLN A 78 -3.99 -2.23 -24.84
N LYS A 79 -2.90 -3.01 -24.80
CA LYS A 79 -2.18 -3.46 -25.99
C LYS A 79 -3.14 -4.19 -26.96
N ARG A 80 -3.83 -5.21 -26.44
CA ARG A 80 -4.76 -6.03 -27.25
C ARG A 80 -6.00 -5.25 -27.71
N ALA A 81 -6.45 -4.29 -26.90
CA ALA A 81 -7.57 -3.41 -27.27
C ALA A 81 -7.28 -2.61 -28.52
N LEU A 82 -6.17 -1.88 -28.49
CA LEU A 82 -5.74 -1.05 -29.62
C LEU A 82 -5.40 -1.90 -30.85
N GLU A 83 -4.80 -3.06 -30.61
CA GLU A 83 -4.54 -4.04 -31.65
C GLU A 83 -5.83 -4.45 -32.36
N ALA A 84 -6.82 -4.89 -31.59
CA ALA A 84 -8.09 -5.41 -32.12
C ALA A 84 -8.87 -4.41 -32.97
N PHE A 85 -8.74 -3.12 -32.67
CA PHE A 85 -9.42 -2.09 -33.47
C PHE A 85 -8.53 -1.42 -34.51
N ASN A 86 -7.37 -2.03 -34.75
CA ASN A 86 -6.42 -1.61 -35.78
C ASN A 86 -6.04 -0.14 -35.66
N VAL A 87 -5.52 0.19 -34.48
CA VAL A 87 -5.07 1.53 -34.18
C VAL A 87 -3.68 1.46 -33.55
N SER A 88 -2.88 2.49 -33.81
CA SER A 88 -1.51 2.54 -33.32
C SER A 88 -1.51 3.21 -31.96
N ASP A 89 -0.79 2.62 -31.01
CA ASP A 89 -0.66 3.18 -29.65
C ASP A 89 -0.10 4.61 -29.62
N GLU A 90 0.50 5.05 -30.73
CA GLU A 90 1.00 6.42 -30.84
C GLU A 90 -0.12 7.42 -31.10
N GLU A 91 -1.17 7.00 -31.78
CA GLU A 91 -2.29 7.87 -32.18
C GLU A 91 -3.55 7.74 -31.29
N TRP A 92 -3.81 6.52 -30.85
CA TRP A 92 -5.00 6.20 -30.07
C TRP A 92 -4.63 5.65 -28.72
N GLY A 93 -5.33 6.10 -27.68
CA GLY A 93 -5.23 5.47 -26.35
C GLY A 93 -6.53 4.84 -25.88
N VAL A 94 -6.41 3.98 -24.87
CA VAL A 94 -7.57 3.29 -24.31
C VAL A 94 -7.53 3.16 -22.78
N ASN A 95 -8.70 3.35 -22.17
CA ASN A 95 -8.94 2.99 -20.78
C ASN A 95 -9.78 1.70 -20.68
N VAL A 96 -9.26 0.75 -19.91
CA VAL A 96 -9.84 -0.61 -19.72
C VAL A 96 -10.47 -0.80 -18.32
N GLN A 97 -10.67 0.29 -17.59
CA GLN A 97 -11.26 0.20 -16.25
C GLN A 97 -12.78 0.38 -16.13
N PRO A 98 -13.46 1.02 -17.12
CA PRO A 98 -14.91 1.19 -16.93
C PRO A 98 -15.63 -0.12 -16.76
N LEU A 99 -16.49 -0.17 -15.74
CA LEU A 99 -17.11 -1.40 -15.29
C LEU A 99 -18.21 -1.92 -16.21
N SER A 100 -18.85 -1.02 -16.96
CA SER A 100 -19.93 -1.35 -17.86
C SER A 100 -20.14 -0.19 -18.83
N GLY A 101 -20.92 -0.41 -19.87
CA GLY A 101 -21.15 0.58 -20.91
C GLY A 101 -21.73 1.91 -20.47
N SER A 102 -22.60 1.88 -19.47
CA SER A 102 -23.29 3.08 -18.98
C SER A 102 -22.29 3.95 -18.23
N ALA A 103 -21.46 3.32 -17.39
CA ALA A 103 -20.40 4.03 -16.66
C ALA A 103 -19.37 4.68 -17.58
N ALA A 104 -18.80 3.91 -18.51
CA ALA A 104 -17.86 4.38 -19.54
C ALA A 104 -18.37 5.61 -20.28
N ASN A 105 -19.60 5.54 -20.79
CA ASN A 105 -20.25 6.67 -21.46
C ASN A 105 -20.36 7.92 -20.59
N VAL A 106 -20.79 7.76 -19.34
CA VAL A 106 -20.92 8.89 -18.40
C VAL A 106 -19.53 9.46 -18.08
N GLN A 107 -18.59 8.55 -17.82
CA GLN A 107 -17.19 8.88 -17.68
C GLN A 107 -16.65 9.66 -18.90
N ALA A 108 -16.74 9.08 -20.10
CA ALA A 108 -16.22 9.73 -21.33
C ALA A 108 -16.86 11.08 -21.61
N LEU A 109 -18.16 11.19 -21.38
CA LEU A 109 -18.86 12.45 -21.62
C LEU A 109 -18.38 13.53 -20.66
N TYR A 110 -18.30 13.22 -19.37
CA TYR A 110 -17.81 14.19 -18.38
C TYR A 110 -16.42 14.74 -18.74
N ALA A 111 -15.50 13.84 -19.10
CA ALA A 111 -14.16 14.17 -19.57
C ALA A 111 -14.15 15.28 -20.62
N LEU A 112 -15.07 15.19 -21.57
CA LEU A 112 -15.14 16.11 -22.71
C LEU A 112 -15.86 17.42 -22.42
N VAL A 113 -16.91 17.37 -21.59
CA VAL A 113 -17.78 18.53 -21.40
C VAL A 113 -17.92 19.03 -19.96
N GLY A 114 -17.75 18.14 -18.99
CA GLY A 114 -17.96 18.50 -17.59
C GLY A 114 -19.42 18.76 -17.23
N VAL A 115 -19.64 19.09 -15.97
CA VAL A 115 -20.99 19.31 -15.42
C VAL A 115 -21.62 20.50 -16.14
N LYS A 116 -22.93 20.38 -16.40
CA LYS A 116 -23.72 21.36 -17.17
C LYS A 116 -23.38 21.39 -18.67
N GLY A 117 -22.32 20.66 -19.07
CA GLY A 117 -21.88 20.56 -20.48
C GLY A 117 -22.99 20.16 -21.44
N LYS A 118 -22.85 20.56 -22.70
CA LYS A 118 -23.87 20.31 -23.73
C LYS A 118 -23.53 19.11 -24.61
N ILE A 119 -24.50 18.21 -24.75
CA ILE A 119 -24.33 16.97 -25.52
C ILE A 119 -25.52 16.70 -26.45
N MET A 120 -25.29 15.96 -27.53
CA MET A 120 -26.35 15.57 -28.46
C MET A 120 -26.33 14.08 -28.70
N GLY A 121 -27.53 13.50 -28.72
CA GLY A 121 -27.69 12.07 -28.93
C GLY A 121 -28.99 11.69 -29.61
N MET A 122 -29.02 10.49 -30.18
CA MET A 122 -30.25 9.93 -30.72
C MET A 122 -31.23 9.58 -29.61
N HIS A 123 -32.51 9.80 -29.88
CA HIS A 123 -33.61 9.53 -28.96
C HIS A 123 -33.75 8.03 -28.74
N LEU A 124 -34.16 7.66 -27.51
CA LEU A 124 -34.38 6.26 -27.14
C LEU A 124 -35.36 5.54 -28.06
N CYS A 125 -36.50 6.20 -28.35
CA CYS A 125 -37.54 5.68 -29.28
C CYS A 125 -37.03 5.50 -30.72
N SER A 126 -36.02 6.27 -31.08
CA SER A 126 -35.39 6.19 -32.39
C SER A 126 -34.26 5.16 -32.49
N GLY A 127 -33.82 4.62 -31.36
CA GLY A 127 -32.77 3.57 -31.35
C GLY A 127 -31.54 3.88 -30.54
N GLY A 128 -31.51 5.06 -29.91
CA GLY A 128 -30.40 5.50 -29.10
C GLY A 128 -30.40 5.00 -27.67
N HIS A 129 -29.24 5.10 -27.00
CA HIS A 129 -29.12 4.61 -25.63
C HIS A 129 -29.62 5.61 -24.60
N LEU A 130 -29.92 5.09 -23.40
CA LEU A 130 -30.21 5.91 -22.24
C LEU A 130 -29.09 6.91 -21.98
N THR A 131 -27.84 6.43 -22.01
CA THR A 131 -26.66 7.25 -21.73
C THR A 131 -26.29 8.25 -22.83
N HIS A 132 -27.18 8.41 -23.83
CA HIS A 132 -27.00 9.38 -24.90
C HIS A 132 -27.81 10.65 -24.69
N GLY A 133 -28.11 10.94 -23.43
CA GLY A 133 -28.77 12.18 -23.05
C GLY A 133 -30.26 12.09 -22.89
N PHE A 134 -30.76 10.87 -22.78
CA PHE A 134 -32.19 10.64 -22.81
C PHE A 134 -32.95 11.21 -21.61
N PHE A 135 -34.01 11.93 -21.94
CA PHE A 135 -34.98 12.40 -20.97
C PHE A 135 -36.40 12.27 -21.52
N ASP A 136 -37.36 12.34 -20.60
CA ASP A 136 -38.79 12.35 -20.86
C ASP A 136 -39.29 13.77 -20.57
N GLU A 137 -40.45 14.11 -21.12
CA GLU A 137 -41.13 15.36 -20.75
C GLU A 137 -41.30 15.47 -19.22
N LYS A 138 -41.80 14.39 -18.62
CA LYS A 138 -41.97 14.25 -17.16
C LYS A 138 -40.68 14.31 -16.33
N LYS A 139 -39.64 13.58 -16.75
CA LYS A 139 -38.44 13.41 -15.93
C LYS A 139 -37.12 13.28 -16.72
N LYS A 140 -36.03 13.72 -16.09
CA LYS A 140 -34.68 13.49 -16.59
C LYS A 140 -34.25 12.04 -16.29
N VAL A 141 -34.61 11.14 -17.20
CA VAL A 141 -34.50 9.69 -17.00
C VAL A 141 -33.05 9.22 -16.79
N SER A 142 -32.15 9.69 -17.64
CA SER A 142 -30.75 9.38 -17.49
C SER A 142 -30.01 10.54 -16.83
N ILE A 143 -28.97 10.24 -16.06
CA ILE A 143 -28.08 11.29 -15.52
C ILE A 143 -27.48 12.11 -16.67
N THR A 144 -27.41 11.49 -17.85
CA THR A 144 -26.86 12.15 -19.03
C THR A 144 -27.75 13.30 -19.51
N SER A 145 -29.02 13.31 -19.10
CA SER A 145 -29.87 14.46 -19.36
C SER A 145 -29.89 15.46 -18.20
N ASP A 146 -29.33 15.07 -17.06
CA ASP A 146 -29.37 15.92 -15.87
C ASP A 146 -28.04 16.57 -15.51
N MET A 147 -26.98 15.78 -15.41
CA MET A 147 -25.65 16.35 -15.12
C MET A 147 -25.11 17.09 -16.35
N PHE A 148 -25.63 16.74 -17.52
CA PHE A 148 -25.35 17.39 -18.78
C PHE A 148 -26.66 18.03 -19.30
N GLU A 149 -26.52 19.00 -20.20
CA GLU A 149 -27.67 19.55 -20.91
C GLU A 149 -27.70 18.86 -22.26
N SER A 150 -28.80 18.16 -22.54
CA SER A 150 -28.88 17.34 -23.73
C SER A 150 -30.01 17.71 -24.67
N LYS A 151 -29.77 17.49 -25.96
CA LYS A 151 -30.83 17.52 -26.97
C LYS A 151 -30.84 16.24 -27.79
N LEU A 152 -32.03 15.83 -28.23
CA LEU A 152 -32.21 14.51 -28.83
C LEU A 152 -32.72 14.55 -30.27
N TYR A 153 -31.95 13.93 -31.17
CA TYR A 153 -32.34 13.85 -32.57
C TYR A 153 -33.07 12.56 -32.88
N LYS A 154 -34.13 12.67 -33.65
CA LYS A 154 -34.99 11.57 -34.03
C LYS A 154 -34.71 11.18 -35.47
N CYS A 155 -34.83 9.90 -35.76
CA CYS A 155 -34.78 9.40 -37.13
C CYS A 155 -36.08 9.77 -37.80
N ASN A 156 -36.11 9.69 -39.13
CA ASN A 156 -37.33 9.95 -39.92
C ASN A 156 -38.37 8.85 -39.76
N SER A 157 -39.52 8.99 -40.41
CA SER A 157 -40.57 7.95 -40.36
C SER A 157 -40.15 6.57 -40.93
N GLN A 158 -39.12 6.54 -41.76
CA GLN A 158 -38.54 5.29 -42.30
C GLN A 158 -37.57 4.57 -41.34
N GLY A 159 -37.17 5.28 -40.28
CA GLY A 159 -36.24 4.75 -39.27
C GLY A 159 -34.75 4.94 -39.51
N TYR A 160 -34.40 5.90 -40.40
CA TYR A 160 -33.01 6.22 -40.73
C TYR A 160 -32.58 7.52 -40.07
N VAL A 161 -31.32 7.58 -39.62
CA VAL A 161 -30.71 8.81 -39.09
C VAL A 161 -30.86 9.91 -40.14
N ASP A 162 -31.51 10.99 -39.74
CA ASP A 162 -31.74 12.15 -40.60
C ASP A 162 -30.64 13.19 -40.33
N LEU A 163 -29.63 13.19 -41.18
CA LEU A 163 -28.48 14.10 -41.02
C LEU A 163 -28.86 15.57 -41.11
N ASP A 164 -29.84 15.90 -41.96
CA ASP A 164 -30.38 17.28 -42.03
C ASP A 164 -30.78 17.75 -40.63
N ALA A 165 -31.58 16.91 -39.96
CA ALA A 165 -32.07 17.19 -38.61
C ALA A 165 -30.91 17.36 -37.64
N VAL A 166 -29.90 16.48 -37.76
CA VAL A 166 -28.69 16.52 -36.91
C VAL A 166 -28.00 17.88 -37.01
N ARG A 167 -27.62 18.28 -38.22
CA ARG A 167 -27.08 19.62 -38.52
C ARG A 167 -27.97 20.77 -38.03
N GLU A 168 -29.25 20.79 -38.46
CA GLU A 168 -30.20 21.80 -37.99
C GLU A 168 -30.10 21.96 -36.46
N MET A 169 -30.11 20.83 -35.75
CA MET A 169 -30.02 20.84 -34.30
C MET A 169 -28.67 21.31 -33.78
N ALA A 170 -27.58 20.79 -34.36
CA ALA A 170 -26.23 21.21 -33.98
C ALA A 170 -25.95 22.72 -34.09
N LEU A 171 -26.46 23.38 -35.15
CA LEU A 171 -26.19 24.82 -35.37
C LEU A 171 -26.93 25.70 -34.35
N SER A 172 -28.18 25.36 -34.02
CA SER A 172 -28.92 26.07 -32.97
C SER A 172 -28.37 25.77 -31.56
N PHE A 173 -28.30 24.49 -31.21
CA PHE A 173 -27.95 24.04 -29.86
C PHE A 173 -26.46 24.17 -29.51
N LYS A 174 -25.58 24.04 -30.50
CA LYS A 174 -24.12 24.18 -30.32
C LYS A 174 -23.57 23.29 -29.19
N PRO A 175 -23.74 21.96 -29.30
CA PRO A 175 -23.29 21.05 -28.25
C PRO A 175 -21.78 20.94 -28.27
N LYS A 176 -21.17 20.47 -27.18
CA LYS A 176 -19.74 20.14 -27.22
C LYS A 176 -19.45 18.71 -27.70
N VAL A 177 -20.45 17.84 -27.63
CA VAL A 177 -20.34 16.45 -28.07
C VAL A 177 -21.59 16.10 -28.89
N ILE A 178 -21.38 15.28 -29.93
CA ILE A 178 -22.47 14.64 -30.66
C ILE A 178 -22.23 13.13 -30.65
N ILE A 179 -23.25 12.38 -30.23
CA ILE A 179 -23.15 10.93 -30.11
C ILE A 179 -23.83 10.21 -31.28
N CYS A 180 -23.09 9.27 -31.88
CA CYS A 180 -23.64 8.34 -32.84
C CYS A 180 -23.18 6.94 -32.44
N GLY A 181 -23.78 5.93 -33.05
CA GLY A 181 -23.56 4.52 -32.63
C GLY A 181 -24.62 4.19 -31.59
N TYR A 182 -25.34 3.09 -31.77
CA TYR A 182 -26.65 2.99 -31.11
C TYR A 182 -27.01 1.65 -30.51
N THR A 183 -28.11 1.63 -29.76
CA THR A 183 -28.59 0.42 -29.08
C THR A 183 -29.48 -0.46 -29.96
N SER A 184 -30.38 0.16 -30.71
CA SER A 184 -31.27 -0.59 -31.59
C SER A 184 -31.44 0.06 -32.95
N TYR A 185 -30.31 0.29 -33.59
CA TYR A 185 -30.29 0.82 -34.93
C TYR A 185 -29.80 -0.27 -35.88
N PRO A 186 -30.67 -0.65 -36.84
CA PRO A 186 -30.45 -1.77 -37.76
C PRO A 186 -29.57 -1.45 -38.98
N ARG A 187 -29.13 -0.20 -39.09
CA ARG A 187 -28.28 0.22 -40.21
C ARG A 187 -26.89 0.72 -39.81
N ASP A 188 -25.98 0.71 -40.79
CA ASP A 188 -24.65 1.29 -40.65
C ASP A 188 -24.75 2.82 -40.51
N ILE A 189 -23.63 3.43 -40.12
CA ILE A 189 -23.58 4.86 -39.79
C ILE A 189 -22.56 5.57 -40.67
N ASP A 190 -22.98 6.73 -41.17
CA ASP A 190 -22.08 7.62 -41.88
C ASP A 190 -21.29 8.50 -40.89
N TYR A 191 -20.20 7.95 -40.37
CA TYR A 191 -19.37 8.66 -39.41
C TYR A 191 -18.75 9.89 -40.03
N GLN A 192 -18.25 9.77 -41.26
CA GLN A 192 -17.67 10.91 -41.99
C GLN A 192 -18.60 12.11 -41.97
N GLN A 193 -19.90 11.84 -42.16
CA GLN A 193 -20.93 12.85 -42.15
C GLN A 193 -21.09 13.50 -40.78
N PHE A 194 -21.03 12.68 -39.73
CA PHE A 194 -21.08 13.21 -38.38
C PHE A 194 -19.88 14.14 -38.14
N ARG A 195 -18.68 13.69 -38.51
CA ARG A 195 -17.44 14.45 -38.41
C ARG A 195 -17.54 15.85 -39.05
N GLN A 196 -18.12 15.91 -40.26
CA GLN A 196 -18.40 17.20 -40.94
C GLN A 196 -19.30 18.14 -40.11
N ILE A 197 -20.29 17.57 -39.42
CA ILE A 197 -21.20 18.39 -38.61
C ILE A 197 -20.54 18.83 -37.31
N CYS A 198 -19.75 17.94 -36.72
CA CYS A 198 -18.98 18.23 -35.52
C CYS A 198 -17.91 19.30 -35.80
N ASP A 199 -17.21 19.18 -36.94
CA ASP A 199 -16.27 20.20 -37.40
C ASP A 199 -16.92 21.58 -37.54
N GLU A 200 -18.10 21.63 -38.15
CA GLU A 200 -18.81 22.89 -38.37
C GLU A 200 -19.06 23.64 -37.09
N VAL A 201 -19.32 22.90 -36.03
CA VAL A 201 -19.85 23.48 -34.81
C VAL A 201 -18.82 23.40 -33.66
N ASN A 202 -17.62 22.90 -33.97
CA ASN A 202 -16.52 22.66 -33.01
C ASN A 202 -16.89 21.68 -31.87
N ALA A 203 -17.64 20.64 -32.24
CA ALA A 203 -18.05 19.59 -31.30
C ALA A 203 -17.18 18.36 -31.45
N TYR A 204 -16.93 17.68 -30.32
CA TYR A 204 -16.34 16.36 -30.30
C TYR A 204 -17.26 15.32 -30.98
N LEU A 205 -16.66 14.36 -31.67
CA LEU A 205 -17.39 13.22 -32.26
C LEU A 205 -17.25 11.96 -31.40
N PHE A 206 -18.41 11.49 -30.92
CA PHE A 206 -18.53 10.35 -30.03
C PHE A 206 -19.22 9.20 -30.78
N ALA A 207 -18.51 8.08 -30.89
CA ALA A 207 -19.07 6.87 -31.48
C ALA A 207 -19.10 5.76 -30.45
N ASP A 208 -20.30 5.34 -30.11
CA ASP A 208 -20.53 4.26 -29.16
C ASP A 208 -20.87 3.07 -30.04
N ILE A 209 -19.95 2.11 -30.10
CA ILE A 209 -20.06 0.98 -31.00
C ILE A 209 -20.32 -0.36 -30.28
N SER A 210 -20.89 -0.30 -29.08
CA SER A 210 -21.14 -1.50 -28.26
C SER A 210 -21.87 -2.59 -29.02
N HIS A 211 -22.91 -2.19 -29.76
CA HIS A 211 -23.67 -3.14 -30.56
C HIS A 211 -22.99 -3.71 -31.79
N ILE A 212 -22.06 -2.95 -32.35
CA ILE A 212 -21.48 -3.26 -33.66
C ILE A 212 -19.96 -3.39 -33.61
N SER A 213 -19.43 -3.61 -32.41
CA SER A 213 -17.98 -3.55 -32.16
C SER A 213 -17.19 -4.53 -33.00
N SER A 214 -17.68 -5.78 -33.06
CA SER A 214 -17.03 -6.81 -33.85
C SER A 214 -17.01 -6.51 -35.34
N PHE A 215 -18.04 -5.84 -35.85
CA PHE A 215 -18.06 -5.42 -37.24
C PHE A 215 -16.97 -4.39 -37.56
N VAL A 216 -16.80 -3.43 -36.66
CA VAL A 216 -15.79 -2.37 -36.78
C VAL A 216 -14.39 -2.99 -36.77
N ALA A 217 -14.14 -3.87 -35.80
CA ALA A 217 -12.86 -4.52 -35.62
C ALA A 217 -12.45 -5.28 -36.86
N CYS A 218 -13.34 -6.16 -37.33
CA CYS A 218 -13.11 -7.04 -38.47
C CYS A 218 -13.22 -6.34 -39.81
N ASN A 219 -13.41 -5.03 -39.80
CA ASN A 219 -13.52 -4.22 -41.03
C ASN A 219 -14.65 -4.65 -41.98
N ILE A 220 -15.76 -5.08 -41.40
CA ILE A 220 -16.96 -5.48 -42.16
C ILE A 220 -17.95 -4.34 -42.29
N LEU A 221 -17.90 -3.36 -41.39
CA LEU A 221 -18.72 -2.15 -41.49
C LEU A 221 -17.85 -0.91 -41.38
N ASN A 222 -18.45 0.27 -41.54
CA ASN A 222 -17.74 1.55 -41.42
C ASN A 222 -16.91 1.66 -40.16
N ASN A 223 -15.73 2.27 -40.30
CA ASN A 223 -14.81 2.41 -39.18
C ASN A 223 -14.89 3.80 -38.56
N PRO A 224 -15.41 3.89 -37.32
CA PRO A 224 -15.51 5.20 -36.68
C PRO A 224 -14.16 5.81 -36.30
N PHE A 225 -13.14 4.97 -36.13
CA PHE A 225 -11.80 5.41 -35.71
C PHE A 225 -11.13 6.34 -36.71
N LEU A 226 -11.53 6.23 -37.97
CA LEU A 226 -11.08 7.12 -39.01
C LEU A 226 -11.47 8.57 -38.72
N HIS A 227 -12.61 8.78 -38.05
CA HIS A 227 -13.17 10.14 -37.86
C HIS A 227 -13.43 10.56 -36.41
N ALA A 228 -13.71 9.61 -35.53
CA ALA A 228 -14.15 9.93 -34.16
C ALA A 228 -13.05 10.36 -33.20
N ASP A 229 -13.41 11.30 -32.32
CA ASP A 229 -12.56 11.66 -31.19
C ASP A 229 -12.56 10.60 -30.08
N VAL A 230 -13.76 10.13 -29.73
CA VAL A 230 -13.95 9.12 -28.67
C VAL A 230 -14.73 7.92 -29.19
N VAL A 231 -14.23 6.73 -28.90
CA VAL A 231 -14.98 5.52 -29.20
C VAL A 231 -15.19 4.72 -27.92
N THR A 232 -16.46 4.50 -27.56
CA THR A 232 -16.78 3.59 -26.45
C THR A 232 -17.43 2.33 -26.98
N THR A 233 -17.27 1.27 -26.21
CA THR A 233 -17.92 0.00 -26.47
C THR A 233 -17.92 -0.86 -25.21
N THR A 234 -19.06 -1.52 -24.98
CA THR A 234 -19.08 -2.60 -24.01
C THR A 234 -18.32 -3.79 -24.59
N THR A 235 -18.02 -4.79 -23.78
CA THR A 235 -17.31 -5.99 -24.24
C THR A 235 -18.14 -7.29 -24.27
N HIS A 236 -19.34 -7.24 -23.70
CA HIS A 236 -20.19 -8.43 -23.46
C HIS A 236 -21.15 -8.76 -24.59
N LYS A 237 -21.32 -7.85 -25.53
CA LYS A 237 -22.27 -8.04 -26.63
C LYS A 237 -21.64 -8.85 -27.77
N ILE A 238 -21.72 -8.31 -28.98
CA ILE A 238 -21.16 -8.96 -30.16
C ILE A 238 -19.66 -9.31 -30.00
N LEU A 239 -18.94 -8.54 -29.17
CA LEU A 239 -17.53 -8.81 -28.87
C LEU A 239 -17.33 -10.14 -28.14
N ARG A 240 -18.38 -10.61 -27.47
CA ARG A 240 -18.41 -11.91 -26.80
C ARG A 240 -17.37 -11.98 -25.68
N GLY A 241 -17.17 -10.84 -25.02
CA GLY A 241 -16.30 -10.75 -23.85
C GLY A 241 -17.12 -10.76 -22.59
N PRO A 242 -16.50 -10.38 -21.45
CA PRO A 242 -17.20 -10.30 -20.19
C PRO A 242 -17.96 -8.98 -20.14
N ARG A 243 -18.66 -8.72 -19.04
CA ARG A 243 -19.38 -7.47 -18.89
C ARG A 243 -18.42 -6.37 -18.43
N SER A 244 -18.02 -5.53 -19.37
CA SER A 244 -17.06 -4.46 -19.13
C SER A 244 -17.15 -3.48 -20.28
N ALA A 245 -16.42 -2.38 -20.17
CA ALA A 245 -16.38 -1.40 -21.25
C ALA A 245 -14.99 -0.81 -21.53
N LEU A 246 -14.84 -0.26 -22.74
CA LEU A 246 -13.60 0.37 -23.17
C LEU A 246 -13.86 1.78 -23.63
N ILE A 247 -12.97 2.70 -23.25
CA ILE A 247 -12.96 4.05 -23.84
C ILE A 247 -11.70 4.28 -24.67
N PHE A 248 -11.91 4.57 -25.95
CA PHE A 248 -10.87 4.92 -26.90
C PHE A 248 -10.87 6.42 -27.13
N PHE A 249 -9.67 7.02 -27.12
CA PHE A 249 -9.49 8.47 -27.38
C PHE A 249 -8.40 8.71 -28.39
N ASN A 250 -8.69 9.62 -29.32
CA ASN A 250 -7.75 10.01 -30.36
C ASN A 250 -6.82 11.12 -29.87
N LYS A 251 -5.58 10.74 -29.53
CA LYS A 251 -4.54 11.66 -29.02
C LYS A 251 -4.04 12.67 -30.05
N LYS A 252 -3.94 12.22 -31.31
CA LYS A 252 -3.44 13.03 -32.41
C LYS A 252 -4.40 14.17 -32.71
N ARG A 253 -5.69 13.88 -32.66
CA ARG A 253 -6.69 14.90 -32.87
C ARG A 253 -6.80 15.83 -31.65
N ASN A 254 -6.66 15.28 -30.44
CA ASN A 254 -6.89 16.04 -29.19
C ASN A 254 -5.78 15.76 -28.18
N PRO A 255 -4.70 16.57 -28.19
CA PRO A 255 -3.69 16.37 -27.14
C PRO A 255 -4.22 16.75 -25.75
N GLY A 256 -3.77 16.02 -24.75
CA GLY A 256 -4.24 16.21 -23.37
C GLY A 256 -5.55 15.50 -23.03
N ILE A 257 -6.14 14.82 -24.01
CA ILE A 257 -7.39 14.06 -23.82
C ILE A 257 -7.15 12.81 -22.96
N GLU A 258 -5.96 12.24 -23.08
CA GLU A 258 -5.55 11.09 -22.29
C GLU A 258 -5.70 11.32 -20.79
N GLN A 259 -5.16 12.42 -20.30
CA GLN A 259 -5.25 12.77 -18.88
C GLN A 259 -6.73 12.96 -18.52
N LYS A 260 -7.44 13.75 -19.32
CA LYS A 260 -8.88 14.00 -19.16
C LYS A 260 -9.74 12.74 -18.98
N ILE A 261 -9.57 11.76 -19.89
CA ILE A 261 -10.31 10.50 -19.88
C ILE A 261 -9.87 9.67 -18.67
N ASN A 262 -8.56 9.55 -18.49
CA ASN A 262 -8.03 8.72 -17.41
C ASN A 262 -8.40 9.23 -16.02
N SER A 263 -8.38 10.54 -15.84
CA SER A 263 -8.79 11.15 -14.57
C SER A 263 -10.30 11.05 -14.35
N ALA A 264 -11.09 11.13 -15.42
CA ALA A 264 -12.54 10.91 -15.38
C ALA A 264 -12.94 9.51 -14.92
N VAL A 265 -12.22 8.49 -15.37
CA VAL A 265 -12.46 7.12 -14.94
C VAL A 265 -12.02 7.00 -13.47
N PHE A 266 -10.81 7.46 -13.17
CA PHE A 266 -10.31 7.56 -11.82
C PHE A 266 -9.42 8.79 -11.69
N PRO A 267 -9.58 9.60 -10.62
CA PRO A 267 -10.48 9.30 -9.50
C PRO A 267 -11.85 9.98 -9.55
N SER A 268 -12.20 10.61 -10.67
CA SER A 268 -13.50 11.25 -10.76
C SER A 268 -14.70 10.32 -10.46
N PHE A 269 -14.74 9.11 -11.03
CA PHE A 269 -15.93 8.25 -10.91
C PHE A 269 -15.76 6.92 -10.17
N GLN A 270 -14.69 6.19 -10.46
CA GLN A 270 -14.53 4.85 -9.93
C GLN A 270 -13.43 4.83 -8.86
N GLY A 271 -13.39 3.74 -8.09
CA GLY A 271 -12.32 3.46 -7.16
C GLY A 271 -11.52 2.32 -7.75
N GLY A 272 -11.36 1.25 -6.97
CA GLY A 272 -10.55 0.12 -7.36
C GLY A 272 -11.05 -0.60 -8.61
N PRO A 273 -10.17 -0.79 -9.62
CA PRO A 273 -10.56 -1.53 -10.83
C PRO A 273 -10.98 -2.97 -10.52
N HIS A 274 -11.76 -3.55 -11.42
CA HIS A 274 -12.11 -4.95 -11.30
C HIS A 274 -11.20 -5.79 -12.20
N ASN A 275 -10.14 -6.31 -11.59
CA ASN A 275 -9.05 -6.96 -12.30
C ASN A 275 -9.41 -8.24 -13.01
N ASN A 276 -10.36 -9.00 -12.45
CA ASN A 276 -10.95 -10.16 -13.14
C ASN A 276 -11.64 -9.76 -14.47
N LYS A 277 -12.26 -8.59 -14.50
CA LYS A 277 -12.86 -8.05 -15.72
C LYS A 277 -11.78 -7.80 -16.75
N ILE A 278 -10.74 -7.09 -16.32
CA ILE A 278 -9.62 -6.70 -17.18
C ILE A 278 -8.93 -7.95 -17.77
N ALA A 279 -8.66 -8.93 -16.90
CA ALA A 279 -8.12 -10.23 -17.33
C ALA A 279 -9.01 -10.85 -18.40
N ALA A 280 -10.32 -10.90 -18.15
CA ALA A 280 -11.26 -11.47 -19.11
C ALA A 280 -11.36 -10.72 -20.43
N VAL A 281 -11.36 -9.39 -20.37
CA VAL A 281 -11.33 -8.57 -21.58
C VAL A 281 -10.07 -8.85 -22.41
N ALA A 282 -8.93 -8.95 -21.74
CA ALA A 282 -7.65 -9.23 -22.41
C ALA A 282 -7.72 -10.53 -23.19
N CYS A 283 -8.23 -11.57 -22.53
CA CYS A 283 -8.40 -12.89 -23.12
C CYS A 283 -9.28 -12.89 -24.38
N GLN A 284 -10.40 -12.17 -24.34
CA GLN A 284 -11.30 -12.12 -25.50
C GLN A 284 -10.74 -11.28 -26.65
N LEU A 285 -10.01 -10.23 -26.31
CA LEU A 285 -9.41 -9.38 -27.33
C LEU A 285 -8.37 -10.08 -28.23
N LYS A 286 -7.64 -11.04 -27.67
CA LYS A 286 -6.76 -11.89 -28.46
C LYS A 286 -7.55 -12.64 -29.53
N GLU A 287 -8.64 -13.26 -29.11
CA GLU A 287 -9.60 -13.92 -30.00
C GLU A 287 -10.22 -12.99 -31.05
N VAL A 288 -10.54 -11.74 -30.67
CA VAL A 288 -11.16 -10.77 -31.60
C VAL A 288 -10.30 -10.57 -32.85
N HIS A 289 -8.99 -10.47 -32.63
CA HIS A 289 -8.02 -10.20 -33.70
C HIS A 289 -7.75 -11.38 -34.65
N SER A 290 -8.06 -12.61 -34.22
CA SER A 290 -7.87 -13.84 -35.00
C SER A 290 -8.73 -13.87 -36.29
N PRO A 291 -8.25 -14.58 -37.36
CA PRO A 291 -9.06 -14.63 -38.59
C PRO A 291 -10.34 -15.47 -38.39
N ALA A 292 -10.31 -16.38 -37.41
CA ALA A 292 -11.44 -17.23 -37.04
C ALA A 292 -12.64 -16.46 -36.44
N PHE A 293 -12.36 -15.36 -35.73
CA PHE A 293 -13.41 -14.53 -35.15
C PHE A 293 -14.04 -13.63 -36.21
N LYS A 294 -13.23 -13.27 -37.22
CA LYS A 294 -13.75 -12.58 -38.40
C LYS A 294 -14.81 -13.45 -39.09
N GLU A 295 -14.59 -14.77 -39.04
CA GLU A 295 -15.51 -15.75 -39.64
C GLU A 295 -16.85 -15.73 -38.90
N TYR A 296 -16.76 -15.84 -37.57
CA TYR A 296 -17.92 -15.73 -36.68
C TYR A 296 -18.69 -14.45 -36.97
N THR A 297 -17.99 -13.32 -37.01
CA THR A 297 -18.61 -12.01 -37.24
C THR A 297 -19.30 -11.96 -38.60
N GLN A 298 -18.69 -12.58 -39.61
CA GLN A 298 -19.30 -12.68 -40.95
C GLN A 298 -20.60 -13.45 -40.87
N GLN A 299 -20.57 -14.58 -40.16
CA GLN A 299 -21.73 -15.44 -39.98
C GLN A 299 -22.91 -14.67 -39.35
N VAL A 300 -22.60 -13.84 -38.33
CA VAL A 300 -23.60 -12.98 -37.67
C VAL A 300 -24.40 -12.17 -38.73
N LEU A 301 -23.71 -11.51 -39.64
CA LEU A 301 -24.37 -10.74 -40.70
C LEU A 301 -25.08 -11.62 -41.72
N LEU A 302 -24.43 -12.72 -42.14
CA LEU A 302 -25.06 -13.67 -43.05
C LEU A 302 -26.38 -14.17 -42.45
N ASN A 303 -26.37 -14.45 -41.15
CA ASN A 303 -27.57 -14.90 -40.42
C ASN A 303 -28.64 -13.85 -40.27
N SER A 304 -28.21 -12.63 -39.97
CA SER A 304 -29.10 -11.48 -39.85
C SER A 304 -29.74 -11.08 -41.19
N LYS A 305 -28.99 -11.21 -42.28
CA LYS A 305 -29.52 -10.95 -43.62
C LYS A 305 -30.61 -11.97 -43.92
N ALA A 306 -30.27 -13.24 -43.73
CA ALA A 306 -31.15 -14.36 -43.98
C ALA A 306 -32.44 -14.25 -43.18
N LEU A 307 -32.30 -13.89 -41.89
CA LEU A 307 -33.43 -13.81 -40.98
C LEU A 307 -34.37 -12.69 -41.37
N ALA A 308 -33.79 -11.56 -41.77
CA ALA A 308 -34.55 -10.45 -42.31
C ALA A 308 -35.31 -10.88 -43.56
N LYS A 309 -34.58 -11.51 -44.50
CA LYS A 309 -35.14 -12.04 -45.74
C LYS A 309 -36.34 -12.96 -45.45
N ALA A 310 -36.12 -13.97 -44.59
CA ALA A 310 -37.15 -14.94 -44.23
C ALA A 310 -38.37 -14.34 -43.51
N LEU A 311 -38.15 -13.32 -42.69
CA LEU A 311 -39.27 -12.64 -42.03
C LEU A 311 -40.13 -11.87 -43.03
N ILE A 312 -39.47 -11.18 -43.97
CA ILE A 312 -40.15 -10.46 -45.05
C ILE A 312 -40.96 -11.40 -45.97
N SER A 313 -40.41 -12.59 -46.22
CA SER A 313 -41.07 -13.63 -47.01
C SER A 313 -42.36 -14.14 -46.31
N LYS A 314 -42.41 -14.01 -44.98
CA LYS A 314 -43.60 -14.32 -44.18
C LYS A 314 -44.49 -13.09 -43.91
N GLN A 315 -44.28 -11.99 -44.65
CA GLN A 315 -45.13 -10.78 -44.55
C GLN A 315 -45.00 -9.99 -43.25
N ILE A 316 -43.84 -10.10 -42.62
CA ILE A 316 -43.54 -9.35 -41.42
C ILE A 316 -42.73 -8.11 -41.84
N ASP A 317 -43.14 -6.95 -41.32
CA ASP A 317 -42.49 -5.67 -41.57
C ASP A 317 -41.30 -5.40 -40.65
N LEU A 318 -40.23 -4.94 -41.27
CA LEU A 318 -39.01 -4.59 -40.58
C LEU A 318 -38.79 -3.08 -40.67
N VAL A 319 -38.21 -2.50 -39.62
CA VAL A 319 -37.86 -1.08 -39.62
C VAL A 319 -36.71 -0.95 -40.59
N THR A 320 -36.81 0.02 -41.50
CA THR A 320 -35.85 0.22 -42.59
C THR A 320 -35.94 -0.89 -43.64
N ASN A 321 -36.88 -1.83 -43.47
CA ASN A 321 -37.09 -2.98 -44.39
C ASN A 321 -35.89 -3.92 -44.55
N GLY A 322 -35.06 -3.96 -43.53
CA GLY A 322 -33.91 -4.85 -43.53
C GLY A 322 -32.90 -4.46 -42.50
N THR A 323 -31.66 -4.92 -42.73
CA THR A 323 -30.59 -4.79 -41.76
C THR A 323 -29.23 -4.66 -42.43
N ASP A 324 -28.35 -3.86 -41.83
CA ASP A 324 -26.94 -3.83 -42.24
C ASP A 324 -26.06 -4.58 -41.27
N ASN A 325 -26.65 -5.13 -40.22
CA ASN A 325 -25.87 -5.70 -39.14
C ASN A 325 -26.51 -6.94 -38.52
N HIS A 326 -26.17 -7.17 -37.26
CA HIS A 326 -26.66 -8.25 -36.41
C HIS A 326 -28.13 -8.13 -35.92
N LEU A 327 -28.72 -6.94 -36.08
CA LEU A 327 -30.03 -6.67 -35.45
C LEU A 327 -31.15 -6.27 -36.39
N ILE A 328 -32.36 -6.67 -36.02
CA ILE A 328 -33.56 -6.36 -36.75
C ILE A 328 -34.58 -5.81 -35.75
N VAL A 329 -35.38 -4.85 -36.19
CA VAL A 329 -36.57 -4.47 -35.44
C VAL A 329 -37.83 -4.78 -36.26
N VAL A 330 -38.66 -5.65 -35.71
CA VAL A 330 -39.94 -6.03 -36.30
C VAL A 330 -41.00 -5.01 -35.91
N ASP A 331 -41.64 -4.42 -36.91
CA ASP A 331 -42.82 -3.58 -36.72
C ASP A 331 -44.05 -4.48 -36.65
N LEU A 332 -44.71 -4.47 -35.51
CA LEU A 332 -45.86 -5.34 -35.25
C LEU A 332 -47.24 -4.68 -35.51
N ARG A 333 -47.25 -3.43 -35.95
CA ARG A 333 -48.50 -2.69 -36.14
C ARG A 333 -49.57 -3.40 -37.00
N LYS A 334 -49.15 -4.06 -38.08
CA LYS A 334 -50.11 -4.73 -38.99
C LYS A 334 -50.87 -5.88 -38.32
N PHE A 335 -50.34 -6.32 -37.18
CA PHE A 335 -50.91 -7.42 -36.40
C PHE A 335 -51.73 -6.91 -35.21
N SER A 336 -51.76 -5.59 -35.02
CA SER A 336 -52.47 -4.94 -33.90
C SER A 336 -52.09 -5.50 -32.51
N ILE A 337 -50.84 -5.93 -32.37
CA ILE A 337 -50.30 -6.39 -31.08
C ILE A 337 -49.10 -5.53 -30.65
N THR A 338 -48.72 -5.66 -29.37
CA THR A 338 -47.60 -4.93 -28.78
C THR A 338 -46.38 -5.86 -28.65
N GLY A 339 -45.19 -5.26 -28.53
CA GLY A 339 -43.96 -5.99 -28.21
C GLY A 339 -44.03 -6.66 -26.85
N SER A 340 -44.62 -5.97 -25.87
CA SER A 340 -44.83 -6.49 -24.50
C SER A 340 -45.50 -7.88 -24.52
N LYS A 341 -46.58 -8.00 -25.29
CA LYS A 341 -47.27 -9.27 -25.46
C LYS A 341 -46.45 -10.33 -26.19
N LEU A 342 -45.74 -9.90 -27.25
CA LEU A 342 -44.90 -10.81 -28.01
C LEU A 342 -43.71 -11.29 -27.19
N GLN A 343 -43.26 -10.44 -26.26
CA GLN A 343 -42.16 -10.79 -25.35
C GLN A 343 -42.58 -11.89 -24.36
N GLU A 344 -43.75 -11.75 -23.74
CA GLU A 344 -44.30 -12.79 -22.85
C GLU A 344 -44.53 -14.12 -23.60
N THR A 345 -45.16 -14.05 -24.77
CA THR A 345 -45.42 -15.24 -25.59
C THR A 345 -44.12 -15.97 -25.92
N CYS A 346 -43.10 -15.20 -26.32
CA CYS A 346 -41.79 -15.76 -26.67
C CYS A 346 -41.07 -16.35 -25.46
N ASN A 347 -41.18 -15.69 -24.31
CA ASN A 347 -40.65 -16.24 -23.07
C ASN A 347 -41.32 -17.60 -22.77
N ALA A 348 -42.64 -17.68 -22.97
CA ALA A 348 -43.39 -18.92 -22.75
C ALA A 348 -42.95 -20.08 -23.68
N ILE A 349 -42.41 -19.73 -24.86
CA ILE A 349 -41.91 -20.75 -25.79
C ILE A 349 -40.38 -20.91 -25.78
N ASN A 350 -39.72 -20.29 -24.79
CA ASN A 350 -38.24 -20.29 -24.72
C ASN A 350 -37.56 -19.50 -25.86
N VAL A 351 -38.18 -18.41 -26.28
CA VAL A 351 -37.55 -17.53 -27.26
C VAL A 351 -37.29 -16.19 -26.55
N SER A 352 -36.01 -15.88 -26.42
CA SER A 352 -35.63 -14.68 -25.71
C SER A 352 -35.47 -13.52 -26.67
N LEU A 353 -36.21 -12.46 -26.40
CA LEU A 353 -36.12 -11.21 -27.14
C LEU A 353 -36.58 -10.07 -26.24
N ASN A 354 -36.57 -8.85 -26.76
CA ASN A 354 -37.12 -7.73 -26.03
C ASN A 354 -38.03 -6.89 -26.89
N LYS A 355 -39.02 -6.31 -26.24
CA LYS A 355 -39.85 -5.30 -26.84
C LYS A 355 -39.00 -4.08 -27.15
N ASN A 356 -39.26 -3.47 -28.30
CA ASN A 356 -38.54 -2.30 -28.76
C ASN A 356 -39.50 -1.28 -29.37
N THR A 357 -39.17 0.00 -29.22
CA THR A 357 -39.96 1.08 -29.85
C THR A 357 -39.75 1.13 -31.37
N ILE A 358 -40.68 1.79 -32.05
CA ILE A 358 -40.55 2.08 -33.47
C ILE A 358 -40.68 3.61 -33.66
N PRO A 359 -40.37 4.15 -34.88
CA PRO A 359 -40.46 5.61 -35.09
C PRO A 359 -41.83 6.22 -34.81
N SER A 360 -42.91 5.54 -35.18
CA SER A 360 -44.26 6.05 -34.90
C SER A 360 -44.67 5.98 -33.42
N ASP A 361 -43.92 5.24 -32.60
CA ASP A 361 -44.25 5.05 -31.17
C ASP A 361 -44.13 6.34 -30.37
N VAL A 362 -45.05 6.50 -29.43
CA VAL A 362 -45.10 7.64 -28.51
C VAL A 362 -45.11 7.08 -27.05
N ASP A 363 -45.13 5.76 -26.94
CA ASP A 363 -45.26 5.05 -25.68
C ASP A 363 -44.02 4.20 -25.40
N CYS A 364 -43.55 4.20 -24.17
CA CYS A 364 -42.36 3.45 -23.77
C CYS A 364 -42.66 2.18 -22.99
N VAL A 365 -43.81 2.17 -22.31
CA VAL A 365 -44.27 1.02 -21.52
C VAL A 365 -44.78 -0.09 -22.48
N SER A 366 -45.62 0.30 -23.45
CA SER A 366 -46.08 -0.59 -24.53
C SER A 366 -45.63 -0.09 -25.91
N PRO A 367 -44.61 -0.75 -26.51
CA PRO A 367 -44.14 -0.38 -27.85
C PRO A 367 -44.73 -1.24 -28.97
N SER A 368 -44.53 -0.83 -30.22
CA SER A 368 -45.07 -1.54 -31.36
C SER A 368 -44.10 -2.51 -32.04
N GLY A 369 -42.98 -2.80 -31.39
CA GLY A 369 -42.03 -3.76 -31.91
C GLY A 369 -41.29 -4.67 -30.96
N VAL A 370 -40.54 -5.58 -31.55
CA VAL A 370 -39.57 -6.37 -30.84
C VAL A 370 -38.23 -6.21 -31.56
N ARG A 371 -37.13 -6.28 -30.81
CA ARG A 371 -35.82 -6.30 -31.41
C ARG A 371 -35.23 -7.71 -31.28
N ILE A 372 -34.60 -8.16 -32.35
CA ILE A 372 -33.96 -9.46 -32.42
C ILE A 372 -32.53 -9.34 -32.97
N GLY A 373 -31.69 -10.31 -32.63
CA GLY A 373 -30.29 -10.29 -33.00
C GLY A 373 -29.74 -11.67 -33.18
N THR A 374 -28.69 -11.77 -33.99
CA THR A 374 -28.10 -13.06 -34.32
C THR A 374 -26.80 -13.48 -33.57
N PRO A 375 -26.10 -12.57 -32.85
CA PRO A 375 -24.80 -12.96 -32.25
C PRO A 375 -24.80 -14.21 -31.39
N ALA A 376 -25.79 -14.37 -30.50
CA ALA A 376 -25.84 -15.55 -29.63
C ALA A 376 -26.03 -16.86 -30.40
N MET A 377 -27.04 -16.89 -31.28
CA MET A 377 -27.35 -18.10 -32.04
C MET A 377 -26.27 -18.47 -33.04
N THR A 378 -25.63 -17.45 -33.60
CA THR A 378 -24.47 -17.62 -34.46
C THR A 378 -23.36 -18.27 -33.67
N THR A 379 -23.18 -17.82 -32.42
CA THR A 379 -22.19 -18.38 -31.50
C THR A 379 -22.43 -19.86 -31.29
N ARG A 380 -23.71 -20.23 -31.28
CA ARG A 380 -24.17 -21.59 -31.06
C ARG A 380 -24.17 -22.45 -32.34
N GLY A 381 -23.65 -21.90 -33.42
CA GLY A 381 -23.41 -22.66 -34.64
C GLY A 381 -24.53 -22.64 -35.67
N ALA A 382 -25.57 -21.84 -35.44
CA ALA A 382 -26.68 -21.73 -36.37
C ALA A 382 -26.25 -20.99 -37.64
N LYS A 383 -26.75 -21.49 -38.78
CA LYS A 383 -26.39 -20.96 -40.10
C LYS A 383 -27.64 -20.40 -40.82
N GLU A 384 -27.43 -19.85 -42.02
CA GLU A 384 -28.51 -19.22 -42.81
C GLU A 384 -29.78 -20.06 -42.98
N LYS A 385 -29.60 -21.34 -43.29
CA LYS A 385 -30.70 -22.34 -43.37
C LYS A 385 -31.51 -22.44 -42.09
N ASP A 386 -30.84 -22.29 -40.93
CA ASP A 386 -31.48 -22.34 -39.61
C ASP A 386 -32.40 -21.13 -39.36
N MET A 387 -32.16 -20.06 -40.11
CA MET A 387 -32.83 -18.79 -39.91
C MET A 387 -34.30 -18.84 -40.29
N GLU A 388 -34.64 -19.62 -41.31
CA GLU A 388 -36.03 -19.83 -41.73
C GLU A 388 -36.88 -20.42 -40.58
N PHE A 389 -36.27 -21.35 -39.85
CA PHE A 389 -36.90 -21.94 -38.67
C PHE A 389 -37.20 -20.91 -37.59
N ILE A 390 -36.23 -20.06 -37.26
CA ILE A 390 -36.40 -18.99 -36.26
C ILE A 390 -37.50 -18.02 -36.71
N ALA A 391 -37.46 -17.70 -38.00
CA ALA A 391 -38.47 -16.88 -38.64
C ALA A 391 -39.85 -17.53 -38.54
N ASP A 392 -39.93 -18.84 -38.81
CA ASP A 392 -41.17 -19.60 -38.69
C ASP A 392 -41.69 -19.60 -37.23
N VAL A 393 -40.80 -19.90 -36.29
CA VAL A 393 -41.11 -19.84 -34.85
C VAL A 393 -41.68 -18.46 -34.44
N LEU A 394 -41.06 -17.38 -34.93
CA LEU A 394 -41.54 -16.02 -34.60
C LEU A 394 -42.89 -15.69 -35.21
N ALA A 395 -43.06 -16.05 -36.49
CA ALA A 395 -44.35 -15.97 -37.18
C ALA A 395 -45.44 -16.68 -36.37
N ARG A 396 -45.13 -17.89 -35.91
CA ARG A 396 -46.08 -18.70 -35.14
C ARG A 396 -46.40 -18.05 -33.78
N ALA A 397 -45.38 -17.48 -33.13
CA ALA A 397 -45.60 -16.76 -31.88
C ALA A 397 -46.48 -15.56 -32.12
N ILE A 398 -46.27 -14.86 -33.23
CA ILE A 398 -47.08 -13.70 -33.57
C ILE A 398 -48.55 -14.11 -33.73
N LYS A 399 -48.77 -15.20 -34.46
CA LYS A 399 -50.13 -15.70 -34.65
C LYS A 399 -50.79 -16.06 -33.31
N ILE A 400 -50.12 -16.90 -32.52
CA ILE A 400 -50.61 -17.28 -31.18
C ILE A 400 -50.95 -16.06 -30.32
N THR A 401 -50.19 -15.00 -30.47
CA THR A 401 -50.38 -13.75 -29.74
C THR A 401 -51.66 -13.03 -30.17
N VAL A 402 -51.98 -13.11 -31.47
CA VAL A 402 -53.19 -12.50 -32.03
C VAL A 402 -54.44 -13.23 -31.49
N ASP A 403 -54.37 -14.56 -31.50
CA ASP A 403 -55.42 -15.45 -30.99
C ASP A 403 -55.68 -15.18 -29.52
N LEU A 404 -54.60 -15.15 -28.72
CA LEU A 404 -54.69 -14.94 -27.27
C LEU A 404 -55.23 -13.57 -26.91
N GLN A 405 -54.93 -12.57 -27.72
CA GLN A 405 -55.45 -11.23 -27.53
C GLN A 405 -56.96 -11.20 -27.79
N GLU A 406 -57.39 -11.92 -28.82
CA GLU A 406 -58.81 -12.03 -29.14
C GLU A 406 -59.60 -12.68 -27.99
N GLN A 407 -59.09 -13.78 -27.45
CA GLN A 407 -59.77 -14.50 -26.37
C GLN A 407 -59.80 -13.75 -25.03
N TYR A 408 -58.64 -13.25 -24.60
CA TYR A 408 -58.47 -12.69 -23.26
C TYR A 408 -58.48 -11.16 -23.16
N GLY A 409 -58.28 -10.47 -24.28
CA GLY A 409 -58.29 -8.99 -24.31
C GLY A 409 -56.95 -8.29 -24.46
N LYS A 410 -57.01 -6.97 -24.64
CA LYS A 410 -55.85 -6.11 -24.87
C LYS A 410 -55.06 -5.76 -23.60
N LYS A 411 -55.66 -5.92 -22.41
CA LYS A 411 -54.94 -5.67 -21.15
C LYS A 411 -53.83 -6.71 -20.98
N LEU A 412 -52.63 -6.25 -20.61
CA LEU A 412 -51.47 -7.15 -20.51
C LEU A 412 -51.67 -8.25 -19.45
N VAL A 413 -52.25 -7.87 -18.31
CA VAL A 413 -52.56 -8.82 -17.22
C VAL A 413 -53.56 -9.90 -17.67
N ASP A 414 -54.60 -9.48 -18.38
CA ASP A 414 -55.58 -10.39 -18.97
C ASP A 414 -54.94 -11.34 -19.97
N PHE A 415 -54.09 -10.80 -20.84
CA PHE A 415 -53.39 -11.55 -21.87
C PHE A 415 -52.57 -12.71 -21.30
N LYS A 416 -51.82 -12.45 -20.22
CA LYS A 416 -50.93 -13.46 -19.64
C LYS A 416 -51.70 -14.68 -19.09
N LYS A 417 -52.97 -14.45 -18.76
CA LYS A 417 -53.88 -15.50 -18.27
C LYS A 417 -53.96 -16.67 -19.26
N GLY A 418 -53.85 -16.35 -20.55
CA GLY A 418 -53.93 -17.34 -21.62
C GLY A 418 -52.69 -18.17 -21.95
N LEU A 419 -51.53 -17.73 -21.45
CA LEU A 419 -50.26 -18.40 -21.76
C LEU A 419 -50.10 -19.80 -21.15
N PRO A 420 -50.30 -19.96 -19.82
CA PRO A 420 -50.02 -21.30 -19.27
C PRO A 420 -51.01 -22.39 -19.75
N GLY A 421 -50.46 -23.57 -20.03
CA GLY A 421 -51.27 -24.69 -20.47
C GLY A 421 -51.74 -24.70 -21.91
N ASN A 422 -51.60 -23.58 -22.63
CA ASN A 422 -51.94 -23.48 -24.06
C ASN A 422 -51.20 -24.54 -24.89
N ALA A 423 -51.99 -25.38 -25.57
CA ALA A 423 -51.47 -26.55 -26.30
C ALA A 423 -50.49 -26.19 -27.42
N GLN A 424 -50.79 -25.13 -28.18
CA GLN A 424 -49.91 -24.69 -29.28
C GLN A 424 -48.57 -24.19 -28.73
N LEU A 425 -48.63 -23.42 -27.64
CA LEU A 425 -47.44 -22.91 -26.97
C LEU A 425 -46.57 -24.02 -26.40
N GLN A 426 -47.22 -25.03 -25.79
CA GLN A 426 -46.52 -26.21 -25.28
C GLN A 426 -45.89 -26.96 -26.45
N GLN A 427 -46.61 -27.06 -27.55
CA GLN A 427 -46.10 -27.65 -28.78
C GLN A 427 -44.92 -26.84 -29.34
N LEU A 428 -45.03 -25.51 -29.30
CA LEU A 428 -43.99 -24.65 -29.88
C LEU A 428 -42.72 -24.65 -29.02
N LYS A 429 -42.88 -24.49 -27.71
CA LYS A 429 -41.78 -24.57 -26.73
C LYS A 429 -40.97 -25.86 -26.88
N GLN A 430 -41.67 -26.98 -27.01
CA GLN A 430 -41.04 -28.29 -27.17
C GLN A 430 -40.23 -28.37 -28.45
N GLU A 431 -40.80 -27.87 -29.53
CA GLU A 431 -40.09 -27.70 -30.81
C GLU A 431 -38.83 -26.86 -30.62
N VAL A 432 -38.95 -25.77 -29.85
CA VAL A 432 -37.82 -24.87 -29.57
C VAL A 432 -36.71 -25.55 -28.75
N VAL A 433 -37.11 -26.20 -27.65
CA VAL A 433 -36.20 -26.86 -26.71
C VAL A 433 -35.39 -27.96 -27.43
N THR A 434 -36.06 -28.76 -28.26
CA THR A 434 -35.44 -29.89 -28.97
C THR A 434 -34.30 -29.42 -29.85
N TRP A 435 -34.55 -28.39 -30.66
CA TRP A 435 -33.53 -27.89 -31.55
C TRP A 435 -32.41 -27.14 -30.81
N ALA A 436 -32.80 -26.28 -29.85
CA ALA A 436 -31.85 -25.46 -29.07
C ALA A 436 -30.97 -26.27 -28.12
N GLY A 437 -31.59 -27.26 -27.46
CA GLY A 437 -30.92 -28.12 -26.48
C GLY A 437 -29.78 -28.94 -27.03
N ALA A 438 -29.81 -29.19 -28.35
CA ALA A 438 -28.80 -29.97 -29.07
C ALA A 438 -27.70 -29.13 -29.74
N LEU A 439 -27.80 -27.81 -29.68
CA LEU A 439 -26.80 -26.93 -30.30
C LEU A 439 -25.54 -26.83 -29.45
N PRO A 440 -24.35 -26.62 -30.08
CA PRO A 440 -23.14 -26.44 -29.27
C PRO A 440 -23.27 -25.27 -28.28
N PHE A 441 -22.81 -25.49 -27.05
CA PHE A 441 -23.04 -24.59 -25.92
C PHE A 441 -21.73 -24.36 -25.16
N PRO A 442 -21.14 -23.15 -25.27
CA PRO A 442 -19.89 -22.93 -24.52
C PRO A 442 -20.10 -22.92 -23.02
N MET B 1 -19.66 -22.39 -32.86
CA MET B 1 -18.66 -21.58 -33.61
C MET B 1 -17.81 -20.72 -32.67
N PHE B 2 -17.25 -21.39 -31.66
CA PHE B 2 -16.44 -20.76 -30.62
C PHE B 2 -15.22 -21.61 -30.25
N ASN B 3 -14.22 -21.02 -29.60
CA ASN B 3 -13.11 -21.80 -29.08
C ASN B 3 -13.33 -22.22 -27.63
N ASN B 4 -13.26 -23.52 -27.38
CA ASN B 4 -13.53 -24.06 -26.03
C ASN B 4 -12.32 -24.54 -25.24
N GLU B 5 -11.13 -24.43 -25.82
CA GLU B 5 -9.88 -24.75 -25.13
C GLU B 5 -9.77 -23.96 -23.81
N PRO B 6 -9.29 -24.62 -22.71
CA PRO B 6 -9.13 -23.91 -21.43
C PRO B 6 -8.10 -22.80 -21.51
N LEU B 7 -8.15 -21.90 -20.51
CA LEU B 7 -7.32 -20.69 -20.46
C LEU B 7 -5.83 -20.94 -20.73
N GLU B 8 -5.26 -21.95 -20.07
CA GLU B 8 -3.85 -22.33 -20.27
C GLU B 8 -3.51 -22.59 -21.75
N GLN B 9 -4.35 -23.38 -22.41
CA GLN B 9 -4.16 -23.68 -23.83
C GLN B 9 -4.49 -22.49 -24.73
N ILE B 10 -5.63 -21.83 -24.51
CA ILE B 10 -6.10 -20.70 -25.37
C ILE B 10 -5.27 -19.43 -25.23
N ASP B 11 -4.87 -19.07 -24.01
CA ASP B 11 -4.10 -17.87 -23.79
C ASP B 11 -3.03 -18.14 -22.74
N LYS B 12 -1.93 -18.76 -23.21
CA LYS B 12 -0.80 -19.13 -22.36
C LYS B 12 -0.09 -17.92 -21.77
N GLU B 13 0.06 -16.84 -22.55
CA GLU B 13 0.64 -15.57 -22.07
C GLU B 13 -0.09 -15.04 -20.83
N LEU B 14 -1.43 -14.95 -20.90
CA LEU B 14 -2.24 -14.43 -19.79
C LEU B 14 -2.28 -15.38 -18.60
N HIS B 15 -2.30 -16.68 -18.89
CA HIS B 15 -2.39 -17.68 -17.83
C HIS B 15 -1.16 -17.67 -16.94
N ASP B 16 0.00 -17.36 -17.53
CA ASP B 16 1.26 -17.31 -16.80
C ASP B 16 1.28 -16.20 -15.77
N ILE B 17 0.90 -15.00 -16.22
CA ILE B 17 0.76 -13.84 -15.32
C ILE B 17 -0.21 -14.13 -14.17
N LEU B 18 -1.34 -14.76 -14.47
CA LEU B 18 -2.34 -15.09 -13.45
C LEU B 18 -1.83 -16.13 -12.44
N ALA B 19 -1.05 -17.09 -12.93
CA ALA B 19 -0.33 -18.06 -12.07
C ALA B 19 0.75 -17.35 -11.23
N ASP B 20 1.43 -16.39 -11.85
CA ASP B 20 2.37 -15.51 -11.15
C ASP B 20 1.70 -14.69 -10.03
N GLU B 21 0.57 -14.05 -10.35
CA GLU B 21 -0.22 -13.26 -9.41
C GLU B 21 -0.68 -14.11 -8.22
N GLU B 22 -1.14 -15.32 -8.52
CA GLU B 22 -1.59 -16.30 -7.53
C GLU B 22 -0.48 -16.62 -6.53
N LYS B 23 0.72 -16.86 -7.06
CA LYS B 23 1.91 -17.18 -6.28
C LYS B 23 2.29 -16.01 -5.36
N ARG B 24 2.41 -14.80 -5.92
CA ARG B 24 2.64 -13.57 -5.16
C ARG B 24 1.63 -13.42 -4.01
N GLN B 25 0.36 -13.73 -4.28
CA GLN B 25 -0.69 -13.65 -3.26
C GLN B 25 -0.44 -14.65 -2.14
N ARG B 26 -0.13 -15.89 -2.53
CA ARG B 26 0.11 -16.99 -1.61
C ARG B 26 1.29 -16.73 -0.66
N GLU B 27 2.21 -15.86 -1.12
CA GLU B 27 3.50 -15.61 -0.46
C GLU B 27 3.69 -14.18 0.06
N THR B 28 2.59 -13.44 0.17
CA THR B 28 2.61 -12.07 0.69
C THR B 28 1.97 -12.03 2.08
N ILE B 29 2.55 -11.22 2.97
CA ILE B 29 1.85 -10.75 4.17
C ILE B 29 0.99 -9.54 3.74
N ASN B 30 -0.30 -9.82 3.52
CA ASN B 30 -1.22 -8.83 3.01
C ASN B 30 -1.84 -7.99 4.13
N LEU B 31 -1.38 -6.76 4.24
CA LEU B 31 -1.88 -5.83 5.25
C LEU B 31 -2.72 -4.70 4.66
N ILE B 32 -3.17 -4.84 3.41
CA ILE B 32 -4.11 -3.86 2.83
C ILE B 32 -5.46 -3.99 3.55
N ALA B 33 -5.87 -2.90 4.19
CA ALA B 33 -7.03 -2.92 5.09
C ALA B 33 -8.33 -3.23 4.35
N SER B 34 -8.39 -2.81 3.08
CA SER B 34 -9.52 -3.04 2.18
C SER B 34 -9.48 -4.34 1.38
N GLU B 35 -8.48 -5.18 1.60
CA GLU B 35 -8.39 -6.46 0.86
C GLU B 35 -8.83 -7.66 1.67
N ASN B 36 -9.23 -8.70 0.94
CA ASN B 36 -9.56 -9.99 1.51
C ASN B 36 -9.29 -11.08 0.47
N LEU B 37 -9.66 -12.31 0.79
CA LEU B 37 -9.55 -13.42 -0.14
C LEU B 37 -10.86 -14.18 -0.14
N THR B 38 -11.47 -14.24 -1.31
CA THR B 38 -12.74 -14.91 -1.54
C THR B 38 -12.55 -16.43 -1.54
N ASN B 39 -13.57 -17.16 -1.10
CA ASN B 39 -13.55 -18.62 -1.21
C ASN B 39 -13.86 -19.09 -2.63
N GLY B 40 -13.75 -20.40 -2.87
CA GLY B 40 -14.03 -21.01 -4.19
C GLY B 40 -15.48 -20.83 -4.63
N ALA B 41 -16.40 -20.91 -3.66
CA ALA B 41 -17.83 -20.72 -3.89
C ALA B 41 -18.16 -19.36 -4.50
N VAL B 42 -17.58 -18.30 -3.94
CA VAL B 42 -17.75 -16.93 -4.47
C VAL B 42 -17.16 -16.80 -5.88
N ARG B 43 -16.01 -17.43 -6.11
CA ARG B 43 -15.37 -17.41 -7.44
C ARG B 43 -16.04 -18.30 -8.48
N GLU B 44 -16.71 -19.36 -8.03
CA GLU B 44 -17.55 -20.18 -8.91
C GLU B 44 -18.75 -19.39 -9.43
N CYS B 45 -19.27 -18.48 -8.61
CA CYS B 45 -20.38 -17.57 -8.95
C CYS B 45 -19.94 -16.50 -9.93
N LEU B 46 -18.78 -15.90 -9.68
CA LEU B 46 -18.23 -14.86 -10.55
C LEU B 46 -17.93 -15.42 -11.92
N GLY B 47 -17.62 -16.73 -11.96
CA GLY B 47 -17.32 -17.42 -13.19
C GLY B 47 -18.51 -18.02 -13.91
N ASN B 48 -19.71 -17.83 -13.35
CA ASN B 48 -20.94 -18.50 -13.82
C ASN B 48 -21.54 -17.84 -15.05
N ARG B 49 -22.29 -18.63 -15.82
CA ARG B 49 -22.97 -18.19 -17.05
C ARG B 49 -24.12 -17.19 -16.81
N VAL B 50 -24.45 -16.96 -15.55
CA VAL B 50 -25.50 -15.99 -15.18
C VAL B 50 -25.15 -14.57 -15.68
N SER B 51 -23.86 -14.31 -15.87
CA SER B 51 -23.35 -13.04 -16.46
C SER B 51 -23.69 -12.88 -17.95
N ASN B 52 -24.16 -13.97 -18.58
CA ASN B 52 -24.69 -13.91 -19.95
C ASN B 52 -25.98 -13.10 -20.09
N LYS B 53 -26.70 -12.94 -18.99
CA LYS B 53 -28.04 -12.38 -19.06
C LYS B 53 -28.10 -10.89 -18.93
N TYR B 54 -28.81 -10.25 -19.86
CA TYR B 54 -29.20 -8.86 -19.77
C TYR B 54 -30.53 -8.82 -19.03
N SER B 55 -30.58 -8.04 -17.96
CA SER B 55 -31.75 -8.04 -17.08
C SER B 55 -32.01 -6.67 -16.50
N GLU B 56 -31.99 -5.66 -17.38
CA GLU B 56 -32.28 -4.28 -17.03
C GLU B 56 -33.64 -4.10 -16.36
N GLY B 57 -33.67 -3.32 -15.29
CA GLY B 57 -34.89 -3.13 -14.51
C GLY B 57 -34.77 -3.79 -13.15
N TYR B 58 -35.88 -4.32 -12.66
CA TYR B 58 -35.95 -4.96 -11.32
C TYR B 58 -36.71 -6.29 -11.40
N PRO B 59 -36.59 -7.16 -10.37
CA PRO B 59 -37.27 -8.46 -10.50
C PRO B 59 -38.77 -8.30 -10.73
N LYS B 60 -39.30 -9.07 -11.69
CA LYS B 60 -40.70 -9.00 -12.16
C LYS B 60 -40.99 -7.82 -13.09
N LYS B 61 -40.01 -6.92 -13.25
CA LYS B 61 -40.19 -5.70 -14.07
C LYS B 61 -38.97 -5.49 -14.99
N ARG B 62 -38.64 -6.53 -15.75
CA ARG B 62 -37.50 -6.54 -16.64
C ARG B 62 -37.83 -5.93 -18.01
N TYR B 63 -36.79 -5.63 -18.78
CA TYR B 63 -36.97 -5.16 -20.14
C TYR B 63 -36.55 -6.24 -21.14
N TYR B 64 -36.44 -7.47 -20.66
CA TYR B 64 -36.10 -8.62 -21.49
C TYR B 64 -36.85 -9.86 -21.01
N GLY B 65 -37.11 -10.76 -21.95
CA GLY B 65 -37.59 -12.12 -21.66
C GLY B 65 -36.45 -12.98 -21.16
N GLY B 66 -36.79 -14.10 -20.49
CA GLY B 66 -35.81 -15.09 -20.03
C GLY B 66 -35.18 -14.77 -18.68
N ASN B 67 -35.87 -13.98 -17.86
CA ASN B 67 -35.34 -13.53 -16.58
C ASN B 67 -35.94 -14.19 -15.35
N ASP B 68 -36.58 -15.35 -15.53
CA ASP B 68 -37.23 -16.04 -14.41
C ASP B 68 -36.27 -16.45 -13.29
N PHE B 69 -35.15 -17.07 -13.66
CA PHE B 69 -34.21 -17.53 -12.66
C PHE B 69 -33.34 -16.40 -12.11
N ILE B 70 -33.05 -15.41 -12.97
CA ILE B 70 -32.35 -14.16 -12.58
C ILE B 70 -33.13 -13.39 -11.52
N ASP B 71 -34.46 -13.38 -11.64
CA ASP B 71 -35.32 -12.77 -10.62
C ASP B 71 -35.18 -13.44 -9.26
N LYS B 72 -35.17 -14.78 -9.24
CA LYS B 72 -34.94 -15.55 -8.00
C LYS B 72 -33.60 -15.21 -7.35
N ILE B 73 -32.54 -15.16 -8.17
CA ILE B 73 -31.20 -14.78 -7.75
C ILE B 73 -31.14 -13.35 -7.22
N GLU B 74 -31.79 -12.40 -7.89
CA GLU B 74 -31.77 -11.01 -7.38
C GLU B 74 -32.50 -10.85 -6.05
N GLU B 75 -33.65 -11.52 -5.91
CA GLU B 75 -34.49 -11.46 -4.68
C GLU B 75 -33.89 -12.17 -3.46
N LEU B 76 -33.30 -13.34 -3.70
CA LEU B 76 -32.55 -14.06 -2.68
C LEU B 76 -31.39 -13.22 -2.10
N CYS B 77 -30.74 -12.44 -2.97
CA CYS B 77 -29.66 -11.54 -2.58
C CYS B 77 -30.17 -10.43 -1.67
N GLN B 78 -31.23 -9.73 -2.12
CA GLN B 78 -31.89 -8.69 -1.31
C GLN B 78 -32.33 -9.26 0.03
N LYS B 79 -32.95 -10.44 0.00
CA LYS B 79 -33.36 -11.14 1.21
C LYS B 79 -32.16 -11.29 2.16
N ARG B 80 -31.09 -11.93 1.68
CA ARG B 80 -29.91 -12.23 2.51
C ARG B 80 -29.18 -10.98 3.02
N ALA B 81 -29.29 -9.86 2.29
CA ALA B 81 -28.65 -8.60 2.68
C ALA B 81 -29.30 -7.98 3.90
N LEU B 82 -30.63 -7.95 3.87
CA LEU B 82 -31.44 -7.43 4.96
C LEU B 82 -31.33 -8.35 6.18
N GLU B 83 -31.27 -9.66 5.93
CA GLU B 83 -31.00 -10.62 7.00
C GLU B 83 -29.66 -10.35 7.66
N ALA B 84 -28.58 -10.31 6.86
CA ALA B 84 -27.21 -10.09 7.35
C ALA B 84 -27.04 -8.88 8.26
N PHE B 85 -27.79 -7.80 8.02
CA PHE B 85 -27.71 -6.59 8.86
C PHE B 85 -28.84 -6.45 9.87
N ASN B 86 -29.58 -7.55 10.06
CA ASN B 86 -30.66 -7.63 11.04
C ASN B 86 -31.59 -6.41 10.94
N VAL B 87 -32.12 -6.22 9.74
CA VAL B 87 -33.12 -5.19 9.47
C VAL B 87 -34.34 -5.87 8.87
N SER B 88 -35.52 -5.43 9.31
CA SER B 88 -36.76 -6.01 8.81
C SER B 88 -36.99 -5.48 7.40
N ASP B 89 -37.30 -6.38 6.46
CA ASP B 89 -37.64 -5.98 5.08
C ASP B 89 -38.83 -5.03 5.01
N GLU B 90 -39.57 -4.94 6.12
CA GLU B 90 -40.71 -4.03 6.22
C GLU B 90 -40.25 -2.60 6.41
N GLU B 91 -39.15 -2.41 7.15
CA GLU B 91 -38.60 -1.08 7.49
C GLU B 91 -37.48 -0.60 6.54
N TRP B 92 -36.67 -1.56 6.09
CA TRP B 92 -35.47 -1.28 5.31
C TRP B 92 -35.55 -1.97 3.96
N GLY B 93 -35.15 -1.26 2.92
CA GLY B 93 -34.94 -1.87 1.61
C GLY B 93 -33.48 -1.82 1.14
N VAL B 94 -33.19 -2.61 0.11
CA VAL B 94 -31.83 -2.69 -0.42
C VAL B 94 -31.78 -2.84 -1.95
N ASN B 95 -30.85 -2.10 -2.55
CA ASN B 95 -30.49 -2.27 -3.94
C ASN B 95 -29.15 -3.04 -4.06
N VAL B 96 -29.19 -4.17 -4.77
CA VAL B 96 -28.03 -5.07 -4.93
C VAL B 96 -27.34 -4.94 -6.30
N GLN B 97 -27.66 -3.87 -7.03
CA GLN B 97 -27.11 -3.70 -8.39
C GLN B 97 -25.88 -2.80 -8.56
N PRO B 98 -25.53 -1.94 -7.59
CA PRO B 98 -24.32 -1.12 -7.84
C PRO B 98 -23.09 -1.98 -8.04
N LEU B 99 -22.29 -1.60 -9.03
CA LEU B 99 -21.16 -2.44 -9.47
C LEU B 99 -19.98 -2.39 -8.52
N SER B 100 -19.88 -1.30 -7.76
CA SER B 100 -18.77 -1.05 -6.84
C SER B 100 -19.14 0.11 -5.91
N GLY B 101 -18.37 0.27 -4.84
CA GLY B 101 -18.64 1.26 -3.82
C GLY B 101 -18.75 2.70 -4.28
N SER B 102 -17.85 3.07 -5.20
CA SER B 102 -17.79 4.41 -5.76
C SER B 102 -19.08 4.74 -6.53
N ALA B 103 -19.53 3.78 -7.34
CA ALA B 103 -20.81 3.87 -8.04
C ALA B 103 -22.01 4.00 -7.09
N ALA B 104 -22.15 3.05 -6.14
CA ALA B 104 -23.23 3.02 -5.13
C ALA B 104 -23.38 4.35 -4.43
N ASN B 105 -22.26 4.88 -3.93
CA ASN B 105 -22.21 6.18 -3.26
C ASN B 105 -22.69 7.34 -4.14
N VAL B 106 -22.23 7.39 -5.39
CA VAL B 106 -22.62 8.45 -6.33
C VAL B 106 -24.11 8.38 -6.63
N GLN B 107 -24.60 7.16 -6.86
CA GLN B 107 -25.98 6.86 -7.08
C GLN B 107 -26.82 7.30 -5.86
N ALA B 108 -26.48 6.80 -4.66
CA ALA B 108 -27.23 7.10 -3.44
C ALA B 108 -27.29 8.60 -3.13
N LEU B 109 -26.17 9.31 -3.35
CA LEU B 109 -26.14 10.73 -3.08
C LEU B 109 -27.09 11.47 -4.02
N TYR B 110 -27.04 11.14 -5.30
CA TYR B 110 -27.88 11.79 -6.30
C TYR B 110 -29.35 11.59 -5.97
N ALA B 111 -29.72 10.35 -5.67
CA ALA B 111 -31.07 10.01 -5.20
C ALA B 111 -31.54 10.94 -4.09
N LEU B 112 -30.64 11.23 -3.13
CA LEU B 112 -30.96 12.10 -1.99
C LEU B 112 -30.94 13.60 -2.30
N VAL B 113 -29.98 14.05 -3.12
CA VAL B 113 -29.78 15.49 -3.33
C VAL B 113 -29.92 16.03 -4.74
N GLY B 114 -29.72 15.20 -5.76
CA GLY B 114 -29.72 15.66 -7.14
C GLY B 114 -28.50 16.50 -7.53
N VAL B 115 -28.48 16.96 -8.77
CA VAL B 115 -27.39 17.77 -9.31
C VAL B 115 -27.33 19.09 -8.58
N LYS B 116 -26.10 19.55 -8.30
CA LYS B 116 -25.83 20.77 -7.53
C LYS B 116 -26.21 20.65 -6.05
N GLY B 117 -26.76 19.49 -5.65
CA GLY B 117 -27.15 19.23 -4.26
C GLY B 117 -26.00 19.37 -3.27
N LYS B 118 -26.34 19.74 -2.03
CA LYS B 118 -25.32 20.01 -1.00
C LYS B 118 -25.05 18.77 -0.16
N ILE B 119 -23.77 18.42 -0.04
CA ILE B 119 -23.34 17.25 0.75
C ILE B 119 -22.15 17.57 1.66
N MET B 120 -22.05 16.86 2.78
CA MET B 120 -20.95 17.03 3.72
C MET B 120 -20.27 15.71 3.95
N GLY B 121 -18.94 15.74 3.87
CA GLY B 121 -18.14 14.53 4.07
C GLY B 121 -16.86 14.80 4.82
N MET B 122 -16.26 13.74 5.34
CA MET B 122 -14.92 13.83 5.93
C MET B 122 -13.88 13.92 4.82
N HIS B 123 -12.87 14.75 5.08
CA HIS B 123 -11.78 15.02 4.13
C HIS B 123 -10.95 13.75 3.93
N LEU B 124 -10.30 13.66 2.78
CA LEU B 124 -9.46 12.51 2.43
C LEU B 124 -8.27 12.35 3.35
N CYS B 125 -7.60 13.45 3.70
CA CYS B 125 -6.45 13.46 4.61
C CYS B 125 -6.81 13.04 6.04
N SER B 126 -8.10 13.14 6.36
CA SER B 126 -8.62 12.80 7.68
C SER B 126 -9.18 11.39 7.77
N GLY B 127 -9.26 10.68 6.64
CA GLY B 127 -9.75 9.30 6.63
C GLY B 127 -10.97 9.03 5.77
N GLY B 128 -11.53 10.09 5.19
CA GLY B 128 -12.72 9.98 4.32
C GLY B 128 -12.44 9.43 2.93
N HIS B 129 -13.51 9.04 2.24
CA HIS B 129 -13.37 8.52 0.89
C HIS B 129 -13.38 9.63 -0.15
N LEU B 130 -12.89 9.30 -1.34
CA LEU B 130 -13.01 10.15 -2.50
C LEU B 130 -14.48 10.50 -2.76
N THR B 131 -15.36 9.49 -2.72
CA THR B 131 -16.77 9.65 -3.03
C THR B 131 -17.58 10.34 -1.93
N HIS B 132 -16.88 10.82 -0.89
CA HIS B 132 -17.51 11.64 0.17
C HIS B 132 -17.34 13.14 -0.09
N GLY B 133 -17.22 13.52 -1.36
CA GLY B 133 -17.16 14.93 -1.72
C GLY B 133 -15.80 15.54 -1.92
N PHE B 134 -14.76 14.71 -2.02
CA PHE B 134 -13.38 15.22 -2.04
C PHE B 134 -13.01 16.12 -3.22
N PHE B 135 -12.38 17.23 -2.87
CA PHE B 135 -11.72 18.12 -3.81
C PHE B 135 -10.52 18.74 -3.09
N ASP B 136 -9.58 19.30 -3.85
CA ASP B 136 -8.55 20.21 -3.33
C ASP B 136 -8.75 21.60 -3.96
N GLU B 137 -7.93 22.56 -3.57
CA GLU B 137 -8.01 23.91 -4.16
C GLU B 137 -7.92 23.87 -5.71
N LYS B 138 -6.91 23.18 -6.23
CA LYS B 138 -6.61 23.10 -7.68
C LYS B 138 -7.71 22.48 -8.55
N LYS B 139 -8.34 21.40 -8.09
CA LYS B 139 -9.33 20.67 -8.89
C LYS B 139 -10.43 20.02 -8.07
N LYS B 140 -11.58 19.81 -8.72
CA LYS B 140 -12.66 18.99 -8.19
C LYS B 140 -12.38 17.50 -8.47
N VAL B 141 -11.61 16.89 -7.57
CA VAL B 141 -11.00 15.58 -7.79
C VAL B 141 -12.02 14.46 -7.99
N SER B 142 -13.00 14.39 -7.10
CA SER B 142 -14.11 13.46 -7.25
C SER B 142 -15.30 14.15 -7.91
N ILE B 143 -16.09 13.40 -8.66
CA ILE B 143 -17.34 13.91 -9.23
C ILE B 143 -18.25 14.39 -8.08
N THR B 144 -18.09 13.78 -6.91
CA THR B 144 -18.88 14.15 -5.73
C THR B 144 -18.65 15.59 -5.29
N SER B 145 -17.55 16.20 -5.74
CA SER B 145 -17.31 17.61 -5.48
C SER B 145 -17.74 18.50 -6.64
N ASP B 146 -18.13 17.88 -7.75
CA ASP B 146 -18.47 18.62 -8.96
C ASP B 146 -19.95 18.58 -9.32
N MET B 147 -20.52 17.39 -9.38
CA MET B 147 -21.95 17.24 -9.62
C MET B 147 -22.76 17.59 -8.36
N PHE B 148 -22.06 17.62 -7.23
CA PHE B 148 -22.62 18.07 -5.96
C PHE B 148 -21.79 19.25 -5.46
N GLU B 149 -22.38 20.06 -4.58
CA GLU B 149 -21.62 21.06 -3.84
C GLU B 149 -21.26 20.42 -2.50
N SER B 150 -19.97 20.39 -2.21
CA SER B 150 -19.53 19.73 -0.99
C SER B 150 -18.68 20.61 -0.11
N LYS B 151 -18.77 20.36 1.19
CA LYS B 151 -17.84 20.92 2.17
C LYS B 151 -17.27 19.76 2.97
N LEU B 152 -16.03 19.92 3.43
CA LEU B 152 -15.31 18.82 4.06
C LEU B 152 -14.90 19.09 5.49
N TYR B 153 -15.28 18.19 6.39
CA TYR B 153 -14.88 18.29 7.79
C TYR B 153 -13.62 17.47 8.06
N LYS B 154 -12.68 18.09 8.79
CA LYS B 154 -11.45 17.45 9.18
C LYS B 154 -11.57 16.93 10.59
N CYS B 155 -10.78 15.92 10.90
CA CYS B 155 -10.59 15.45 12.27
C CYS B 155 -9.63 16.40 12.98
N ASN B 156 -9.58 16.32 14.30
CA ASN B 156 -8.66 17.11 15.14
C ASN B 156 -7.21 16.66 15.00
N SER B 157 -6.28 17.37 15.66
CA SER B 157 -4.86 17.00 15.62
C SER B 157 -4.57 15.58 16.17
N GLN B 158 -5.39 15.12 17.13
CA GLN B 158 -5.31 13.75 17.67
C GLN B 158 -5.79 12.68 16.69
N GLY B 159 -6.51 13.09 15.65
CA GLY B 159 -7.01 12.17 14.60
C GLY B 159 -8.42 11.64 14.75
N TYR B 160 -9.20 12.20 15.67
CA TYR B 160 -10.59 11.81 15.91
C TYR B 160 -11.56 12.78 15.24
N VAL B 161 -12.73 12.28 14.85
CA VAL B 161 -13.81 13.12 14.30
C VAL B 161 -14.14 14.20 15.34
N ASP B 162 -14.17 15.46 14.90
CA ASP B 162 -14.57 16.56 15.77
C ASP B 162 -16.03 16.92 15.52
N LEU B 163 -16.92 16.31 16.31
CA LEU B 163 -18.36 16.52 16.16
C LEU B 163 -18.78 17.98 16.30
N ASP B 164 -18.06 18.73 17.14
CA ASP B 164 -18.23 20.19 17.26
C ASP B 164 -18.05 20.88 15.91
N ALA B 165 -16.93 20.57 15.24
CA ALA B 165 -16.65 21.07 13.91
C ALA B 165 -17.72 20.62 12.91
N VAL B 166 -18.20 19.38 13.07
CA VAL B 166 -19.27 18.84 12.20
C VAL B 166 -20.53 19.70 12.33
N ARG B 167 -21.00 19.90 13.57
CA ARG B 167 -22.15 20.78 13.85
C ARG B 167 -21.92 22.23 13.37
N GLU B 168 -20.81 22.85 13.80
CA GLU B 168 -20.46 24.20 13.32
C GLU B 168 -20.65 24.31 11.81
N MET B 169 -20.09 23.34 11.08
CA MET B 169 -20.14 23.36 9.62
C MET B 169 -21.54 23.13 9.07
N ALA B 170 -22.27 22.15 9.61
CA ALA B 170 -23.64 21.86 9.19
C ALA B 170 -24.62 23.04 9.31
N LEU B 171 -24.52 23.80 10.40
CA LEU B 171 -25.41 24.94 10.63
C LEU B 171 -25.17 26.08 9.65
N SER B 172 -23.90 26.36 9.34
CA SER B 172 -23.56 27.34 8.31
C SER B 172 -23.79 26.85 6.88
N PHE B 173 -23.35 25.61 6.58
CA PHE B 173 -23.42 25.08 5.22
C PHE B 173 -24.80 24.59 4.79
N LYS B 174 -25.60 24.07 5.73
CA LYS B 174 -26.95 23.56 5.48
C LYS B 174 -26.99 22.47 4.38
N PRO B 175 -26.25 21.36 4.57
CA PRO B 175 -26.24 20.36 3.52
C PRO B 175 -27.48 19.51 3.56
N LYS B 176 -27.80 18.85 2.45
CA LYS B 176 -28.90 17.90 2.44
C LYS B 176 -28.46 16.51 2.93
N VAL B 177 -27.17 16.22 2.83
CA VAL B 177 -26.62 14.94 3.32
C VAL B 177 -25.34 15.18 4.11
N ILE B 178 -25.15 14.40 5.17
CA ILE B 178 -23.89 14.33 5.90
C ILE B 178 -23.41 12.88 5.86
N ILE B 179 -22.16 12.70 5.45
CA ILE B 179 -21.61 11.35 5.29
C ILE B 179 -20.67 11.00 6.45
N CYS B 180 -20.91 9.84 7.05
CA CYS B 180 -19.98 9.28 8.02
C CYS B 180 -19.75 7.82 7.65
N GLY B 181 -18.75 7.21 8.27
CA GLY B 181 -18.25 5.89 7.82
C GLY B 181 -17.12 6.17 6.85
N TYR B 182 -16.02 5.43 6.95
CA TYR B 182 -14.78 5.94 6.35
C TYR B 182 -13.86 4.93 5.72
N THR B 183 -12.82 5.43 5.03
CA THR B 183 -11.84 4.58 4.35
C THR B 183 -10.62 4.18 5.20
N SER B 184 -10.11 5.12 5.99
CA SER B 184 -8.95 4.85 6.83
C SER B 184 -9.11 5.50 8.20
N TYR B 185 -10.26 5.24 8.81
CA TYR B 185 -10.55 5.68 10.14
C TYR B 185 -10.47 4.49 11.09
N PRO B 186 -9.53 4.56 12.06
CA PRO B 186 -9.22 3.48 13.02
C PRO B 186 -10.17 3.41 14.24
N ARG B 187 -11.12 4.33 14.32
CA ARG B 187 -12.06 4.37 15.45
C ARG B 187 -13.54 4.20 15.07
N ASP B 188 -14.34 3.77 16.06
CA ASP B 188 -15.79 3.62 15.91
C ASP B 188 -16.46 5.00 15.75
N ILE B 189 -17.75 4.99 15.39
CA ILE B 189 -18.49 6.19 15.02
C ILE B 189 -19.70 6.42 15.93
N ASP B 190 -19.83 7.65 16.41
CA ASP B 190 -21.01 8.06 17.16
C ASP B 190 -22.14 8.39 16.17
N TYR B 191 -22.85 7.36 15.72
CA TYR B 191 -23.91 7.53 14.75
C TYR B 191 -25.05 8.35 15.31
N GLN B 192 -25.49 8.04 16.53
CA GLN B 192 -26.55 8.81 17.22
C GLN B 192 -26.23 10.31 17.22
N GLN B 193 -24.98 10.67 17.53
CA GLN B 193 -24.53 12.06 17.51
C GLN B 193 -24.66 12.68 16.12
N PHE B 194 -24.33 11.91 15.08
CA PHE B 194 -24.51 12.37 13.71
C PHE B 194 -25.98 12.60 13.40
N ARG B 195 -26.83 11.67 13.84
CA ARG B 195 -28.28 11.73 13.66
C ARG B 195 -28.87 13.02 14.25
N GLN B 196 -28.51 13.35 15.49
CA GLN B 196 -28.93 14.59 16.14
C GLN B 196 -28.48 15.85 15.34
N ILE B 197 -27.31 15.79 14.70
CA ILE B 197 -26.82 16.92 13.88
C ILE B 197 -27.61 17.08 12.58
N CYS B 198 -27.89 15.95 11.93
CA CYS B 198 -28.70 15.89 10.72
C CYS B 198 -30.12 16.41 10.98
N ASP B 199 -30.73 15.95 12.08
CA ASP B 199 -32.05 16.39 12.53
C ASP B 199 -32.18 17.92 12.66
N GLU B 200 -31.12 18.56 13.16
CA GLU B 200 -31.08 20.00 13.32
C GLU B 200 -31.19 20.80 12.04
N VAL B 201 -30.60 20.27 10.98
CA VAL B 201 -30.51 20.99 9.70
C VAL B 201 -31.38 20.35 8.61
N ASN B 202 -32.25 19.43 9.03
CA ASN B 202 -33.09 18.60 8.14
C ASN B 202 -32.29 17.91 7.02
N ALA B 203 -31.16 17.29 7.40
CA ALA B 203 -30.28 16.55 6.49
C ALA B 203 -30.46 15.06 6.63
N TYR B 204 -30.23 14.34 5.53
CA TYR B 204 -30.18 12.88 5.54
C TYR B 204 -28.90 12.39 6.23
N LEU B 205 -28.99 11.24 6.90
CA LEU B 205 -27.81 10.58 7.47
C LEU B 205 -27.33 9.44 6.59
N PHE B 206 -26.11 9.62 6.09
CA PHE B 206 -25.45 8.68 5.20
C PHE B 206 -24.31 8.01 5.97
N ALA B 207 -24.40 6.69 6.09
CA ALA B 207 -23.33 5.86 6.67
C ALA B 207 -22.76 4.89 5.64
N ASP B 208 -21.50 5.10 5.29
CA ASP B 208 -20.78 4.23 4.39
C ASP B 208 -19.92 3.34 5.26
N ILE B 209 -20.34 2.08 5.37
CA ILE B 209 -19.70 1.13 6.29
C ILE B 209 -18.85 0.06 5.58
N SER B 210 -18.36 0.37 4.38
CA SER B 210 -17.57 -0.56 3.56
C SER B 210 -16.42 -1.19 4.33
N HIS B 211 -15.65 -0.38 5.04
CA HIS B 211 -14.53 -0.91 5.82
C HIS B 211 -14.90 -1.72 7.05
N ILE B 212 -16.05 -1.40 7.64
CA ILE B 212 -16.40 -1.94 8.96
C ILE B 212 -17.68 -2.80 8.92
N SER B 213 -18.08 -3.18 7.70
CA SER B 213 -19.37 -3.84 7.45
C SER B 213 -19.58 -5.11 8.28
N SER B 214 -18.55 -5.94 8.37
CA SER B 214 -18.63 -7.18 9.13
C SER B 214 -18.85 -6.96 10.61
N PHE B 215 -18.27 -5.90 11.15
CA PHE B 215 -18.48 -5.54 12.53
C PHE B 215 -19.94 -5.17 12.80
N VAL B 216 -20.52 -4.42 11.87
CA VAL B 216 -21.90 -3.95 11.99
C VAL B 216 -22.85 -5.15 11.96
N ALA B 217 -22.62 -6.07 11.03
CA ALA B 217 -23.44 -7.28 10.89
C ALA B 217 -23.42 -8.16 12.14
N CYS B 218 -22.22 -8.36 12.70
CA CYS B 218 -22.00 -9.28 13.81
C CYS B 218 -22.19 -8.63 15.17
N ASN B 219 -22.66 -7.38 15.15
CA ASN B 219 -22.95 -6.60 16.37
C ASN B 219 -21.75 -6.40 17.31
N ILE B 220 -20.59 -6.17 16.70
CA ILE B 220 -19.34 -5.94 17.42
C ILE B 220 -19.04 -4.43 17.54
N LEU B 221 -19.46 -3.65 16.56
CA LEU B 221 -19.32 -2.20 16.64
C LEU B 221 -20.69 -1.51 16.59
N ASN B 222 -20.71 -0.20 16.71
CA ASN B 222 -21.94 0.57 16.60
C ASN B 222 -22.74 0.22 15.34
N ASN B 223 -24.06 0.24 15.48
CA ASN B 223 -24.97 -0.11 14.40
C ASN B 223 -25.54 1.15 13.78
N PRO B 224 -25.16 1.45 12.53
CA PRO B 224 -25.64 2.69 11.94
C PRO B 224 -27.13 2.62 11.55
N PHE B 225 -27.67 1.41 11.40
CA PHE B 225 -29.05 1.20 10.97
C PHE B 225 -30.08 1.71 11.96
N LEU B 226 -29.66 1.85 13.21
CA LEU B 226 -30.49 2.40 14.24
C LEU B 226 -30.82 3.86 13.98
N HIS B 227 -29.92 4.59 13.31
CA HIS B 227 -30.07 6.04 13.11
C HIS B 227 -30.02 6.53 11.66
N ALA B 228 -29.44 5.72 10.76
CA ALA B 228 -29.17 6.17 9.39
C ALA B 228 -30.33 6.08 8.42
N ASP B 229 -30.42 7.09 7.55
CA ASP B 229 -31.34 7.05 6.41
C ASP B 229 -30.81 6.14 5.30
N VAL B 230 -29.52 6.26 4.99
CA VAL B 230 -28.89 5.50 3.92
C VAL B 230 -27.64 4.81 4.43
N VAL B 231 -27.53 3.51 4.16
CA VAL B 231 -26.31 2.79 4.44
C VAL B 231 -25.75 2.17 3.17
N THR B 232 -24.51 2.54 2.83
CA THR B 232 -23.77 1.86 1.75
C THR B 232 -22.63 1.05 2.31
N THR B 233 -22.25 0.04 1.55
CA THR B 233 -21.10 -0.79 1.83
C THR B 233 -20.70 -1.47 0.53
N THR B 234 -19.40 -1.69 0.38
CA THR B 234 -18.90 -2.57 -0.64
C THR B 234 -18.95 -3.99 -0.08
N THR B 235 -18.82 -5.00 -0.94
CA THR B 235 -18.88 -6.39 -0.52
C THR B 235 -17.50 -7.12 -0.52
N HIS B 236 -16.48 -6.48 -1.10
CA HIS B 236 -15.16 -7.09 -1.31
C HIS B 236 -14.15 -6.93 -0.16
N LYS B 237 -14.47 -6.06 0.79
CA LYS B 237 -13.56 -5.80 1.90
C LYS B 237 -13.74 -6.82 3.04
N ILE B 238 -13.92 -6.32 4.26
CA ILE B 238 -14.06 -7.16 5.44
C ILE B 238 -15.20 -8.18 5.29
N LEU B 239 -16.25 -7.80 4.55
CA LEU B 239 -17.37 -8.71 4.27
C LEU B 239 -16.97 -9.99 3.53
N ARG B 240 -15.82 -9.95 2.86
CA ARG B 240 -15.20 -11.10 2.18
C ARG B 240 -16.03 -11.62 1.00
N GLY B 241 -16.79 -10.71 0.38
CA GLY B 241 -17.56 -11.02 -0.80
C GLY B 241 -16.80 -10.67 -2.06
N PRO B 242 -17.52 -10.62 -3.20
CA PRO B 242 -16.94 -10.22 -4.47
C PRO B 242 -16.89 -8.70 -4.55
N ARG B 243 -16.36 -8.17 -5.64
CA ARG B 243 -16.30 -6.74 -5.83
C ARG B 243 -17.66 -6.24 -6.31
N SER B 244 -18.38 -5.60 -5.39
CA SER B 244 -19.73 -5.12 -5.61
C SER B 244 -20.13 -4.21 -4.46
N ALA B 245 -21.28 -3.56 -4.59
CA ALA B 245 -21.79 -2.73 -3.49
C ALA B 245 -23.30 -2.86 -3.21
N LEU B 246 -23.69 -2.41 -2.01
CA LEU B 246 -25.09 -2.44 -1.56
C LEU B 246 -25.52 -1.07 -1.12
N ILE B 247 -26.75 -0.70 -1.47
CA ILE B 247 -27.40 0.50 -0.92
C ILE B 247 -28.60 0.12 -0.07
N PHE B 248 -28.54 0.50 1.21
CA PHE B 248 -29.63 0.33 2.14
C PHE B 248 -30.33 1.68 2.37
N PHE B 249 -31.66 1.63 2.39
CA PHE B 249 -32.48 2.81 2.64
C PHE B 249 -33.57 2.50 3.65
N ASN B 250 -33.74 3.43 4.58
CA ASN B 250 -34.76 3.37 5.60
C ASN B 250 -36.09 3.87 5.03
N LYS B 251 -36.96 2.91 4.68
CA LYS B 251 -38.30 3.17 4.13
C LYS B 251 -39.24 3.85 5.12
N LYS B 252 -39.05 3.52 6.41
CA LYS B 252 -39.92 3.96 7.48
C LYS B 252 -39.64 5.41 7.84
N ARG B 253 -38.36 5.78 7.83
CA ARG B 253 -37.95 7.16 8.10
C ARG B 253 -38.32 8.03 6.89
N ASN B 254 -38.20 7.47 5.68
CA ASN B 254 -38.43 8.23 4.43
C ASN B 254 -39.29 7.44 3.45
N PRO B 255 -40.59 7.77 3.35
CA PRO B 255 -41.43 7.12 2.34
C PRO B 255 -41.02 7.57 0.94
N GLY B 256 -41.16 6.67 -0.03
CA GLY B 256 -40.79 6.96 -1.41
C GLY B 256 -39.29 7.02 -1.71
N ILE B 257 -38.46 6.70 -0.71
CA ILE B 257 -37.00 6.59 -0.87
C ILE B 257 -36.65 5.39 -1.76
N GLU B 258 -37.40 4.29 -1.59
CA GLU B 258 -37.26 3.08 -2.36
C GLU B 258 -37.18 3.35 -3.86
N GLN B 259 -38.18 4.06 -4.39
CA GLN B 259 -38.24 4.43 -5.80
C GLN B 259 -37.06 5.35 -6.13
N LYS B 260 -36.84 6.37 -5.30
CA LYS B 260 -35.74 7.33 -5.49
C LYS B 260 -34.37 6.69 -5.66
N ILE B 261 -34.04 5.75 -4.75
CA ILE B 261 -32.80 5.00 -4.76
C ILE B 261 -32.78 4.08 -5.97
N ASN B 262 -33.86 3.34 -6.20
CA ASN B 262 -33.90 2.36 -7.29
C ASN B 262 -33.80 3.00 -8.67
N SER B 263 -34.43 4.15 -8.85
CA SER B 263 -34.38 4.84 -10.13
C SER B 263 -33.01 5.48 -10.35
N ALA B 264 -32.34 5.90 -9.27
CA ALA B 264 -30.95 6.37 -9.33
C ALA B 264 -29.96 5.31 -9.79
N VAL B 265 -30.09 4.08 -9.28
CA VAL B 265 -29.24 2.96 -9.74
C VAL B 265 -29.56 2.66 -11.20
N PHE B 266 -30.84 2.49 -11.50
CA PHE B 266 -31.32 2.34 -12.87
C PHE B 266 -32.66 3.06 -12.99
N PRO B 267 -32.91 3.85 -14.04
CA PRO B 267 -32.01 3.99 -15.21
C PRO B 267 -31.14 5.25 -15.22
N SER B 268 -31.11 5.97 -14.11
CA SER B 268 -30.26 7.16 -14.02
C SER B 268 -28.77 6.90 -14.34
N PHE B 269 -28.16 5.86 -13.75
CA PHE B 269 -26.71 5.66 -13.84
C PHE B 269 -26.30 4.38 -14.57
N GLN B 270 -26.79 3.24 -14.12
CA GLN B 270 -26.39 1.95 -14.68
C GLN B 270 -27.35 1.43 -15.76
N GLY B 271 -26.90 0.40 -16.47
CA GLY B 271 -27.71 -0.34 -17.42
C GLY B 271 -27.91 -1.75 -16.90
N GLY B 272 -27.48 -2.73 -17.69
CA GLY B 272 -27.61 -4.14 -17.32
C GLY B 272 -26.89 -4.46 -16.03
N PRO B 273 -27.58 -5.14 -15.09
CA PRO B 273 -26.90 -5.60 -13.86
C PRO B 273 -25.85 -6.67 -14.17
N HIS B 274 -24.87 -6.80 -13.29
CA HIS B 274 -23.89 -7.87 -13.42
C HIS B 274 -24.28 -9.02 -12.49
N ASN B 275 -24.97 -9.99 -13.11
CA ASN B 275 -25.67 -11.02 -12.37
C ASN B 275 -24.76 -12.00 -11.66
N ASN B 276 -23.56 -12.20 -12.22
CA ASN B 276 -22.51 -12.98 -11.53
C ASN B 276 -22.09 -12.35 -10.21
N LYS B 277 -22.01 -11.02 -10.18
CA LYS B 277 -21.78 -10.29 -8.92
C LYS B 277 -22.89 -10.60 -7.95
N ILE B 278 -24.13 -10.35 -8.37
CA ILE B 278 -25.31 -10.49 -7.51
C ILE B 278 -25.37 -11.90 -6.90
N ALA B 279 -25.14 -12.91 -7.73
CA ALA B 279 -25.03 -14.30 -7.29
C ALA B 279 -23.93 -14.47 -6.24
N ALA B 280 -22.72 -13.99 -6.53
CA ALA B 280 -21.61 -14.04 -5.59
C ALA B 280 -21.92 -13.35 -4.25
N VAL B 281 -22.53 -12.16 -4.31
CA VAL B 281 -22.92 -11.44 -3.10
C VAL B 281 -23.88 -12.30 -2.28
N ALA B 282 -24.89 -12.86 -2.94
CA ALA B 282 -25.88 -13.73 -2.27
C ALA B 282 -25.21 -14.85 -1.50
N CYS B 283 -24.24 -15.51 -2.14
CA CYS B 283 -23.49 -16.62 -1.55
C CYS B 283 -22.74 -16.21 -0.29
N GLN B 284 -22.05 -15.08 -0.36
CA GLN B 284 -21.28 -14.60 0.77
C GLN B 284 -22.17 -14.12 1.92
N LEU B 285 -23.33 -13.57 1.57
CA LEU B 285 -24.27 -13.05 2.55
C LEU B 285 -24.85 -14.14 3.47
N LYS B 286 -25.07 -15.33 2.91
CA LYS B 286 -25.44 -16.51 3.72
C LYS B 286 -24.38 -16.77 4.79
N GLU B 287 -23.12 -16.81 4.36
CA GLU B 287 -21.97 -16.97 5.24
C GLU B 287 -21.87 -15.84 6.27
N VAL B 288 -22.16 -14.61 5.87
CA VAL B 288 -22.08 -13.46 6.80
C VAL B 288 -22.95 -13.67 8.04
N HIS B 289 -24.14 -14.24 7.84
CA HIS B 289 -25.13 -14.40 8.92
C HIS B 289 -24.89 -15.59 9.89
N SER B 290 -23.98 -16.50 9.54
CA SER B 290 -23.63 -17.64 10.40
C SER B 290 -22.86 -17.21 11.66
N PRO B 291 -22.92 -18.05 12.75
CA PRO B 291 -22.09 -17.78 13.95
C PRO B 291 -20.58 -17.93 13.69
N ALA B 292 -20.23 -18.71 12.66
CA ALA B 292 -18.83 -18.94 12.29
C ALA B 292 -18.15 -17.68 11.73
N PHE B 293 -18.87 -16.90 10.94
CA PHE B 293 -18.32 -15.66 10.39
C PHE B 293 -18.17 -14.60 11.47
N LYS B 294 -19.08 -14.61 12.45
CA LYS B 294 -18.94 -13.78 13.65
C LYS B 294 -17.62 -14.06 14.36
N GLU B 295 -17.24 -15.34 14.39
CA GLU B 295 -15.96 -15.75 14.96
C GLU B 295 -14.79 -15.14 14.19
N TYR B 296 -14.81 -15.30 12.86
CA TYR B 296 -13.81 -14.71 11.99
C TYR B 296 -13.68 -13.21 12.27
N THR B 297 -14.81 -12.50 12.31
CA THR B 297 -14.85 -11.05 12.53
C THR B 297 -14.27 -10.68 13.88
N GLN B 298 -14.58 -11.46 14.91
CA GLN B 298 -14.02 -11.26 16.25
C GLN B 298 -12.52 -11.35 16.20
N GLN B 299 -12.03 -12.40 15.53
CA GLN B 299 -10.61 -12.63 15.35
C GLN B 299 -9.90 -11.47 14.62
N VAL B 300 -10.60 -10.85 13.66
CA VAL B 300 -10.08 -9.66 12.95
C VAL B 300 -9.75 -8.56 13.97
N LEU B 301 -10.67 -8.28 14.89
CA LEU B 301 -10.44 -7.24 15.92
C LEU B 301 -9.41 -7.68 16.96
N LEU B 302 -9.48 -8.95 17.38
CA LEU B 302 -8.47 -9.52 18.28
C LEU B 302 -7.08 -9.25 17.69
N ASN B 303 -6.92 -9.59 16.41
CA ASN B 303 -5.64 -9.43 15.70
C ASN B 303 -5.16 -8.00 15.54
N SER B 304 -6.12 -7.11 15.27
CA SER B 304 -5.86 -5.68 15.11
C SER B 304 -5.46 -4.99 16.42
N LYS B 305 -6.08 -5.39 17.53
CA LYS B 305 -5.73 -4.91 18.87
C LYS B 305 -4.29 -5.32 19.21
N ALA B 306 -4.01 -6.62 19.04
CA ALA B 306 -2.70 -7.20 19.29
C ALA B 306 -1.61 -6.55 18.43
N LEU B 307 -1.91 -6.30 17.16
CA LEU B 307 -0.97 -5.69 16.24
C LEU B 307 -0.66 -4.24 16.64
N ALA B 308 -1.68 -3.51 17.04
CA ALA B 308 -1.51 -2.16 17.56
C ALA B 308 -0.62 -2.19 18.82
N LYS B 309 -0.94 -3.12 19.71
CA LYS B 309 -0.24 -3.31 20.99
C LYS B 309 1.26 -3.59 20.75
N ALA B 310 1.53 -4.55 19.87
CA ALA B 310 2.90 -4.96 19.53
C ALA B 310 3.69 -3.89 18.80
N LEU B 311 3.02 -3.08 17.97
CA LEU B 311 3.69 -1.98 17.30
C LEU B 311 4.06 -0.90 18.32
N ILE B 312 3.14 -0.60 19.25
CA ILE B 312 3.40 0.38 20.31
C ILE B 312 4.56 -0.06 21.22
N SER B 313 4.60 -1.35 21.52
CA SER B 313 5.67 -1.93 22.34
C SER B 313 7.05 -1.78 21.67
N LYS B 314 7.07 -1.66 20.35
CA LYS B 314 8.27 -1.38 19.56
C LYS B 314 8.48 0.11 19.23
N GLN B 315 7.82 1.02 19.94
CA GLN B 315 8.02 2.49 19.79
C GLN B 315 7.47 3.14 18.52
N ILE B 316 6.56 2.43 17.85
CA ILE B 316 5.90 2.95 16.66
C ILE B 316 4.64 3.72 17.09
N ASP B 317 4.48 4.92 16.54
CA ASP B 317 3.30 5.74 16.78
C ASP B 317 2.10 5.45 15.86
N LEU B 318 0.94 5.33 16.50
CA LEU B 318 -0.30 5.08 15.80
C LEU B 318 -1.21 6.29 15.92
N VAL B 319 -1.94 6.60 14.84
CA VAL B 319 -2.93 7.68 14.85
C VAL B 319 -4.06 7.24 15.78
N THR B 320 -4.44 8.13 16.70
CA THR B 320 -5.41 7.85 17.77
C THR B 320 -4.83 6.93 18.86
N ASN B 321 -3.55 6.54 18.72
CA ASN B 321 -2.85 5.63 19.64
C ASN B 321 -3.43 4.22 19.81
N GLY B 322 -4.25 3.82 18.84
CA GLY B 322 -4.79 2.48 18.81
C GLY B 322 -5.83 2.36 17.75
N THR B 323 -6.74 1.41 17.98
CA THR B 323 -7.74 1.02 17.01
C THR B 323 -9.00 0.46 17.70
N ASP B 324 -10.15 0.67 17.08
CA ASP B 324 -11.40 0.03 17.51
C ASP B 324 -11.83 -1.03 16.53
N ASN B 325 -11.08 -1.19 15.44
CA ASN B 325 -11.48 -2.08 14.36
C ASN B 325 -10.32 -2.89 13.75
N HIS B 326 -10.50 -3.26 12.49
CA HIS B 326 -9.55 -3.97 11.64
C HIS B 326 -8.32 -3.17 11.17
N LEU B 327 -8.30 -1.86 11.39
CA LEU B 327 -7.28 -1.01 10.75
C LEU B 327 -6.48 -0.09 11.66
N ILE B 328 -5.24 0.15 11.26
CA ILE B 328 -4.31 0.98 11.98
C ILE B 328 -3.66 1.89 10.95
N VAL B 329 -3.43 3.14 11.34
CA VAL B 329 -2.57 4.05 10.59
C VAL B 329 -1.34 4.36 11.45
N VAL B 330 -0.17 4.03 10.90
CA VAL B 330 1.12 4.29 11.55
C VAL B 330 1.60 5.68 11.17
N ASP B 331 1.90 6.49 12.18
CA ASP B 331 2.55 7.80 12.02
C ASP B 331 4.07 7.58 12.03
N LEU B 332 4.68 7.83 10.87
CA LEU B 332 6.11 7.58 10.66
C LEU B 332 7.00 8.81 10.86
N ARG B 333 6.43 9.96 11.25
CA ARG B 333 7.20 11.19 11.43
C ARG B 333 8.48 11.06 12.27
N LYS B 334 8.41 10.31 13.37
CA LYS B 334 9.57 10.15 14.27
C LYS B 334 10.78 9.49 13.59
N PHE B 335 10.52 8.82 12.47
CA PHE B 335 11.54 8.14 11.71
C PHE B 335 12.06 8.98 10.53
N SER B 336 11.44 10.13 10.32
CA SER B 336 11.74 11.03 9.20
C SER B 336 11.67 10.34 7.81
N ILE B 337 10.75 9.39 7.66
CA ILE B 337 10.50 8.72 6.37
C ILE B 337 9.03 8.87 5.95
N THR B 338 8.76 8.67 4.65
CA THR B 338 7.41 8.75 4.10
C THR B 338 6.72 7.39 4.01
N GLY B 339 5.39 7.39 3.91
CA GLY B 339 4.64 6.17 3.59
C GLY B 339 4.99 5.60 2.22
N SER B 340 5.33 6.49 1.28
CA SER B 340 5.69 6.12 -0.09
C SER B 340 6.91 5.21 -0.11
N LYS B 341 7.95 5.59 0.63
CA LYS B 341 9.18 4.81 0.73
C LYS B 341 8.95 3.48 1.45
N LEU B 342 8.14 3.52 2.52
CA LEU B 342 7.83 2.32 3.28
C LEU B 342 7.00 1.34 2.46
N GLN B 343 6.16 1.87 1.57
CA GLN B 343 5.38 1.03 0.63
C GLN B 343 6.29 0.23 -0.33
N GLU B 344 7.30 0.90 -0.89
CA GLU B 344 8.26 0.28 -1.80
C GLU B 344 9.08 -0.78 -1.10
N THR B 345 9.54 -0.47 0.12
CA THR B 345 10.31 -1.40 0.94
C THR B 345 9.51 -2.67 1.25
N CYS B 346 8.23 -2.48 1.59
CA CYS B 346 7.34 -3.57 1.95
C CYS B 346 6.97 -4.44 0.76
N ASN B 347 6.76 -3.81 -0.39
CA ASN B 347 6.56 -4.55 -1.62
C ASN B 347 7.79 -5.40 -1.97
N ALA B 348 8.99 -4.84 -1.80
CA ALA B 348 10.25 -5.57 -2.04
C ALA B 348 10.42 -6.81 -1.14
N ILE B 349 9.76 -6.78 0.04
CA ILE B 349 9.79 -7.92 0.96
C ILE B 349 8.50 -8.74 0.98
N ASN B 350 7.62 -8.49 0.00
CA ASN B 350 6.30 -9.16 -0.06
C ASN B 350 5.35 -8.81 1.10
N VAL B 351 5.37 -7.55 1.53
CA VAL B 351 4.37 -7.08 2.49
C VAL B 351 3.47 -6.07 1.79
N SER B 352 2.21 -6.43 1.68
CA SER B 352 1.23 -5.57 1.04
C SER B 352 0.66 -4.57 2.02
N LEU B 353 0.86 -3.29 1.70
CA LEU B 353 0.26 -2.19 2.44
C LEU B 353 0.14 -0.98 1.53
N ASN B 354 -0.43 0.10 2.04
CA ASN B 354 -0.49 1.35 1.30
C ASN B 354 -0.09 2.53 2.15
N LYS B 355 0.50 3.52 1.49
CA LYS B 355 0.76 4.83 2.07
C LYS B 355 -0.57 5.48 2.43
N ASN B 356 -0.55 6.28 3.48
CA ASN B 356 -1.74 6.95 3.98
C ASN B 356 -1.38 8.28 4.63
N THR B 357 -2.29 9.24 4.54
CA THR B 357 -2.10 10.52 5.20
C THR B 357 -2.31 10.40 6.71
N ILE B 358 -1.81 11.40 7.43
CA ILE B 358 -2.10 11.59 8.86
C ILE B 358 -2.68 13.02 8.98
N PRO B 359 -3.30 13.37 10.15
CA PRO B 359 -3.87 14.72 10.30
C PRO B 359 -2.93 15.89 9.97
N SER B 360 -1.69 15.85 10.43
CA SER B 360 -0.73 16.94 10.17
C SER B 360 -0.28 17.08 8.70
N ASP B 361 -0.51 16.04 7.88
CA ASP B 361 -0.10 16.03 6.47
C ASP B 361 -0.80 17.09 5.63
N VAL B 362 -0.06 17.61 4.66
CA VAL B 362 -0.54 18.60 3.69
C VAL B 362 -0.27 18.05 2.27
N ASP B 363 0.42 16.92 2.22
CA ASP B 363 0.89 16.31 0.97
C ASP B 363 0.18 14.97 0.74
N CYS B 364 -0.64 14.91 -0.31
CA CYS B 364 -1.32 13.68 -0.72
C CYS B 364 -0.35 12.71 -1.38
N VAL B 365 0.69 13.25 -2.00
CA VAL B 365 1.65 12.44 -2.78
C VAL B 365 2.77 11.86 -1.91
N SER B 366 3.22 12.63 -0.91
CA SER B 366 4.21 12.15 0.08
C SER B 366 3.64 12.12 1.53
N PRO B 367 2.81 11.10 1.86
CA PRO B 367 2.20 11.05 3.20
C PRO B 367 3.15 10.57 4.29
N SER B 368 2.80 10.88 5.54
CA SER B 368 3.63 10.56 6.69
C SER B 368 3.25 9.23 7.34
N GLY B 369 2.30 8.53 6.73
CA GLY B 369 1.83 7.27 7.27
C GLY B 369 1.67 6.13 6.29
N VAL B 370 1.48 4.95 6.86
CA VAL B 370 1.02 3.80 6.12
C VAL B 370 -0.25 3.29 6.79
N ARG B 371 -1.14 2.67 6.01
CA ARG B 371 -2.31 2.03 6.61
C ARG B 371 -2.22 0.51 6.50
N ILE B 372 -2.52 -0.15 7.61
CA ILE B 372 -2.52 -1.60 7.70
C ILE B 372 -3.87 -2.11 8.23
N GLY B 373 -4.18 -3.35 7.89
CA GLY B 373 -5.41 -3.99 8.29
C GLY B 373 -5.24 -5.47 8.46
N THR B 374 -6.10 -6.08 9.26
CA THR B 374 -6.00 -7.51 9.54
C THR B 374 -6.90 -8.50 8.78
N PRO B 375 -8.01 -8.04 8.14
CA PRO B 375 -8.97 -9.01 7.57
C PRO B 375 -8.38 -10.13 6.69
N ALA B 376 -7.41 -9.79 5.82
CA ALA B 376 -6.83 -10.80 4.93
C ALA B 376 -6.07 -11.89 5.68
N MET B 377 -5.21 -11.49 6.63
CA MET B 377 -4.36 -12.43 7.35
C MET B 377 -5.15 -13.27 8.35
N THR B 378 -6.20 -12.65 8.89
CA THR B 378 -7.16 -13.31 9.74
C THR B 378 -7.88 -14.41 8.96
N THR B 379 -8.19 -14.11 7.69
CA THR B 379 -8.79 -15.09 6.77
C THR B 379 -7.83 -16.27 6.55
N ARG B 380 -6.54 -15.94 6.54
CA ARG B 380 -5.48 -16.94 6.33
C ARG B 380 -5.06 -17.68 7.62
N GLY B 381 -5.85 -17.54 8.69
CA GLY B 381 -5.65 -18.27 9.93
C GLY B 381 -4.64 -17.71 10.92
N ALA B 382 -4.20 -16.47 10.71
CA ALA B 382 -3.31 -15.82 11.66
C ALA B 382 -4.06 -15.41 12.95
N LYS B 383 -3.40 -15.62 14.08
CA LYS B 383 -3.92 -15.31 15.41
C LYS B 383 -3.07 -14.21 16.09
N GLU B 384 -3.46 -13.83 17.31
CA GLU B 384 -2.76 -12.79 18.08
C GLU B 384 -1.25 -12.96 18.23
N LYS B 385 -0.83 -14.21 18.44
CA LYS B 385 0.59 -14.60 18.55
C LYS B 385 1.38 -14.24 17.29
N ASP B 386 0.74 -14.39 16.14
CA ASP B 386 1.32 -14.11 14.83
C ASP B 386 1.54 -12.62 14.59
N MET B 387 0.83 -11.80 15.37
CA MET B 387 0.84 -10.35 15.20
C MET B 387 2.17 -9.72 15.56
N GLU B 388 2.84 -10.24 16.59
CA GLU B 388 4.17 -9.77 16.99
C GLU B 388 5.18 -9.91 15.83
N PHE B 389 5.08 -11.03 15.11
CA PHE B 389 5.88 -11.27 13.94
C PHE B 389 5.69 -10.22 12.84
N ILE B 390 4.43 -9.89 12.52
CA ILE B 390 4.12 -8.86 11.50
C ILE B 390 4.65 -7.51 11.99
N ALA B 391 4.40 -7.24 13.27
CA ALA B 391 4.92 -6.08 13.94
C ALA B 391 6.45 -6.02 13.81
N ASP B 392 7.13 -7.14 14.06
CA ASP B 392 8.58 -7.22 13.91
C ASP B 392 9.05 -6.99 12.47
N VAL B 393 8.36 -7.62 11.51
CA VAL B 393 8.63 -7.46 10.08
C VAL B 393 8.49 -5.99 9.65
N LEU B 394 7.44 -5.30 10.14
CA LEU B 394 7.25 -3.87 9.82
C LEU B 394 8.31 -2.97 10.42
N ALA B 395 8.65 -3.24 11.68
CA ALA B 395 9.73 -2.54 12.37
C ALA B 395 11.04 -2.62 11.59
N ARG B 396 11.37 -3.82 11.15
CA ARG B 396 12.59 -4.05 10.40
C ARG B 396 12.55 -3.33 9.05
N ALA B 397 11.39 -3.37 8.39
CA ALA B 397 11.18 -2.61 7.16
C ALA B 397 11.37 -1.13 7.40
N ILE B 398 10.94 -0.63 8.56
CA ILE B 398 11.11 0.78 8.89
C ILE B 398 12.59 1.10 9.06
N LYS B 399 13.30 0.28 9.84
CA LYS B 399 14.75 0.43 10.00
C LYS B 399 15.47 0.43 8.65
N ILE B 400 15.27 -0.64 7.87
CA ILE B 400 15.87 -0.74 6.53
C ILE B 400 15.59 0.50 5.68
N THR B 401 14.37 1.05 5.79
CA THR B 401 14.00 2.26 5.05
C THR B 401 14.83 3.47 5.49
N VAL B 402 15.06 3.60 6.79
CA VAL B 402 15.87 4.72 7.31
C VAL B 402 17.31 4.64 6.78
N ASP B 403 17.88 3.44 6.84
CA ASP B 403 19.21 3.14 6.30
C ASP B 403 19.31 3.50 4.83
N LEU B 404 18.36 3.03 4.01
CA LEU B 404 18.38 3.28 2.58
C LEU B 404 18.21 4.75 2.22
N GLN B 405 17.47 5.49 3.04
CA GLN B 405 17.32 6.92 2.88
C GLN B 405 18.64 7.63 3.17
N GLU B 406 19.38 7.09 4.15
CA GLU B 406 20.69 7.60 4.53
C GLU B 406 21.66 7.43 3.37
N GLN B 407 21.69 6.22 2.81
CA GLN B 407 22.61 5.87 1.73
C GLN B 407 22.30 6.55 0.38
N TYR B 408 21.05 6.50 -0.03
CA TYR B 408 20.69 6.97 -1.37
C TYR B 408 20.00 8.33 -1.40
N GLY B 409 19.51 8.81 -0.26
CA GLY B 409 18.87 10.12 -0.17
C GLY B 409 17.35 10.15 -0.15
N LYS B 410 16.82 11.38 -0.05
CA LYS B 410 15.38 11.66 0.10
C LYS B 410 14.50 11.50 -1.17
N LYS B 411 15.07 11.64 -2.36
CA LYS B 411 14.29 11.50 -3.61
C LYS B 411 13.81 10.06 -3.79
N LEU B 412 12.54 9.90 -4.17
CA LEU B 412 11.93 8.56 -4.27
C LEU B 412 12.62 7.66 -5.31
N VAL B 413 12.95 8.24 -6.47
CA VAL B 413 13.76 7.55 -7.50
C VAL B 413 15.13 7.09 -6.99
N ASP B 414 15.84 7.99 -6.31
CA ASP B 414 17.13 7.68 -5.70
C ASP B 414 16.98 6.54 -4.70
N PHE B 415 15.96 6.65 -3.84
CA PHE B 415 15.67 5.66 -2.81
C PHE B 415 15.47 4.23 -3.36
N LYS B 416 14.72 4.11 -4.45
CA LYS B 416 14.40 2.79 -5.02
C LYS B 416 15.63 2.02 -5.52
N LYS B 417 16.69 2.76 -5.84
CA LYS B 417 17.97 2.25 -6.32
C LYS B 417 18.55 1.23 -5.31
N GLY B 418 18.29 1.46 -4.02
CA GLY B 418 18.80 0.62 -2.94
C GLY B 418 18.10 -0.71 -2.67
N LEU B 419 16.88 -0.87 -3.18
CA LEU B 419 16.08 -2.07 -2.90
C LEU B 419 16.57 -3.37 -3.58
N PRO B 420 16.92 -3.32 -4.90
CA PRO B 420 17.35 -4.59 -5.50
C PRO B 420 18.70 -5.10 -4.97
N GLY B 421 18.74 -6.40 -4.66
CA GLY B 421 19.95 -7.04 -4.17
C GLY B 421 20.38 -6.75 -2.74
N ASN B 422 19.69 -5.84 -2.06
CA ASN B 422 19.97 -5.53 -0.65
C ASN B 422 19.86 -6.81 0.17
N ALA B 423 20.94 -7.09 0.90
CA ALA B 423 21.08 -8.34 1.65
C ALA B 423 19.98 -8.53 2.71
N GLN B 424 19.69 -7.47 3.48
CA GLN B 424 18.69 -7.54 4.54
C GLN B 424 17.27 -7.72 3.98
N LEU B 425 16.97 -7.05 2.88
CA LEU B 425 15.69 -7.20 2.22
C LEU B 425 15.45 -8.62 1.69
N GLN B 426 16.50 -9.21 1.10
CA GLN B 426 16.45 -10.58 0.59
C GLN B 426 16.20 -11.55 1.73
N GLN B 427 16.90 -11.34 2.84
CA GLN B 427 16.73 -12.13 4.05
C GLN B 427 15.31 -11.95 4.60
N LEU B 428 14.81 -10.71 4.60
CA LEU B 428 13.46 -10.42 5.10
C LEU B 428 12.35 -11.00 4.21
N LYS B 429 12.46 -10.84 2.89
CA LYS B 429 11.51 -11.44 1.95
C LYS B 429 11.40 -12.96 2.12
N GLN B 430 12.54 -13.63 2.23
CA GLN B 430 12.56 -15.08 2.39
C GLN B 430 11.87 -15.45 3.71
N GLU B 431 12.23 -14.74 4.78
CA GLU B 431 11.54 -14.83 6.06
C GLU B 431 10.01 -14.64 5.92
N VAL B 432 9.59 -13.69 5.07
CA VAL B 432 8.17 -13.42 4.82
C VAL B 432 7.48 -14.55 4.03
N VAL B 433 8.10 -14.94 2.91
CA VAL B 433 7.60 -15.98 2.01
C VAL B 433 7.41 -17.32 2.75
N THR B 434 8.38 -17.68 3.61
CA THR B 434 8.37 -18.96 4.33
C THR B 434 7.13 -19.10 5.21
N TRP B 435 6.80 -18.05 5.94
CA TRP B 435 5.64 -18.07 6.82
C TRP B 435 4.34 -17.90 6.04
N ALA B 436 4.32 -16.97 5.09
CA ALA B 436 3.11 -16.67 4.28
C ALA B 436 2.69 -17.83 3.38
N GLY B 437 3.67 -18.51 2.78
CA GLY B 437 3.43 -19.62 1.85
C GLY B 437 2.79 -20.84 2.50
N ALA B 438 2.96 -20.97 3.82
CA ALA B 438 2.48 -22.12 4.60
C ALA B 438 1.03 -22.00 5.10
N LEU B 439 0.53 -20.77 5.16
CA LEU B 439 -0.82 -20.49 5.69
C LEU B 439 -1.94 -20.92 4.74
N PRO B 440 -3.11 -21.33 5.29
CA PRO B 440 -4.24 -21.68 4.42
C PRO B 440 -4.58 -20.57 3.41
N PHE B 441 -4.82 -21.00 2.17
CA PHE B 441 -5.07 -20.10 1.03
C PHE B 441 -6.37 -20.50 0.31
N PRO B 442 -7.45 -19.72 0.49
CA PRO B 442 -8.71 -20.04 -0.19
C PRO B 442 -8.57 -20.01 -1.70
N MET C 1 74.15 15.12 42.38
CA MET C 1 74.68 13.73 42.29
C MET C 1 73.77 12.87 41.40
N PHE C 2 73.59 13.35 40.16
CA PHE C 2 72.71 12.74 39.18
C PHE C 2 73.28 12.94 37.77
N ASN C 3 72.66 12.31 36.77
CA ASN C 3 73.05 12.50 35.38
C ASN C 3 72.07 13.40 34.62
N ASN C 4 72.58 14.50 34.08
CA ASN C 4 71.75 15.46 33.34
C ASN C 4 71.85 15.37 31.82
N GLU C 5 72.55 14.33 31.33
CA GLU C 5 72.62 14.00 29.90
C GLU C 5 71.23 13.89 29.28
N PRO C 6 70.99 14.55 28.11
CA PRO C 6 69.74 14.35 27.35
C PRO C 6 69.52 12.89 26.98
N LEU C 7 68.25 12.53 26.78
CA LEU C 7 67.85 11.15 26.54
C LEU C 7 68.65 10.45 25.43
N GLU C 8 68.89 11.18 24.33
CA GLU C 8 69.71 10.68 23.22
C GLU C 8 71.10 10.21 23.66
N GLN C 9 71.76 11.00 24.51
CA GLN C 9 73.06 10.63 25.07
C GLN C 9 72.98 9.55 26.15
N ILE C 10 72.11 9.72 27.15
CA ILE C 10 71.99 8.81 28.31
C ILE C 10 71.54 7.40 27.95
N ASP C 11 70.62 7.29 27.00
CA ASP C 11 70.05 6.01 26.59
C ASP C 11 69.77 6.05 25.10
N LYS C 12 70.84 5.91 24.30
CA LYS C 12 70.76 5.93 22.83
C LYS C 12 69.89 4.81 22.27
N GLU C 13 69.96 3.63 22.88
CA GLU C 13 69.15 2.46 22.50
C GLU C 13 67.62 2.74 22.55
N LEU C 14 67.16 3.28 23.68
CA LEU C 14 65.75 3.59 23.89
C LEU C 14 65.29 4.75 23.02
N HIS C 15 66.13 5.77 22.89
CA HIS C 15 65.80 6.97 22.11
C HIS C 15 65.53 6.61 20.67
N ASP C 16 66.29 5.63 20.15
CA ASP C 16 66.15 5.16 18.77
C ASP C 16 64.80 4.52 18.51
N ILE C 17 64.40 3.59 19.38
CA ILE C 17 63.07 2.99 19.35
C ILE C 17 61.98 4.07 19.39
N LEU C 18 62.11 5.03 20.32
CA LEU C 18 61.15 6.14 20.43
C LEU C 18 61.06 6.99 19.15
N ALA C 19 62.20 7.22 18.50
CA ALA C 19 62.24 7.93 17.22
C ALA C 19 61.59 7.08 16.11
N ASP C 20 61.81 5.76 16.17
CA ASP C 20 61.12 4.80 15.30
C ASP C 20 59.60 4.81 15.51
N GLU C 21 59.17 4.70 16.78
CA GLU C 21 57.75 4.78 17.16
C GLU C 21 57.10 6.05 16.63
N GLU C 22 57.82 7.17 16.74
CA GLU C 22 57.38 8.47 16.27
C GLU C 22 57.14 8.49 14.75
N LYS C 23 58.11 7.95 14.01
CA LYS C 23 58.04 7.82 12.55
C LYS C 23 56.85 6.94 12.11
N ARG C 24 56.71 5.77 12.75
CA ARG C 24 55.55 4.89 12.53
C ARG C 24 54.23 5.66 12.73
N GLN C 25 54.14 6.46 13.78
CA GLN C 25 52.93 7.24 14.07
C GLN C 25 52.61 8.27 12.99
N ARG C 26 53.67 8.96 12.54
CA ARG C 26 53.58 10.00 11.50
C ARG C 26 53.13 9.45 10.14
N GLU C 27 53.46 8.17 9.91
CA GLU C 27 53.26 7.50 8.63
C GLU C 27 52.17 6.42 8.64
N THR C 28 51.32 6.44 9.66
CA THR C 28 50.24 5.45 9.81
C THR C 28 48.89 6.12 9.62
N ILE C 29 47.97 5.42 8.94
CA ILE C 29 46.53 5.74 8.97
C ILE C 29 45.94 5.06 10.22
N ASN C 30 45.72 5.89 11.24
CA ASN C 30 45.31 5.42 12.55
C ASN C 30 43.79 5.42 12.72
N LEU C 31 43.22 4.23 12.72
CA LEU C 31 41.78 4.05 12.79
C LEU C 31 41.37 3.37 14.09
N ILE C 32 42.30 3.28 15.06
CA ILE C 32 41.94 2.81 16.41
C ILE C 32 40.96 3.83 17.01
N ALA C 33 39.76 3.36 17.34
CA ALA C 33 38.69 4.27 17.74
C ALA C 33 39.00 4.95 19.07
N SER C 34 39.77 4.26 19.92
CA SER C 34 40.19 4.75 21.24
C SER C 34 41.49 5.55 21.28
N GLU C 35 42.09 5.82 20.13
CA GLU C 35 43.36 6.57 20.08
C GLU C 35 43.18 8.00 19.62
N ASN C 36 44.13 8.83 20.03
CA ASN C 36 44.20 10.21 19.56
C ASN C 36 45.65 10.63 19.52
N LEU C 37 45.90 11.92 19.30
CA LEU C 37 47.25 12.48 19.32
C LEU C 37 47.22 13.76 20.13
N THR C 38 48.05 13.80 21.16
CA THR C 38 48.15 14.94 22.06
C THR C 38 49.04 16.03 21.48
N ASN C 39 48.71 17.29 21.79
CA ASN C 39 49.57 18.44 21.45
C ASN C 39 50.81 18.50 22.36
N GLY C 40 51.71 19.44 22.07
CA GLY C 40 52.93 19.64 22.87
C GLY C 40 52.66 20.07 24.31
N ALA C 41 51.63 20.90 24.50
CA ALA C 41 51.26 21.45 25.80
C ALA C 41 50.88 20.37 26.80
N VAL C 42 50.02 19.44 26.37
CA VAL C 42 49.62 18.28 27.21
C VAL C 42 50.85 17.41 27.54
N ARG C 43 51.75 17.25 26.56
CA ARG C 43 52.98 16.50 26.75
C ARG C 43 54.05 17.23 27.57
N GLU C 44 54.00 18.56 27.57
CA GLU C 44 54.85 19.39 28.44
C GLU C 44 54.46 19.23 29.89
N CYS C 45 53.18 18.98 30.14
CA CYS C 45 52.65 18.70 31.48
C CYS C 45 53.07 17.32 31.93
N LEU C 46 52.82 16.32 31.08
CA LEU C 46 53.17 14.93 31.38
C LEU C 46 54.63 14.77 31.76
N GLY C 47 55.49 15.65 31.22
CA GLY C 47 56.92 15.63 31.53
C GLY C 47 57.37 16.63 32.58
N ASN C 48 56.42 17.32 33.22
CA ASN C 48 56.74 18.37 34.19
C ASN C 48 57.10 17.81 35.54
N ARG C 49 57.94 18.52 36.29
CA ARG C 49 58.41 18.11 37.64
C ARG C 49 57.30 17.96 38.69
N VAL C 50 56.10 18.39 38.35
CA VAL C 50 54.93 18.27 39.22
C VAL C 50 54.68 16.81 39.66
N SER C 51 55.18 15.84 38.87
CA SER C 51 55.12 14.40 39.20
C SER C 51 56.08 13.98 40.32
N ASN C 52 56.97 14.87 40.73
CA ASN C 52 57.83 14.66 41.89
C ASN C 52 57.07 14.62 43.21
N LYS C 53 55.93 15.29 43.25
CA LYS C 53 55.21 15.53 44.50
C LYS C 53 54.35 14.37 44.92
N TYR C 54 54.49 13.99 46.19
CA TYR C 54 53.58 13.05 46.85
C TYR C 54 52.51 13.88 47.54
N SER C 55 51.25 13.56 47.28
CA SER C 55 50.15 14.38 47.73
C SER C 55 48.88 13.58 47.95
N GLU C 56 49.00 12.49 48.71
CA GLU C 56 47.84 11.67 49.10
C GLU C 56 46.78 12.45 49.87
N GLY C 57 45.52 12.19 49.53
CA GLY C 57 44.40 12.94 50.10
C GLY C 57 43.85 13.88 49.04
N TYR C 58 43.29 15.00 49.51
CA TYR C 58 42.58 15.95 48.65
C TYR C 58 43.06 17.37 48.92
N PRO C 59 42.77 18.34 48.00
CA PRO C 59 43.32 19.69 48.25
C PRO C 59 42.89 20.26 49.61
N LYS C 60 43.86 20.83 50.32
CA LYS C 60 43.74 21.36 51.71
C LYS C 60 43.88 20.28 52.78
N LYS C 61 43.82 19.00 52.37
CA LYS C 61 43.82 17.87 53.30
C LYS C 61 44.84 16.80 52.90
N ARG C 62 46.08 17.24 52.77
CA ARG C 62 47.18 16.39 52.35
C ARG C 62 47.81 15.67 53.54
N TYR C 63 48.64 14.68 53.23
CA TYR C 63 49.40 13.99 54.25
C TYR C 63 50.87 14.37 54.13
N TYR C 64 51.14 15.46 53.41
CA TYR C 64 52.50 15.95 53.18
C TYR C 64 52.52 17.46 53.12
N GLY C 65 53.65 18.03 53.55
CA GLY C 65 53.95 19.46 53.36
C GLY C 65 54.37 19.73 51.92
N GLY C 66 54.27 21.01 51.51
CA GLY C 66 54.74 21.46 50.20
C GLY C 66 53.74 21.26 49.09
N ASN C 67 52.46 21.14 49.46
CA ASN C 67 51.39 20.89 48.51
C ASN C 67 50.52 22.09 48.16
N ASP C 68 51.02 23.30 48.41
CA ASP C 68 50.26 24.52 48.15
C ASP C 68 49.94 24.73 46.67
N PHE C 69 50.90 24.47 45.80
CA PHE C 69 50.68 24.62 44.36
C PHE C 69 49.98 23.42 43.70
N ILE C 70 50.24 22.21 44.21
CA ILE C 70 49.50 20.99 43.83
C ILE C 70 48.00 21.11 44.13
N ASP C 71 47.66 21.71 45.27
CA ASP C 71 46.26 21.98 45.60
C ASP C 71 45.59 22.88 44.55
N LYS C 72 46.29 23.91 44.11
CA LYS C 72 45.80 24.81 43.04
C LYS C 72 45.57 24.06 41.72
N ILE C 73 46.54 23.21 41.34
CA ILE C 73 46.43 22.38 40.14
C ILE C 73 45.30 21.37 40.22
N GLU C 74 45.10 20.71 41.36
CA GLU C 74 43.97 19.77 41.48
C GLU C 74 42.60 20.46 41.40
N GLU C 75 42.47 21.59 42.08
CA GLU C 75 41.21 22.40 42.11
C GLU C 75 40.81 22.97 40.74
N LEU C 76 41.79 23.51 40.02
CA LEU C 76 41.57 23.99 38.65
C LEU C 76 41.11 22.88 37.70
N CYS C 77 41.66 21.68 37.89
CA CYS C 77 41.28 20.52 37.09
C CYS C 77 39.84 20.12 37.32
N GLN C 78 39.43 20.02 38.59
CA GLN C 78 38.01 19.77 38.93
C GLN C 78 37.13 20.89 38.37
N LYS C 79 37.56 22.14 38.58
CA LYS C 79 36.86 23.30 38.05
C LYS C 79 36.63 23.13 36.53
N ARG C 80 37.70 22.89 35.78
CA ARG C 80 37.61 22.76 34.32
C ARG C 80 36.84 21.51 33.87
N ALA C 81 36.94 20.42 34.63
CA ALA C 81 36.16 19.20 34.36
C ALA C 81 34.66 19.46 34.38
N LEU C 82 34.18 20.04 35.47
CA LEU C 82 32.76 20.36 35.65
C LEU C 82 32.28 21.40 34.64
N GLU C 83 33.12 22.37 34.35
CA GLU C 83 32.90 23.35 33.27
C GLU C 83 32.71 22.70 31.90
N ALA C 84 33.62 21.79 31.53
CA ALA C 84 33.59 21.12 30.23
C ALA C 84 32.35 20.28 29.96
N PHE C 85 31.76 19.72 31.01
CA PHE C 85 30.53 18.94 30.84
C PHE C 85 29.26 19.69 31.21
N ASN C 86 29.41 21.00 31.40
CA ASN C 86 28.29 21.92 31.63
C ASN C 86 27.38 21.51 32.80
N VAL C 87 28.05 21.16 33.90
CA VAL C 87 27.38 20.80 35.13
C VAL C 87 27.80 21.82 36.19
N SER C 88 26.84 22.21 37.03
CA SER C 88 27.11 23.17 38.08
C SER C 88 27.86 22.46 39.20
N ASP C 89 28.90 23.12 39.73
CA ASP C 89 29.66 22.55 40.85
C ASP C 89 28.82 22.32 42.12
N GLU C 90 27.63 22.93 42.17
CA GLU C 90 26.70 22.75 43.30
C GLU C 90 26.01 21.40 43.28
N GLU C 91 25.67 20.89 42.09
CA GLU C 91 24.94 19.62 41.90
C GLU C 91 25.84 18.40 41.54
N TRP C 92 26.96 18.67 40.89
CA TRP C 92 27.86 17.63 40.42
C TRP C 92 29.24 17.78 41.02
N GLY C 93 29.82 16.66 41.43
CA GLY C 93 31.23 16.62 41.80
C GLY C 93 32.06 15.73 40.91
N VAL C 94 33.38 15.95 40.95
CA VAL C 94 34.31 15.12 40.19
C VAL C 94 35.58 14.74 40.99
N ASN C 95 36.02 13.49 40.79
CA ASN C 95 37.34 13.06 41.21
C ASN C 95 38.32 12.93 40.01
N VAL C 96 39.43 13.67 40.10
CA VAL C 96 40.46 13.77 39.05
C VAL C 96 41.70 12.88 39.27
N GLN C 97 41.64 11.99 40.27
CA GLN C 97 42.79 11.16 40.62
C GLN C 97 42.87 9.75 40.00
N PRO C 98 41.76 9.18 39.47
CA PRO C 98 41.92 7.83 38.91
C PRO C 98 42.91 7.83 37.77
N LEU C 99 43.80 6.85 37.81
CA LEU C 99 44.96 6.83 36.92
C LEU C 99 44.61 6.42 35.51
N SER C 100 43.51 5.69 35.35
CA SER C 100 43.06 5.25 34.05
C SER C 100 41.60 4.79 34.11
N GLY C 101 41.01 4.54 32.94
CA GLY C 101 39.61 4.15 32.84
C GLY C 101 39.16 2.95 33.63
N SER C 102 40.03 1.96 33.73
CA SER C 102 39.70 0.70 34.40
C SER C 102 39.76 0.85 35.91
N ALA C 103 40.76 1.57 36.41
CA ALA C 103 40.83 1.93 37.84
C ALA C 103 39.61 2.75 38.28
N ALA C 104 39.32 3.84 37.56
CA ALA C 104 38.12 4.70 37.79
C ALA C 104 36.81 3.91 37.86
N ASN C 105 36.59 3.01 36.89
CA ASN C 105 35.39 2.19 36.85
C ASN C 105 35.28 1.24 38.05
N VAL C 106 36.40 0.61 38.41
CA VAL C 106 36.45 -0.29 39.57
C VAL C 106 36.21 0.47 40.87
N GLN C 107 36.88 1.62 41.00
CA GLN C 107 36.69 2.54 42.10
C GLN C 107 35.23 3.01 42.24
N ALA C 108 34.63 3.49 41.14
CA ALA C 108 33.23 3.99 41.18
C ALA C 108 32.22 2.90 41.48
N LEU C 109 32.45 1.69 40.98
CA LEU C 109 31.55 0.59 41.25
C LEU C 109 31.59 0.19 42.71
N TYR C 110 32.80 0.07 43.26
CA TYR C 110 32.96 -0.31 44.66
C TYR C 110 32.26 0.66 45.61
N ALA C 111 32.52 1.96 45.42
CA ALA C 111 31.83 3.04 46.14
C ALA C 111 30.32 2.84 46.21
N LEU C 112 29.71 2.48 45.07
CA LEU C 112 28.27 2.34 44.96
C LEU C 112 27.71 1.06 45.57
N VAL C 113 28.43 -0.06 45.43
CA VAL C 113 27.89 -1.39 45.77
C VAL C 113 28.69 -2.23 46.76
N GLY C 114 29.98 -1.95 46.91
CA GLY C 114 30.84 -2.75 47.78
C GLY C 114 31.15 -4.16 47.26
N VAL C 115 31.99 -4.86 48.03
CA VAL C 115 32.37 -6.24 47.72
C VAL C 115 31.12 -7.10 47.73
N LYS C 116 31.08 -8.04 46.77
CA LYS C 116 29.93 -8.93 46.53
C LYS C 116 28.71 -8.22 45.92
N GLY C 117 28.80 -6.89 45.77
CA GLY C 117 27.70 -6.06 45.23
C GLY C 117 27.27 -6.45 43.83
N LYS C 118 26.03 -6.12 43.47
CA LYS C 118 25.45 -6.55 42.20
C LYS C 118 25.44 -5.45 41.14
N ILE C 119 25.96 -5.80 39.96
CA ILE C 119 26.12 -4.84 38.85
C ILE C 119 25.63 -5.43 37.52
N MET C 120 25.14 -4.56 36.64
CA MET C 120 24.73 -4.99 35.32
C MET C 120 25.49 -4.21 34.27
N GLY C 121 26.01 -4.92 33.28
CA GLY C 121 26.72 -4.30 32.18
C GLY C 121 26.47 -5.00 30.86
N MET C 122 26.78 -4.31 29.77
CA MET C 122 26.72 -4.92 28.45
C MET C 122 27.87 -5.90 28.28
N HIS C 123 27.59 -7.01 27.60
CA HIS C 123 28.56 -8.06 27.31
C HIS C 123 29.64 -7.51 26.40
N LEU C 124 30.85 -8.02 26.59
CA LEU C 124 32.02 -7.61 25.80
C LEU C 124 31.79 -7.77 24.30
N CYS C 125 31.27 -8.93 23.89
CA CYS C 125 30.97 -9.24 22.47
C CYS C 125 29.92 -8.31 21.85
N SER C 126 29.04 -7.76 22.68
CA SER C 126 28.02 -6.84 22.25
C SER C 126 28.53 -5.41 22.14
N GLY C 127 29.71 -5.15 22.69
CA GLY C 127 30.33 -3.82 22.66
C GLY C 127 30.65 -3.22 24.01
N GLY C 128 30.34 -3.96 25.06
CA GLY C 128 30.64 -3.54 26.43
C GLY C 128 32.11 -3.65 26.81
N HIS C 129 32.50 -2.94 27.88
CA HIS C 129 33.89 -2.98 28.33
C HIS C 129 34.16 -4.14 29.30
N LEU C 130 35.44 -4.45 29.44
CA LEU C 130 35.93 -5.41 30.43
C LEU C 130 35.47 -5.04 31.84
N THR C 131 35.58 -3.75 32.19
CA THR C 131 35.24 -3.28 33.54
C THR C 131 33.73 -3.15 33.79
N HIS C 132 32.92 -3.59 32.84
CA HIS C 132 31.46 -3.61 32.98
C HIS C 132 30.93 -4.98 33.43
N GLY C 133 31.78 -5.76 34.10
CA GLY C 133 31.35 -7.00 34.70
C GLY C 133 31.68 -8.25 33.93
N PHE C 134 32.53 -8.10 32.91
CA PHE C 134 32.77 -9.19 31.99
C PHE C 134 33.38 -10.45 32.60
N PHE C 135 32.72 -11.57 32.30
CA PHE C 135 33.21 -12.90 32.62
C PHE C 135 32.89 -13.87 31.49
N ASP C 136 33.65 -14.96 31.47
CA ASP C 136 33.48 -16.08 30.56
C ASP C 136 32.79 -17.21 31.33
N GLU C 137 32.33 -18.22 30.62
CA GLU C 137 31.90 -19.45 31.28
C GLU C 137 33.08 -20.10 32.04
N LYS C 138 34.25 -20.12 31.39
CA LYS C 138 35.49 -20.66 31.95
C LYS C 138 36.05 -19.91 33.17
N LYS C 139 36.20 -18.58 33.03
CA LYS C 139 36.83 -17.77 34.10
C LYS C 139 36.21 -16.39 34.31
N LYS C 140 36.41 -15.86 35.51
CA LYS C 140 36.04 -14.49 35.83
C LYS C 140 37.12 -13.53 35.31
N VAL C 141 36.99 -13.15 34.05
CA VAL C 141 38.02 -12.40 33.30
C VAL C 141 38.36 -11.03 33.91
N SER C 142 37.34 -10.24 34.21
CA SER C 142 37.55 -8.97 34.88
C SER C 142 37.29 -9.13 36.36
N ILE C 143 38.01 -8.34 37.17
CA ILE C 143 37.74 -8.25 38.60
C ILE C 143 36.30 -7.81 38.85
N THR C 144 35.72 -7.10 37.88
CA THR C 144 34.35 -6.62 38.00
C THR C 144 33.34 -7.75 37.95
N SER C 145 33.78 -8.95 37.54
CA SER C 145 32.95 -10.14 37.60
C SER C 145 33.26 -10.98 38.83
N ASP C 146 34.33 -10.62 39.55
CA ASP C 146 34.78 -11.39 40.70
C ASP C 146 34.55 -10.72 42.06
N MET C 147 35.01 -9.46 42.19
CA MET C 147 34.80 -8.69 43.41
C MET C 147 33.36 -8.18 43.50
N PHE C 148 32.66 -8.23 42.37
CA PHE C 148 31.23 -7.94 42.26
C PHE C 148 30.54 -9.15 41.65
N GLU C 149 29.23 -9.28 41.90
CA GLU C 149 28.42 -10.27 41.19
C GLU C 149 27.81 -9.54 40.00
N SER C 150 28.07 -10.07 38.80
CA SER C 150 27.64 -9.39 37.59
C SER C 150 26.79 -10.23 36.67
N LYS C 151 25.89 -9.55 35.96
CA LYS C 151 25.11 -10.12 34.87
C LYS C 151 25.24 -9.26 33.64
N LEU C 152 25.28 -9.91 32.47
CA LEU C 152 25.56 -9.23 31.21
C LEU C 152 24.40 -9.27 30.23
N TYR C 153 23.99 -8.09 29.77
CA TYR C 153 22.93 -8.00 28.76
C TYR C 153 23.53 -7.87 27.37
N LYS C 154 23.06 -8.72 26.45
CA LYS C 154 23.51 -8.70 25.07
C LYS C 154 22.62 -7.78 24.27
N CYS C 155 23.20 -7.16 23.24
CA CYS C 155 22.44 -6.43 22.22
C CYS C 155 21.73 -7.44 21.33
N ASN C 156 20.71 -6.98 20.60
CA ASN C 156 19.99 -7.82 19.61
C ASN C 156 20.87 -8.25 18.43
N SER C 157 20.32 -9.09 17.55
CA SER C 157 21.02 -9.54 16.34
C SER C 157 21.45 -8.40 15.39
N GLN C 158 20.67 -7.32 15.35
CA GLN C 158 21.01 -6.12 14.55
C GLN C 158 22.15 -5.28 15.15
N GLY C 159 22.50 -5.58 16.42
CA GLY C 159 23.57 -4.88 17.13
C GLY C 159 23.13 -3.73 18.04
N TYR C 160 21.82 -3.59 18.22
CA TYR C 160 21.25 -2.53 19.07
C TYR C 160 20.99 -3.03 20.48
N VAL C 161 21.13 -2.13 21.46
CA VAL C 161 20.82 -2.41 22.86
C VAL C 161 19.35 -2.81 22.92
N ASP C 162 19.08 -3.98 23.51
CA ASP C 162 17.72 -4.43 23.72
C ASP C 162 17.25 -4.02 25.12
N LEU C 163 16.56 -2.89 25.16
CA LEU C 163 16.07 -2.32 26.42
C LEU C 163 15.07 -3.23 27.12
N ASP C 164 14.31 -4.01 26.35
CA ASP C 164 13.42 -5.04 26.90
C ASP C 164 14.22 -6.08 27.67
N ALA C 165 15.28 -6.58 27.05
CA ALA C 165 16.21 -7.50 27.71
C ALA C 165 16.81 -6.90 28.98
N VAL C 166 17.11 -5.59 28.95
CA VAL C 166 17.66 -4.86 30.12
C VAL C 166 16.69 -4.93 31.30
N ARG C 167 15.45 -4.46 31.10
CA ARG C 167 14.37 -4.57 32.08
C ARG C 167 14.09 -6.02 32.54
N GLU C 168 13.91 -6.93 31.60
CA GLU C 168 13.74 -8.36 31.93
C GLU C 168 14.82 -8.81 32.91
N MET C 169 16.07 -8.47 32.60
CA MET C 169 17.21 -8.81 33.46
C MET C 169 17.19 -8.09 34.80
N ALA C 170 16.98 -6.78 34.79
CA ALA C 170 16.99 -5.96 36.00
C ALA C 170 15.91 -6.35 37.04
N LEU C 171 14.72 -6.73 36.56
CA LEU C 171 13.62 -7.09 37.45
C LEU C 171 13.92 -8.39 38.20
N SER C 172 14.49 -9.37 37.49
CA SER C 172 14.90 -10.61 38.14
C SER C 172 16.22 -10.48 38.94
N PHE C 173 17.25 -9.88 38.33
CA PHE C 173 18.57 -9.80 38.96
C PHE C 173 18.68 -8.79 40.10
N LYS C 174 17.91 -7.70 40.00
CA LYS C 174 17.92 -6.62 41.00
C LYS C 174 19.31 -6.09 41.32
N PRO C 175 20.05 -5.62 40.29
CA PRO C 175 21.38 -5.08 40.53
C PRO C 175 21.28 -3.80 41.33
N LYS C 176 22.38 -3.42 41.99
CA LYS C 176 22.45 -2.12 42.66
C LYS C 176 22.92 -1.03 41.68
N VAL C 177 23.55 -1.46 40.57
CA VAL C 177 24.07 -0.58 39.52
C VAL C 177 23.79 -1.18 38.13
N ILE C 178 23.44 -0.33 37.17
CA ILE C 178 23.39 -0.69 35.75
C ILE C 178 24.33 0.23 34.96
N ILE C 179 25.14 -0.37 34.09
CA ILE C 179 26.14 0.37 33.31
C ILE C 179 25.71 0.55 31.84
N CYS C 180 25.79 1.78 31.35
CA CYS C 180 25.59 2.05 29.94
C CYS C 180 26.72 2.95 29.46
N GLY C 181 26.88 3.04 28.14
CA GLY C 181 28.05 3.74 27.55
C GLY C 181 29.14 2.69 27.35
N TYR C 182 29.80 2.71 26.19
CA TYR C 182 30.47 1.47 25.78
C TYR C 182 31.81 1.66 25.06
N THR C 183 32.50 0.53 24.89
CA THR C 183 33.82 0.50 24.23
C THR C 183 33.72 0.47 22.70
N SER C 184 32.82 -0.37 22.16
CA SER C 184 32.67 -0.46 20.72
C SER C 184 31.21 -0.46 20.24
N TYR C 185 30.43 0.51 20.74
CA TYR C 185 29.05 0.69 20.34
C TYR C 185 28.94 1.86 19.38
N PRO C 186 28.43 1.61 18.14
CA PRO C 186 28.40 2.64 17.09
C PRO C 186 27.18 3.58 17.11
N ARG C 187 26.31 3.40 18.10
CA ARG C 187 25.10 4.22 18.21
C ARG C 187 25.00 5.00 19.53
N ASP C 188 24.15 6.03 19.52
CA ASP C 188 23.82 6.80 20.72
C ASP C 188 23.03 5.93 21.70
N ILE C 189 22.90 6.43 22.93
CA ILE C 189 22.26 5.69 24.02
C ILE C 189 21.02 6.43 24.51
N ASP C 190 19.96 5.67 24.74
CA ASP C 190 18.79 6.20 25.42
C ASP C 190 18.99 6.14 26.95
N TYR C 191 19.69 7.15 27.47
CA TYR C 191 19.93 7.26 28.91
C TYR C 191 18.63 7.39 29.67
N GLN C 192 17.73 8.24 29.17
CA GLN C 192 16.42 8.45 29.80
C GLN C 192 15.75 7.10 30.09
N GLN C 193 15.76 6.21 29.09
CA GLN C 193 15.19 4.88 29.23
C GLN C 193 15.95 4.03 30.25
N PHE C 194 17.28 4.18 30.31
CA PHE C 194 18.05 3.50 31.34
C PHE C 194 17.65 3.96 32.75
N ARG C 195 17.55 5.28 32.91
CA ARG C 195 17.10 5.92 34.16
C ARG C 195 15.76 5.37 34.69
N GLN C 196 14.80 5.18 33.79
CA GLN C 196 13.50 4.58 34.12
C GLN C 196 13.64 3.16 34.66
N ILE C 197 14.54 2.37 34.06
CA ILE C 197 14.75 0.96 34.48
C ILE C 197 15.44 0.91 35.85
N CYS C 198 16.39 1.82 36.06
CA CYS C 198 17.09 1.95 37.33
C CYS C 198 16.12 2.34 38.44
N ASP C 199 15.23 3.30 38.15
CA ASP C 199 14.18 3.75 39.06
C ASP C 199 13.26 2.64 39.57
N GLU C 200 12.89 1.71 38.68
CA GLU C 200 12.01 0.61 39.04
C GLU C 200 12.64 -0.33 40.06
N VAL C 201 13.96 -0.51 39.94
CA VAL C 201 14.70 -1.50 40.75
C VAL C 201 15.55 -0.82 41.86
N ASN C 202 15.45 0.52 41.94
CA ASN C 202 16.25 1.34 42.87
C ASN C 202 17.78 1.15 42.68
N ALA C 203 18.17 1.07 41.41
CA ALA C 203 19.57 0.94 41.01
C ALA C 203 20.16 2.30 40.67
N TYR C 204 21.46 2.44 40.88
CA TYR C 204 22.19 3.60 40.40
C TYR C 204 22.33 3.53 38.87
N LEU C 205 22.36 4.70 38.24
CA LEU C 205 22.65 4.81 36.80
C LEU C 205 24.09 5.25 36.54
N PHE C 206 24.83 4.34 35.91
CA PHE C 206 26.26 4.50 35.62
C PHE C 206 26.43 4.65 34.10
N ALA C 207 26.94 5.81 33.69
CA ALA C 207 27.30 6.06 32.29
C ALA C 207 28.81 6.23 32.13
N ASP C 208 29.38 5.37 31.30
CA ASP C 208 30.80 5.37 31.00
C ASP C 208 30.91 5.89 29.57
N ILE C 209 31.35 7.13 29.46
CA ILE C 209 31.35 7.86 28.20
C ILE C 209 32.76 8.10 27.62
N SER C 210 33.71 7.25 27.99
CA SER C 210 35.11 7.38 27.57
C SER C 210 35.26 7.52 26.06
N HIS C 211 34.53 6.67 25.34
CA HIS C 211 34.51 6.71 23.89
C HIS C 211 33.82 7.90 23.25
N ILE C 212 32.85 8.47 23.93
CA ILE C 212 31.98 9.49 23.33
C ILE C 212 32.02 10.83 24.07
N SER C 213 33.00 10.99 24.96
CA SER C 213 33.07 12.13 25.90
C SER C 213 32.97 13.49 25.24
N SER C 214 33.70 13.67 24.14
CA SER C 214 33.69 14.91 23.39
C SER C 214 32.33 15.26 22.80
N PHE C 215 31.59 14.25 22.35
CA PHE C 215 30.23 14.45 21.87
C PHE C 215 29.33 14.96 22.98
N VAL C 216 29.47 14.39 24.18
CA VAL C 216 28.68 14.79 25.33
C VAL C 216 29.03 16.23 25.71
N ALA C 217 30.32 16.55 25.76
CA ALA C 217 30.78 17.88 26.11
C ALA C 217 30.27 18.97 25.17
N CYS C 218 30.34 18.68 23.87
CA CYS C 218 29.99 19.64 22.82
C CYS C 218 28.51 19.61 22.47
N ASN C 219 27.74 18.84 23.24
CA ASN C 219 26.29 18.77 23.08
C ASN C 219 25.83 18.24 21.71
N ILE C 220 26.64 17.34 21.13
CA ILE C 220 26.33 16.72 19.83
C ILE C 220 25.55 15.41 20.00
N LEU C 221 25.74 14.73 21.12
CA LEU C 221 24.94 13.54 21.40
C LEU C 221 24.18 13.68 22.71
N ASN C 222 23.37 12.67 23.04
CA ASN C 222 22.67 12.63 24.32
C ASN C 222 23.59 12.89 25.50
N ASN C 223 23.06 13.65 26.45
CA ASN C 223 23.77 14.02 27.67
C ASN C 223 23.35 13.10 28.81
N PRO C 224 24.30 12.31 29.34
CA PRO C 224 23.87 11.42 30.42
C PRO C 224 23.81 12.09 31.79
N PHE C 225 24.36 13.29 31.92
CA PHE C 225 24.36 14.04 33.18
C PHE C 225 22.94 14.43 33.63
N LEU C 226 22.05 14.52 32.66
CA LEU C 226 20.65 14.76 32.90
C LEU C 226 20.00 13.64 33.69
N HIS C 227 20.48 12.41 33.54
CA HIS C 227 19.85 11.24 34.17
C HIS C 227 20.77 10.41 35.09
N ALA C 228 22.08 10.49 34.85
CA ALA C 228 23.02 9.58 35.51
C ALA C 228 23.43 9.97 36.92
N ASP C 229 23.47 8.96 37.79
CA ASP C 229 24.04 9.09 39.11
C ASP C 229 25.57 9.21 39.04
N VAL C 230 26.19 8.33 38.24
CA VAL C 230 27.65 8.34 38.06
C VAL C 230 28.04 8.40 36.58
N VAL C 231 29.00 9.26 36.28
CA VAL C 231 29.56 9.33 34.94
C VAL C 231 31.07 9.17 35.01
N THR C 232 31.58 8.16 34.32
CA THR C 232 33.05 7.99 34.19
C THR C 232 33.51 8.20 32.76
N THR C 233 34.77 8.59 32.63
CA THR C 233 35.38 8.77 31.34
C THR C 233 36.89 8.79 31.44
N THR C 234 37.54 8.16 30.47
CA THR C 234 38.96 8.31 30.28
C THR C 234 39.19 9.69 29.66
N THR C 235 40.43 10.17 29.71
CA THR C 235 40.78 11.47 29.12
C THR C 235 41.56 11.38 27.78
N HIS C 236 42.02 10.19 27.41
CA HIS C 236 42.99 9.98 26.29
C HIS C 236 42.37 9.63 24.94
N LYS C 237 41.08 9.30 24.91
CA LYS C 237 40.40 8.94 23.67
C LYS C 237 39.94 10.19 22.92
N ILE C 238 38.66 10.26 22.61
CA ILE C 238 38.11 11.37 21.82
C ILE C 238 38.32 12.73 22.50
N LEU C 239 38.47 12.73 23.83
CA LEU C 239 38.79 13.94 24.58
C LEU C 239 40.17 14.51 24.26
N ARG C 240 41.06 13.66 23.72
CA ARG C 240 42.39 14.07 23.28
C ARG C 240 43.25 14.62 24.44
N GLY C 241 42.96 14.12 25.65
CA GLY C 241 43.76 14.44 26.84
C GLY C 241 44.87 13.44 27.06
N PRO C 242 45.49 13.46 28.26
CA PRO C 242 46.49 12.43 28.52
C PRO C 242 45.79 11.15 28.96
N ARG C 243 46.57 10.13 29.31
CA ARG C 243 46.00 8.87 29.78
C ARG C 243 45.67 9.00 31.25
N SER C 244 44.37 9.11 31.53
CA SER C 244 43.82 9.33 32.88
C SER C 244 42.32 9.17 32.87
N ALA C 245 41.71 9.17 34.04
CA ALA C 245 40.25 9.11 34.10
C ALA C 245 39.59 10.05 35.12
N LEU C 246 38.28 10.19 34.97
CA LEU C 246 37.45 11.09 35.78
C LEU C 246 36.22 10.37 36.29
N ILE C 247 35.89 10.59 37.56
CA ILE C 247 34.59 10.15 38.09
C ILE C 247 33.68 11.36 38.44
N PHE C 248 32.56 11.45 37.72
CA PHE C 248 31.50 12.41 37.97
C PHE C 248 30.38 11.75 38.77
N PHE C 249 29.95 12.43 39.84
CA PHE C 249 28.87 11.96 40.73
C PHE C 249 27.86 13.08 41.00
N ASN C 250 26.59 12.68 41.00
CA ASN C 250 25.49 13.62 41.24
C ASN C 250 25.18 13.78 42.73
N LYS C 251 25.68 14.86 43.33
CA LYS C 251 25.50 15.20 44.76
C LYS C 251 24.04 15.42 45.15
N LYS C 252 23.27 15.97 44.21
CA LYS C 252 21.89 16.37 44.41
C LYS C 252 20.95 15.18 44.34
N ARG C 253 21.27 14.21 43.51
CA ARG C 253 20.48 13.01 43.42
C ARG C 253 20.86 12.05 44.57
N ASN C 254 22.13 12.11 44.99
CA ASN C 254 22.66 11.21 46.03
C ASN C 254 23.50 11.98 47.03
N PRO C 255 22.89 12.45 48.14
CA PRO C 255 23.71 13.14 49.14
C PRO C 255 24.66 12.17 49.82
N GLY C 256 25.90 12.61 50.05
CA GLY C 256 26.94 11.79 50.65
C GLY C 256 27.63 10.83 49.71
N ILE C 257 27.30 10.89 48.41
CA ILE C 257 27.99 10.13 47.37
C ILE C 257 29.42 10.64 47.18
N GLU C 258 29.60 11.94 47.39
CA GLU C 258 30.91 12.58 47.31
C GLU C 258 31.97 11.88 48.17
N GLN C 259 31.61 11.61 49.42
CA GLN C 259 32.50 10.93 50.35
C GLN C 259 32.75 9.49 49.88
N LYS C 260 31.69 8.78 49.49
CA LYS C 260 31.78 7.40 49.01
C LYS C 260 32.73 7.24 47.82
N ILE C 261 32.55 8.09 46.81
CA ILE C 261 33.41 8.11 45.63
C ILE C 261 34.84 8.52 46.00
N ASN C 262 34.98 9.59 46.78
CA ASN C 262 36.31 10.11 47.09
C ASN C 262 37.17 9.18 47.92
N SER C 263 36.53 8.44 48.83
CA SER C 263 37.27 7.52 49.67
C SER C 263 37.53 6.18 48.98
N ALA C 264 36.73 5.84 47.96
CA ALA C 264 37.00 4.69 47.08
C ALA C 264 38.26 4.88 46.25
N VAL C 265 38.48 6.11 45.76
CA VAL C 265 39.73 6.49 45.04
C VAL C 265 40.90 6.51 46.02
N PHE C 266 40.79 7.26 47.11
CA PHE C 266 41.76 7.25 48.20
C PHE C 266 40.99 7.27 49.52
N PRO C 267 41.31 6.40 50.49
CA PRO C 267 42.47 5.50 50.44
C PRO C 267 42.15 4.04 50.10
N SER C 268 40.91 3.76 49.69
CA SER C 268 40.52 2.40 49.34
C SER C 268 41.38 1.69 48.28
N PHE C 269 41.69 2.37 47.17
CA PHE C 269 42.34 1.78 46.00
C PHE C 269 43.72 2.35 45.65
N GLN C 270 43.81 3.66 45.50
CA GLN C 270 45.05 4.32 45.10
C GLN C 270 45.82 4.91 46.30
N GLY C 271 47.07 5.33 46.04
CA GLY C 271 47.90 6.08 46.96
C GLY C 271 48.15 7.47 46.41
N GLY C 272 49.41 7.79 46.13
CA GLY C 272 49.82 9.11 45.66
C GLY C 272 49.31 9.42 44.27
N PRO C 273 48.56 10.54 44.11
CA PRO C 273 48.08 10.96 42.78
C PRO C 273 49.24 11.22 41.81
N HIS C 274 48.99 11.06 40.52
CA HIS C 274 49.99 11.41 39.51
C HIS C 274 49.71 12.84 39.04
N ASN C 275 50.44 13.79 39.65
CA ASN C 275 50.17 15.22 39.45
C ASN C 275 50.39 15.74 38.04
N ASN C 276 51.34 15.14 37.32
CA ASN C 276 51.54 15.41 35.88
C ASN C 276 50.31 15.07 35.02
N LYS C 277 49.62 13.97 35.36
CA LYS C 277 48.37 13.62 34.69
C LYS C 277 47.34 14.70 34.94
N ILE C 278 47.11 15.02 36.20
CA ILE C 278 46.15 16.07 36.63
C ILE C 278 46.39 17.39 35.90
N ALA C 279 47.64 17.85 35.91
CA ALA C 279 48.05 19.04 35.15
C ALA C 279 47.65 18.91 33.67
N ALA C 280 48.04 17.81 33.04
CA ALA C 280 47.74 17.57 31.64
C ALA C 280 46.25 17.50 31.36
N VAL C 281 45.50 16.83 32.23
CA VAL C 281 44.04 16.77 32.12
C VAL C 281 43.47 18.18 32.16
N ALA C 282 43.91 18.98 33.14
CA ALA C 282 43.42 20.34 33.30
C ALA C 282 43.62 21.16 32.01
N CYS C 283 44.81 21.01 31.42
CA CYS C 283 45.19 21.69 30.18
C CYS C 283 44.26 21.35 29.02
N GLN C 284 43.97 20.07 28.85
CA GLN C 284 43.12 19.64 27.75
C GLN C 284 41.68 20.09 27.94
N LEU C 285 41.24 20.11 29.20
CA LEU C 285 39.89 20.48 29.56
C LEU C 285 39.52 21.92 29.21
N LYS C 286 40.48 22.85 29.34
CA LYS C 286 40.30 24.22 28.86
C LYS C 286 39.92 24.20 27.38
N GLU C 287 40.74 23.49 26.59
CA GLU C 287 40.50 23.30 25.16
C GLU C 287 39.18 22.61 24.85
N VAL C 288 38.79 21.62 25.63
CA VAL C 288 37.49 20.93 25.43
C VAL C 288 36.32 21.92 25.40
N HIS C 289 36.39 22.93 26.27
CA HIS C 289 35.31 23.91 26.44
C HIS C 289 35.22 25.02 25.36
N SER C 290 36.26 25.15 24.53
CA SER C 290 36.30 26.17 23.48
C SER C 290 35.37 25.86 22.29
N PRO C 291 34.89 26.92 21.57
CA PRO C 291 34.10 26.68 20.36
C PRO C 291 34.91 25.97 19.25
N ALA C 292 36.23 26.14 19.26
CA ALA C 292 37.14 25.47 18.33
C ALA C 292 37.16 23.93 18.47
N PHE C 293 37.18 23.44 19.71
CA PHE C 293 37.17 21.98 19.95
C PHE C 293 35.84 21.39 19.50
N LYS C 294 34.76 22.16 19.67
CA LYS C 294 33.44 21.77 19.18
C LYS C 294 33.49 21.51 17.67
N GLU C 295 34.24 22.34 16.95
CA GLU C 295 34.42 22.17 15.50
C GLU C 295 35.10 20.82 15.21
N TYR C 296 36.21 20.56 15.89
CA TYR C 296 36.95 19.31 15.76
C TYR C 296 36.01 18.12 15.99
N THR C 297 35.23 18.16 17.07
CA THR C 297 34.30 17.09 17.41
C THR C 297 33.25 16.87 16.32
N GLN C 298 32.74 17.97 15.75
CA GLN C 298 31.78 17.89 14.64
C GLN C 298 32.42 17.19 13.45
N GLN C 299 33.65 17.58 13.14
CA GLN C 299 34.41 16.98 12.05
C GLN C 299 34.57 15.45 12.22
N VAL C 300 34.80 15.01 13.46
CA VAL C 300 34.89 13.58 13.79
C VAL C 300 33.65 12.84 13.31
N LEU C 301 32.45 13.38 13.61
CA LEU C 301 31.21 12.71 13.21
C LEU C 301 30.98 12.80 11.70
N LEU C 302 31.26 13.97 11.13
CA LEU C 302 31.19 14.18 9.68
C LEU C 302 32.06 13.16 8.96
N ASN C 303 33.30 12.95 9.44
CA ASN C 303 34.23 11.95 8.87
C ASN C 303 33.76 10.52 9.05
N SER C 304 33.19 10.24 10.22
CA SER C 304 32.66 8.92 10.54
C SER C 304 31.43 8.57 9.73
N LYS C 305 30.53 9.55 9.52
CA LYS C 305 29.37 9.41 8.65
C LYS C 305 29.81 9.08 7.23
N ALA C 306 30.75 9.89 6.72
CA ALA C 306 31.27 9.77 5.37
C ALA C 306 31.99 8.46 5.13
N LEU C 307 32.73 7.98 6.13
CA LEU C 307 33.47 6.72 6.04
C LEU C 307 32.53 5.53 6.04
N ALA C 308 31.47 5.61 6.85
CA ALA C 308 30.44 4.58 6.87
C ALA C 308 29.74 4.51 5.50
N LYS C 309 29.42 5.68 4.96
CA LYS C 309 28.75 5.82 3.66
C LYS C 309 29.61 5.25 2.54
N ALA C 310 30.90 5.62 2.53
CA ALA C 310 31.84 5.14 1.51
C ALA C 310 32.09 3.63 1.55
N LEU C 311 32.15 3.06 2.76
CA LEU C 311 32.34 1.61 2.87
C LEU C 311 31.12 0.86 2.34
N ILE C 312 29.92 1.34 2.69
CA ILE C 312 28.67 0.77 2.19
C ILE C 312 28.58 0.85 0.66
N SER C 313 29.00 1.99 0.10
CA SER C 313 29.10 2.18 -1.35
C SER C 313 30.00 1.13 -2.04
N LYS C 314 30.97 0.58 -1.29
CA LYS C 314 31.84 -0.52 -1.72
C LYS C 314 31.38 -1.91 -1.21
N GLN C 315 30.12 -2.04 -0.79
CA GLN C 315 29.51 -3.34 -0.40
C GLN C 315 30.11 -4.04 0.83
N ILE C 316 30.63 -3.22 1.76
CA ILE C 316 31.07 -3.69 3.06
C ILE C 316 29.91 -3.49 4.05
N ASP C 317 29.61 -4.54 4.82
CA ASP C 317 28.58 -4.48 5.85
C ASP C 317 29.06 -3.92 7.18
N LEU C 318 28.23 -3.03 7.73
CA LEU C 318 28.53 -2.40 9.00
C LEU C 318 27.51 -2.84 10.03
N VAL C 319 27.97 -3.03 11.27
CA VAL C 319 27.08 -3.39 12.37
C VAL C 319 26.18 -2.19 12.62
N THR C 320 24.87 -2.45 12.74
CA THR C 320 23.82 -1.43 12.80
C THR C 320 23.60 -0.69 11.47
N ASN C 321 24.38 -1.03 10.45
CA ASN C 321 24.32 -0.40 9.11
C ASN C 321 24.75 1.08 9.04
N GLY C 322 25.42 1.54 10.08
CA GLY C 322 25.94 2.88 10.10
C GLY C 322 26.42 3.24 11.49
N THR C 323 26.52 4.55 11.71
CA THR C 323 27.11 5.09 12.93
C THR C 323 26.38 6.36 13.40
N ASP C 324 26.30 6.53 14.71
CA ASP C 324 25.86 7.80 15.30
C ASP C 324 27.04 8.60 15.83
N ASN C 325 28.23 8.01 15.79
CA ASN C 325 29.39 8.61 16.43
C ASN C 325 30.68 8.46 15.61
N HIS C 326 31.80 8.53 16.33
CA HIS C 326 33.17 8.39 15.83
C HIS C 326 33.58 6.97 15.38
N LEU C 327 32.75 5.96 15.69
CA LEU C 327 33.16 4.56 15.51
C LEU C 327 32.27 3.69 14.61
N ILE C 328 32.90 2.81 13.86
CA ILE C 328 32.23 1.86 12.99
C ILE C 328 32.75 0.47 13.32
N VAL C 329 31.89 -0.54 13.23
CA VAL C 329 32.32 -1.93 13.26
C VAL C 329 31.98 -2.58 11.91
N VAL C 330 33.01 -3.05 11.22
CA VAL C 330 32.86 -3.73 9.95
C VAL C 330 32.62 -5.21 10.21
N ASP C 331 31.53 -5.72 9.62
CA ASP C 331 31.19 -7.15 9.62
C ASP C 331 31.79 -7.77 8.36
N LEU C 332 32.71 -8.71 8.56
CA LEU C 332 33.50 -9.30 7.48
C LEU C 332 33.01 -10.66 7.00
N ARG C 333 31.94 -11.18 7.60
CA ARG C 333 31.45 -12.52 7.29
C ARG C 333 31.25 -12.81 5.80
N LYS C 334 30.77 -11.83 5.05
CA LYS C 334 30.53 -12.01 3.60
C LYS C 334 31.83 -12.31 2.84
N PHE C 335 32.97 -12.01 3.46
CA PHE C 335 34.28 -12.23 2.86
C PHE C 335 34.93 -13.52 3.34
N SER C 336 34.33 -14.16 4.34
CA SER C 336 34.88 -15.34 5.00
C SER C 336 36.31 -15.13 5.56
N ILE C 337 36.60 -13.92 6.07
CA ILE C 337 37.85 -13.65 6.77
C ILE C 337 37.60 -13.20 8.22
N THR C 338 38.64 -13.23 9.04
CA THR C 338 38.56 -12.82 10.45
C THR C 338 39.09 -11.39 10.62
N GLY C 339 38.70 -10.76 11.74
CA GLY C 339 39.29 -9.47 12.12
C GLY C 339 40.78 -9.59 12.38
N SER C 340 41.20 -10.69 13.00
CA SER C 340 42.61 -10.98 13.29
C SER C 340 43.50 -10.96 12.04
N LYS C 341 43.04 -11.59 10.96
CA LYS C 341 43.78 -11.57 9.69
C LYS C 341 43.80 -10.17 9.05
N LEU C 342 42.68 -9.45 9.15
CA LEU C 342 42.60 -8.08 8.64
C LEU C 342 43.45 -7.12 9.44
N GLN C 343 43.59 -7.38 10.75
CA GLN C 343 44.48 -6.61 11.63
C GLN C 343 45.96 -6.75 11.21
N GLU C 344 46.38 -7.98 10.89
CA GLU C 344 47.77 -8.23 10.48
C GLU C 344 48.08 -7.53 9.15
N THR C 345 47.16 -7.67 8.19
CA THR C 345 47.28 -7.06 6.86
C THR C 345 47.38 -5.54 6.94
N CYS C 346 46.52 -4.93 7.76
CA CYS C 346 46.47 -3.49 7.91
C CYS C 346 47.73 -2.94 8.59
N ASN C 347 48.23 -3.68 9.58
CA ASN C 347 49.51 -3.34 10.17
C ASN C 347 50.65 -3.40 9.13
N ALA C 348 50.59 -4.37 8.23
CA ALA C 348 51.58 -4.50 7.15
C ALA C 348 51.55 -3.30 6.19
N ILE C 349 50.40 -2.63 6.10
CA ILE C 349 50.25 -1.44 5.23
C ILE C 349 50.24 -0.12 5.99
N ASN C 350 50.61 -0.13 7.26
CA ASN C 350 50.50 1.04 8.17
C ASN C 350 49.07 1.55 8.38
N VAL C 351 48.14 0.62 8.59
CA VAL C 351 46.77 0.98 8.95
C VAL C 351 46.53 0.39 10.33
N SER C 352 46.39 1.28 11.29
CA SER C 352 46.19 0.87 12.66
C SER C 352 44.71 0.71 12.92
N LEU C 353 44.33 -0.50 13.31
CA LEU C 353 42.98 -0.82 13.71
C LEU C 353 43.03 -2.04 14.61
N ASN C 354 41.88 -2.39 15.19
CA ASN C 354 41.78 -3.59 15.99
C ASN C 354 40.67 -4.50 15.49
N LYS C 355 40.86 -5.79 15.70
CA LYS C 355 39.81 -6.76 15.52
C LYS C 355 38.74 -6.52 16.57
N ASN C 356 37.49 -6.81 16.21
CA ASN C 356 36.35 -6.64 17.09
C ASN C 356 35.32 -7.74 16.86
N THR C 357 34.60 -8.09 17.92
CA THR C 357 33.49 -9.04 17.83
C THR C 357 32.27 -8.42 17.16
N ILE C 358 31.38 -9.28 16.67
CA ILE C 358 30.08 -8.87 16.17
C ILE C 358 29.00 -9.66 16.95
N PRO C 359 27.74 -9.14 17.00
CA PRO C 359 26.61 -9.82 17.62
C PRO C 359 26.59 -11.36 17.49
N SER C 360 26.70 -11.88 16.27
CA SER C 360 26.67 -13.32 16.05
C SER C 360 27.92 -14.11 16.51
N ASP C 361 29.04 -13.41 16.80
CA ASP C 361 30.31 -14.03 17.21
C ASP C 361 30.20 -14.75 18.55
N VAL C 362 30.86 -15.90 18.63
CA VAL C 362 30.90 -16.72 19.87
C VAL C 362 32.37 -16.92 20.30
N ASP C 363 33.30 -16.37 19.53
CA ASP C 363 34.74 -16.60 19.70
C ASP C 363 35.46 -15.26 19.90
N CYS C 364 36.00 -15.07 21.09
CA CYS C 364 36.73 -13.83 21.43
C CYS C 364 38.11 -13.75 20.77
N VAL C 365 38.70 -14.91 20.49
CA VAL C 365 40.07 -15.02 19.96
C VAL C 365 40.15 -14.72 18.45
N SER C 366 39.20 -15.23 17.68
CA SER C 366 39.06 -14.93 16.23
C SER C 366 37.67 -14.35 15.90
N PRO C 367 37.54 -13.01 15.95
CA PRO C 367 36.23 -12.38 15.71
C PRO C 367 35.93 -12.14 14.22
N SER C 368 34.69 -11.77 13.94
CA SER C 368 34.24 -11.55 12.57
C SER C 368 34.28 -10.10 12.09
N GLY C 369 34.87 -9.23 12.91
CA GLY C 369 34.96 -7.82 12.56
C GLY C 369 36.22 -7.06 12.89
N VAL C 370 36.26 -5.83 12.40
CA VAL C 370 37.25 -4.86 12.84
C VAL C 370 36.50 -3.62 13.32
N ARG C 371 37.01 -2.95 14.35
CA ARG C 371 36.47 -1.65 14.72
C ARG C 371 37.39 -0.55 14.19
N ILE C 372 36.78 0.49 13.64
CA ILE C 372 37.51 1.66 13.18
C ILE C 372 36.92 2.94 13.79
N GLY C 373 37.74 3.97 13.85
CA GLY C 373 37.34 5.24 14.41
C GLY C 373 38.05 6.41 13.78
N THR C 374 37.36 7.55 13.74
CA THR C 374 37.91 8.73 13.08
C THR C 374 38.66 9.79 13.91
N PRO C 375 38.59 9.76 15.27
CA PRO C 375 39.21 10.87 16.05
C PRO C 375 40.67 11.20 15.70
N ALA C 376 41.50 10.18 15.51
CA ALA C 376 42.92 10.38 15.27
C ALA C 376 43.17 11.11 13.94
N MET C 377 42.56 10.59 12.86
CA MET C 377 42.75 11.13 11.52
C MET C 377 42.12 12.51 11.35
N THR C 378 41.00 12.72 12.05
CA THR C 378 40.35 14.02 12.12
C THR C 378 41.30 15.04 12.75
N THR C 379 41.95 14.63 13.84
CA THR C 379 42.97 15.45 14.52
C THR C 379 44.06 15.83 13.51
N ARG C 380 44.39 14.88 12.62
CA ARG C 380 45.41 15.09 11.62
C ARG C 380 44.95 15.89 10.38
N GLY C 381 43.76 16.48 10.45
CA GLY C 381 43.28 17.41 9.42
C GLY C 381 42.58 16.80 8.22
N ALA C 382 42.15 15.55 8.35
CA ALA C 382 41.43 14.86 7.29
C ALA C 382 39.94 15.23 7.32
N LYS C 383 39.38 15.40 6.12
CA LYS C 383 37.99 15.82 5.96
C LYS C 383 37.19 14.72 5.23
N GLU C 384 35.89 14.97 5.01
CA GLU C 384 34.99 14.02 4.34
C GLU C 384 35.51 13.41 3.02
N LYS C 385 36.05 14.27 2.17
CA LYS C 385 36.73 13.90 0.92
C LYS C 385 37.77 12.80 1.11
N ASP C 386 38.57 12.92 2.18
CA ASP C 386 39.65 11.98 2.49
C ASP C 386 39.16 10.60 2.92
N MET C 387 37.89 10.51 3.28
CA MET C 387 37.30 9.27 3.81
C MET C 387 37.14 8.19 2.76
N GLU C 388 36.89 8.59 1.51
CA GLU C 388 36.78 7.67 0.37
C GLU C 388 38.09 6.90 0.17
N PHE C 389 39.20 7.61 0.29
CA PHE C 389 40.53 7.03 0.24
C PHE C 389 40.75 5.96 1.33
N ILE C 390 40.41 6.28 2.58
CA ILE C 390 40.55 5.31 3.70
C ILE C 390 39.71 4.05 3.44
N ALA C 391 38.46 4.30 3.03
CA ALA C 391 37.53 3.26 2.62
C ALA C 391 38.10 2.41 1.48
N ASP C 392 38.72 3.07 0.48
CA ASP C 392 39.36 2.39 -0.65
C ASP C 392 40.53 1.51 -0.16
N VAL C 393 41.39 2.08 0.70
CA VAL C 393 42.48 1.36 1.35
C VAL C 393 41.98 0.12 2.11
N LEU C 394 40.93 0.28 2.92
CA LEU C 394 40.38 -0.86 3.68
C LEU C 394 39.80 -1.94 2.79
N ALA C 395 39.11 -1.50 1.72
CA ALA C 395 38.56 -2.40 0.72
C ALA C 395 39.66 -3.25 0.07
N ARG C 396 40.75 -2.59 -0.32
CA ARG C 396 41.89 -3.24 -0.93
C ARG C 396 42.57 -4.22 0.05
N ALA C 397 42.61 -3.84 1.32
CA ALA C 397 43.15 -4.71 2.37
C ALA C 397 42.30 -5.94 2.53
N ILE C 398 40.98 -5.77 2.50
CA ILE C 398 40.07 -6.90 2.57
C ILE C 398 40.31 -7.86 1.39
N LYS C 399 40.39 -7.30 0.18
CA LYS C 399 40.68 -8.08 -1.01
C LYS C 399 41.98 -8.88 -0.87
N ILE C 400 43.10 -8.17 -0.64
CA ILE C 400 44.40 -8.80 -0.39
C ILE C 400 44.34 -9.91 0.67
N THR C 401 43.56 -9.67 1.72
CA THR C 401 43.40 -10.64 2.81
C THR C 401 42.72 -11.91 2.32
N VAL C 402 41.72 -11.76 1.47
CA VAL C 402 40.97 -12.89 0.89
C VAL C 402 41.91 -13.75 0.02
N ASP C 403 42.67 -13.08 -0.84
CA ASP C 403 43.67 -13.72 -1.72
C ASP C 403 44.67 -14.52 -0.90
N LEU C 404 45.31 -13.86 0.07
CA LEU C 404 46.34 -14.47 0.91
C LEU C 404 45.82 -15.67 1.69
N GLN C 405 44.57 -15.60 2.14
CA GLN C 405 43.92 -16.73 2.81
C GLN C 405 43.74 -17.90 1.83
N GLU C 406 43.39 -17.60 0.58
CA GLU C 406 43.25 -18.61 -0.47
C GLU C 406 44.59 -19.32 -0.73
N GLN C 407 45.65 -18.54 -0.96
CA GLN C 407 47.00 -19.06 -1.19
C GLN C 407 47.61 -19.82 -0.01
N TYR C 408 47.50 -19.27 1.21
CA TYR C 408 48.19 -19.82 2.37
C TYR C 408 47.32 -20.57 3.40
N GLY C 409 46.00 -20.47 3.28
CA GLY C 409 45.07 -21.16 4.20
C GLY C 409 44.50 -20.34 5.35
N LYS C 410 43.63 -20.98 6.13
CA LYS C 410 42.83 -20.33 7.17
C LYS C 410 43.55 -20.18 8.53
N LYS C 411 44.73 -20.79 8.65
CA LYS C 411 45.50 -20.76 9.89
C LYS C 411 46.26 -19.44 9.98
N LEU C 412 46.20 -18.79 11.15
CA LEU C 412 46.77 -17.44 11.30
C LEU C 412 48.29 -17.40 11.07
N VAL C 413 48.99 -18.41 11.60
CA VAL C 413 50.44 -18.58 11.37
C VAL C 413 50.77 -18.76 9.88
N ASP C 414 50.02 -19.64 9.22
CA ASP C 414 50.16 -19.86 7.78
C ASP C 414 49.91 -18.57 7.02
N PHE C 415 48.80 -17.90 7.35
CA PHE C 415 48.39 -16.66 6.70
C PHE C 415 49.47 -15.56 6.78
N LYS C 416 50.13 -15.44 7.93
CA LYS C 416 51.15 -14.41 8.13
C LYS C 416 52.35 -14.57 7.18
N LYS C 417 52.60 -15.80 6.73
CA LYS C 417 53.73 -16.14 5.87
C LYS C 417 53.62 -15.37 4.54
N GLY C 418 52.39 -15.10 4.12
CA GLY C 418 52.10 -14.33 2.92
C GLY C 418 52.33 -12.82 2.94
N LEU C 419 52.41 -12.23 4.13
CA LEU C 419 52.49 -10.77 4.25
C LEU C 419 53.83 -10.14 3.80
N PRO C 420 54.98 -10.66 4.30
CA PRO C 420 56.22 -9.99 3.87
C PRO C 420 56.56 -10.17 2.38
N GLY C 421 57.05 -9.09 1.77
CA GLY C 421 57.46 -9.10 0.38
C GLY C 421 56.38 -9.03 -0.70
N ASN C 422 55.11 -9.22 -0.32
CA ASN C 422 53.96 -9.11 -1.23
C ASN C 422 53.94 -7.75 -1.94
N ALA C 423 53.87 -7.81 -3.27
CA ALA C 423 53.97 -6.62 -4.13
C ALA C 423 52.81 -5.62 -3.96
N GLN C 424 51.58 -6.15 -3.86
CA GLN C 424 50.39 -5.32 -3.62
C GLN C 424 50.46 -4.58 -2.30
N LEU C 425 50.88 -5.30 -1.25
CA LEU C 425 51.02 -4.73 0.07
C LEU C 425 52.07 -3.62 0.13
N GLN C 426 53.20 -3.82 -0.55
CA GLN C 426 54.26 -2.81 -0.62
C GLN C 426 53.74 -1.56 -1.32
N GLN C 427 53.01 -1.77 -2.41
CA GLN C 427 52.36 -0.69 -3.15
C GLN C 427 51.38 0.09 -2.26
N LEU C 428 50.57 -0.65 -1.50
CA LEU C 428 49.54 -0.05 -0.65
C LEU C 428 50.13 0.69 0.56
N LYS C 429 51.07 0.08 1.27
CA LYS C 429 51.83 0.72 2.35
C LYS C 429 52.44 2.04 1.90
N GLN C 430 53.10 2.00 0.73
CA GLN C 430 53.68 3.19 0.11
C GLN C 430 52.65 4.27 -0.11
N GLU C 431 51.52 3.89 -0.70
CA GLU C 431 50.37 4.78 -0.88
C GLU C 431 49.91 5.34 0.48
N VAL C 432 49.90 4.51 1.52
CA VAL C 432 49.50 4.93 2.86
C VAL C 432 50.50 5.92 3.49
N VAL C 433 51.78 5.52 3.50
CA VAL C 433 52.87 6.30 4.06
C VAL C 433 52.91 7.67 3.39
N THR C 434 52.80 7.70 2.05
CA THR C 434 52.90 8.95 1.29
C THR C 434 51.88 9.95 1.80
N TRP C 435 50.62 9.53 1.88
CA TRP C 435 49.55 10.44 2.29
C TRP C 435 49.59 10.76 3.77
N ALA C 436 49.78 9.74 4.62
CA ALA C 436 49.86 9.91 6.08
C ALA C 436 51.02 10.80 6.51
N GLY C 437 52.19 10.58 5.89
CA GLY C 437 53.42 11.35 6.18
C GLY C 437 53.30 12.84 5.94
N ALA C 438 52.40 13.23 5.03
CA ALA C 438 52.13 14.64 4.67
C ALA C 438 51.26 15.41 5.67
N LEU C 439 50.41 14.69 6.40
CA LEU C 439 49.38 15.30 7.27
C LEU C 439 49.95 16.01 8.49
N PRO C 440 49.26 17.08 8.98
CA PRO C 440 49.71 17.71 10.23
C PRO C 440 49.79 16.74 11.41
N PHE C 441 50.92 16.81 12.12
CA PHE C 441 51.27 15.86 13.17
C PHE C 441 51.65 16.64 14.41
N PRO C 442 50.79 16.64 15.44
CA PRO C 442 51.15 17.36 16.67
C PRO C 442 52.32 16.72 17.38
#